data_9EF9
#
_entry.id   9EF9
#
_cell.length_a   1.00
_cell.length_b   1.00
_cell.length_c   1.00
_cell.angle_alpha   90.00
_cell.angle_beta   90.00
_cell.angle_gamma   90.00
#
_symmetry.space_group_name_H-M   'P 1'
#
loop_
_entity.id
_entity.type
_entity.pdbx_description
1 polymer 'Insulin-like receptor'
2 polymer 'DILP5 A-chain'
3 polymer 'DILP5 B-chain'
4 non-polymer 2-acetamido-2-deoxy-beta-D-glucopyranose
#
loop_
_entity_poly.entity_id
_entity_poly.type
_entity_poly.pdbx_seq_one_letter_code
_entity_poly.pdbx_strand_id
1 'polypeptide(L)'
;MFNMPRGVTKSKSKRGKIKMENDMAAAATTTACTLGHICVLCRQEMLLDTCCCRQAVEAVDSPASSEEAYSSSNSSSCQA
SSEISAEEVWFLSHDDIVLCRRPKFDEVETTGKKRDVKCSGHQCSNECDDGSTKNNRQQRENFNIFSNCHNILRTLQSLL
LLMFNCGIFNKRRRRQHQQQHHHHYQHHHQQHHQQHHQRQQANVSYTKFLLLLQTLAAATTRLSLSPKNYKQQQQLQHNQ
QLPRATPQQKQQEKDRHKCFHYKHNYSYSPGISLLLFILLANTLAIQAVVLPAHQQHLLHNDIADGLDKTALSVSGTQSR
WTRSESNPTMRLSQNVKPCKSMDIRNMVSHFNQLENCTVIEGFLLIDLINDASPLNRSFPKLTEVTDYIIIYRVTGLHSL
SKIFPNLSVIRGNKLFDGYALVVYSNFDLMDLGLHKLRSITRGGVRIEKNHKLCYDRTIDWLEILAENETQLVVLTENGK
EKECRLSKCPGEIRIEEGHDTTAIEGELNASCQLHNNRRLCWNSKLCQTKCPEKCRNNCIDEHTCCSQDCLGGCVIDKNG
NESCISCRNVSFNNICMDSCPKGYYQFDSRCVTANECITLTKFETNSVYSGIPYNGQCITHCPTGYQKSENKRMCEPCPG
GKCDKECSSGLIDSLERAREFHGCTIITGTEPLTISIKRESGAHVMDELKYGLAAVHKIQSSLMVHLTYGLKSLKFFQSL
TEISGDPPMDADKYALYVLDNRDLDELWGPNQTVFIRKGGVFFHFNPKLCVSTINQLLPMLASKPKFFEKSDVGADSNGN
RGSCGTAVLNVTLQSVGANSAMLNVTTKVEIGEPQKPSNATIVFKDPRAFIGFVFYHMIDPYGNSTKSSDDPCDDRWKVS
SPEKSGVMVLSNLIPYTNYSYYVRTMAISSELTNAESDVKNFRTNPGRPSKVTEVVATAISDSKINVTWSYLDKPYGVLT
RYFIKAKLINRPTRNNNRDYCTEPLVKAMENDLPATTPTKKISDPLAGDCKCVEGSKKTSSQEYDDRKVQAGMEFENALQ
NFIFVPNIRKSKNGSSDKSDGAEGAALDSNAIPNGGATNPSRRRRDVALEPELDDVEGSVLLRHVRSITDDTDAFFEKDD
ENTYKDEEDLSSNKQFYEVFAKELPPNQTHFVFEKLRHFTRYAIFVVACREEIPSEKLRDTSFKKSLCSDYDTVFQTTKR
KKFADIVMDLKVDLEHANNTESPVRVRWTPPVDPNGEIVTYEVAYKLQKPDQVEEKKCIPAADFNQTAGYLIKLNEGLYS
FRVRANSIAGYGDFTEVEHIKVEPPPSYAKVFFWLLGIGLAFLIVSLFGYVCYLHKRKVPSNDLHMNTEVNPFYASMQYI
PDDWEVLRENIIQLAPLGQGSFGMVYEGILKSFPPNGVDRECAIKTVNENATDRERTNFLSEASVMKEFDTYHVVRLLGV
CSRGQPALVVMELMKKGDLKSYLRAHRPEERDEAMMTYLNRIGVTGNVQPPTYGRIYQMAIEIADGMAYLAAKKFVHRDL
AARNCMVADDLTVKIGDFGMTRDIYETDYYRKGTKGLLPVRWMPPESLRDGVYSSASDVFSFGVVLWEMATLAAQPYQGL
SNEQVLRYVIDGGVMERPENCPDFLHKLMQRCWHHRSSARPSFLDIIAYLEPQCPNSQFKEVSFYHSEAGLQHREKERKE
RNQLDAFAAVPLDQDLQDREQQEDATTPLRMGDYQQNSSLDQPPESPIAMVDDQGSHLPFSLPSGFIASSTPDGQTVMAT
AFQNIPAAQGDISATYVVPDADALDGDRGYEIYDPSPKCAELPTSRSGSTGGGKLSGEQHLLPRKGRQPTIMSSSMPDDV
IGGSSLQPSTASAGSSNASSHTGRPSLKKTVADSVRNKANFINRHLFNHKRTGSNASHKSNASNAPSTSSNTNLTSHPVA
MGNLGTIESGGSGSAGSYTGTPRFYTPSATPGGGSGMAISDNPNYRLLDESIASEQATILTTSSPNPNYEMMHPPTSLVS
TNPNYMPMNETPVQMAGVTISHNPNYQPMQAPLNARQSQSSSDEDNEQEEDDEDEDDDVDDEHVEHIKMERMPLSRPRQR
ALPSKTQPPRSRSVSQTRKSPTNPNSGIGATGAGNRSNLLKENWLRPASTPRPPPPNGFIGREA
;
A,B
2 'polypeptide(L)' DFRGVVDSCCRNSCSFSTLRAYCDS C,E,G
3 'polypeptide(L)' NSLRACGPALMDMLRVACPNGFNSMFAK D,F,H
#
loop_
_chem_comp.id
_chem_comp.type
_chem_comp.name
_chem_comp.formula
NAG D-saccharide, beta linking 2-acetamido-2-deoxy-beta-D-glucopyranose 'C8 H15 N O6'
#
# COMPACT_ATOMS: atom_id res chain seq x y z
N PRO A 328 -35.41 11.90 54.76
CA PRO A 328 -36.70 12.55 55.07
C PRO A 328 -36.61 14.07 55.02
N THR A 329 -35.98 14.65 56.04
CA THR A 329 -35.78 16.10 56.12
C THR A 329 -34.37 16.37 56.60
N MET A 330 -33.74 17.40 56.05
CA MET A 330 -32.32 17.62 56.28
C MET A 330 -31.99 19.09 56.09
N ARG A 331 -31.32 19.68 57.07
CA ARG A 331 -30.84 21.05 56.95
C ARG A 331 -29.60 21.09 56.06
N LEU A 332 -29.36 22.25 55.46
CA LEU A 332 -28.14 22.46 54.70
C LEU A 332 -27.13 23.24 55.53
N SER A 333 -25.88 23.20 55.11
CA SER A 333 -24.82 23.84 55.87
C SER A 333 -24.90 25.34 55.75
N GLN A 334 -25.03 26.02 56.88
CA GLN A 334 -25.02 27.48 56.93
C GLN A 334 -26.27 28.07 56.29
N ASN A 335 -26.76 29.18 56.82
CA ASN A 335 -27.87 29.89 56.21
C ASN A 335 -27.39 30.58 54.93
N VAL A 336 -28.17 30.45 53.86
CA VAL A 336 -27.72 30.95 52.56
C VAL A 336 -27.96 32.44 52.47
N LYS A 337 -26.94 33.16 51.96
CA LYS A 337 -27.08 34.57 51.63
C LYS A 337 -27.10 34.72 50.11
N PRO A 338 -28.27 34.60 49.47
CA PRO A 338 -28.32 34.68 48.02
C PRO A 338 -28.12 36.10 47.51
N CYS A 339 -27.51 36.20 46.34
CA CYS A 339 -27.36 37.47 45.66
C CYS A 339 -27.42 37.25 44.16
N LYS A 340 -27.92 38.26 43.45
CA LYS A 340 -28.26 38.12 42.05
C LYS A 340 -27.01 37.91 41.19
N SER A 341 -27.24 37.82 39.89
CA SER A 341 -26.15 37.57 38.95
C SER A 341 -25.08 38.64 39.09
N MET A 342 -23.81 38.21 39.05
CA MET A 342 -22.69 39.08 39.37
C MET A 342 -21.66 39.03 38.24
N ASP A 343 -21.02 40.16 37.99
CA ASP A 343 -20.00 40.28 36.96
C ASP A 343 -18.85 41.12 37.48
N ILE A 344 -17.64 40.56 37.48
CA ILE A 344 -16.44 41.22 37.96
C ILE A 344 -15.69 41.75 36.74
N ARG A 345 -15.42 43.04 36.72
CA ARG A 345 -15.00 43.71 35.49
C ARG A 345 -13.86 44.68 35.74
N ASN A 346 -12.84 44.59 34.87
CA ASN A 346 -11.87 45.64 34.62
C ASN A 346 -10.81 45.85 35.70
N MET A 347 -10.97 45.25 36.88
CA MET A 347 -9.95 45.36 37.91
C MET A 347 -10.40 44.64 39.18
N VAL A 348 -9.44 44.42 40.08
CA VAL A 348 -9.59 43.41 41.13
C VAL A 348 -10.67 43.79 42.14
N SER A 349 -10.66 45.03 42.64
CA SER A 349 -11.46 45.35 43.81
C SER A 349 -12.94 45.08 43.60
N HIS A 350 -13.39 44.87 42.36
CA HIS A 350 -14.79 44.53 42.14
C HIS A 350 -15.14 43.17 42.69
N PHE A 351 -14.14 42.35 43.02
CA PHE A 351 -14.42 41.06 43.64
C PHE A 351 -15.17 41.21 44.94
N ASN A 352 -15.09 42.39 45.58
CA ASN A 352 -15.82 42.60 46.83
C ASN A 352 -17.31 42.39 46.65
N GLN A 353 -17.84 42.65 45.44
CA GLN A 353 -19.25 42.41 45.20
C GLN A 353 -19.61 40.96 45.42
N LEU A 354 -18.65 40.05 45.29
CA LEU A 354 -18.91 38.63 45.46
C LEU A 354 -18.64 38.16 46.89
N GLU A 355 -18.25 39.07 47.80
CA GLU A 355 -17.82 38.65 49.11
C GLU A 355 -18.97 38.02 49.89
N ASN A 356 -18.67 36.86 50.48
CA ASN A 356 -19.62 36.08 51.29
C ASN A 356 -21.04 36.14 50.72
N CYS A 357 -21.17 35.82 49.44
CA CYS A 357 -22.44 35.34 48.89
C CYS A 357 -22.45 33.82 48.92
N THR A 358 -23.41 33.23 49.62
CA THR A 358 -23.47 31.79 49.72
C THR A 358 -23.79 31.16 48.37
N VAL A 359 -24.82 31.67 47.68
CA VAL A 359 -25.28 31.12 46.41
C VAL A 359 -25.53 32.26 45.45
N ILE A 360 -25.27 32.03 44.17
CA ILE A 360 -25.49 33.00 43.11
C ILE A 360 -26.78 32.63 42.41
N GLU A 361 -27.78 33.52 42.50
CA GLU A 361 -29.10 33.26 41.93
C GLU A 361 -29.08 33.28 40.40
N GLY A 362 -28.02 33.78 39.78
CA GLY A 362 -27.95 33.83 38.34
C GLY A 362 -26.59 33.38 37.83
N PHE A 363 -26.09 34.02 36.79
CA PHE A 363 -24.79 33.67 36.27
C PHE A 363 -23.71 34.53 36.89
N LEU A 364 -22.53 33.94 37.05
CA LEU A 364 -21.36 34.63 37.56
C LEU A 364 -20.28 34.61 36.50
N LEU A 365 -19.76 35.78 36.17
CA LEU A 365 -18.74 35.89 35.13
C LEU A 365 -17.62 36.81 35.61
N ILE A 366 -16.40 36.43 35.26
CA ILE A 366 -15.22 37.25 35.49
C ILE A 366 -14.54 37.44 34.15
N ASP A 367 -14.28 38.70 33.78
CA ASP A 367 -13.68 38.95 32.48
C ASP A 367 -12.89 40.24 32.51
N LEU A 368 -11.91 40.32 31.61
CA LEU A 368 -11.23 41.57 31.31
C LEU A 368 -10.61 42.19 32.55
N ILE A 369 -9.99 41.37 33.39
CA ILE A 369 -9.13 41.90 34.46
C ILE A 369 -7.70 41.91 33.93
N ASN A 370 -7.18 43.10 33.65
CA ASN A 370 -5.86 43.20 33.03
C ASN A 370 -4.78 42.58 33.91
N ASP A 371 -4.95 42.62 35.22
CA ASP A 371 -3.97 42.04 36.14
C ASP A 371 -4.70 41.58 37.40
N ALA A 372 -4.89 40.27 37.53
CA ALA A 372 -5.62 39.70 38.66
C ALA A 372 -4.71 39.25 39.79
N SER A 373 -3.39 39.38 39.64
CA SER A 373 -2.46 38.92 40.66
C SER A 373 -2.73 39.57 42.02
N PRO A 374 -3.14 40.85 42.09
CA PRO A 374 -3.32 41.48 43.40
C PRO A 374 -4.48 40.92 44.21
N LEU A 375 -5.13 39.86 43.71
CA LEU A 375 -6.28 39.30 44.40
C LEU A 375 -5.89 38.77 45.77
N ASN A 376 -6.84 38.81 46.70
CA ASN A 376 -6.71 38.15 47.99
C ASN A 376 -8.10 37.76 48.46
N ARG A 377 -8.17 37.15 49.64
CA ARG A 377 -9.44 36.79 50.25
C ARG A 377 -10.27 35.89 49.36
N SER A 378 -9.80 34.67 49.11
CA SER A 378 -10.64 33.70 48.43
C SER A 378 -11.97 33.56 49.16
N PHE A 379 -12.99 33.10 48.44
CA PHE A 379 -14.36 33.14 48.95
C PHE A 379 -14.90 31.73 49.18
N PRO A 380 -14.53 31.08 50.28
CA PRO A 380 -15.04 29.72 50.54
C PRO A 380 -16.54 29.68 50.81
N LYS A 381 -17.16 30.80 51.18
CA LYS A 381 -18.56 30.77 51.55
C LYS A 381 -19.46 30.51 50.35
N LEU A 382 -18.98 30.77 49.14
CA LEU A 382 -19.73 30.47 47.93
C LEU A 382 -19.64 28.99 47.62
N THR A 383 -20.78 28.37 47.29
CA THR A 383 -20.83 26.95 47.04
C THR A 383 -21.37 26.55 45.68
N GLU A 384 -22.41 27.22 45.17
CA GLU A 384 -23.00 26.82 43.91
C GLU A 384 -23.57 28.04 43.20
N VAL A 385 -23.71 27.91 41.89
CA VAL A 385 -24.25 28.97 41.04
C VAL A 385 -25.33 28.36 40.17
N THR A 386 -26.46 29.06 40.05
CA THR A 386 -27.61 28.47 39.37
C THR A 386 -27.37 28.32 37.87
N ASP A 387 -26.88 29.36 37.20
CA ASP A 387 -26.94 29.41 35.75
C ASP A 387 -25.63 28.91 35.15
N TYR A 388 -24.51 29.60 35.34
CA TYR A 388 -23.28 29.18 34.68
C TYR A 388 -22.12 30.07 35.10
N ILE A 389 -20.92 29.65 34.68
CA ILE A 389 -19.69 30.37 34.94
C ILE A 389 -18.96 30.58 33.63
N ILE A 390 -18.53 31.80 33.37
CA ILE A 390 -17.68 32.11 32.22
C ILE A 390 -16.52 32.96 32.68
N ILE A 391 -15.31 32.58 32.29
CA ILE A 391 -14.09 33.28 32.65
C ILE A 391 -13.41 33.64 31.34
N TYR A 392 -13.46 34.91 30.97
CA TYR A 392 -13.01 35.36 29.65
C TYR A 392 -11.95 36.42 29.81
N ARG A 393 -10.71 36.08 29.45
CA ARG A 393 -9.63 37.05 29.36
C ARG A 393 -9.36 37.73 30.69
N VAL A 394 -9.23 36.92 31.75
CA VAL A 394 -8.72 37.41 33.02
C VAL A 394 -7.24 37.08 33.10
N THR A 395 -6.41 38.10 33.22
CA THR A 395 -4.96 37.94 33.17
C THR A 395 -4.36 38.30 34.51
N GLY A 396 -3.29 37.59 34.86
CA GLY A 396 -2.70 37.71 36.18
C GLY A 396 -3.27 36.75 37.19
N LEU A 397 -4.04 35.76 36.76
CA LEU A 397 -4.63 34.77 37.64
C LEU A 397 -3.92 33.43 37.41
N HIS A 398 -3.46 32.80 38.49
CA HIS A 398 -2.72 31.56 38.36
C HIS A 398 -3.64 30.34 38.36
N SER A 399 -4.42 30.16 39.42
CA SER A 399 -5.31 29.02 39.51
C SER A 399 -6.70 29.49 39.89
N LEU A 400 -7.71 28.89 39.27
CA LEU A 400 -9.08 29.34 39.52
C LEU A 400 -9.51 29.05 40.95
N SER A 401 -8.92 28.03 41.59
CA SER A 401 -9.32 27.69 42.95
C SER A 401 -9.07 28.84 43.91
N LYS A 402 -8.21 29.79 43.54
CA LYS A 402 -7.96 30.95 44.40
C LYS A 402 -9.16 31.88 44.49
N ILE A 403 -10.19 31.67 43.67
CA ILE A 403 -11.41 32.46 43.73
C ILE A 403 -12.58 31.64 44.26
N PHE A 404 -12.66 30.37 43.88
CA PHE A 404 -13.76 29.50 44.29
C PHE A 404 -13.26 28.33 45.11
N PRO A 405 -12.94 28.53 46.39
CA PRO A 405 -12.45 27.41 47.20
C PRO A 405 -13.44 26.26 47.28
N ASN A 406 -14.73 26.54 47.41
CA ASN A 406 -15.71 25.53 47.76
C ASN A 406 -16.87 25.45 46.78
N LEU A 407 -16.65 25.87 45.53
CA LEU A 407 -17.69 25.67 44.52
C LEU A 407 -17.95 24.19 44.34
N SER A 408 -19.17 23.77 44.64
CA SER A 408 -19.50 22.34 44.69
C SER A 408 -20.34 21.87 43.52
N VAL A 409 -21.35 22.63 43.12
CA VAL A 409 -22.28 22.20 42.08
C VAL A 409 -22.66 23.40 41.23
N ILE A 410 -22.91 23.14 39.94
CA ILE A 410 -23.41 24.15 39.00
C ILE A 410 -24.72 23.63 38.46
N ARG A 411 -25.80 24.36 38.70
CA ARG A 411 -27.13 23.86 38.42
C ARG A 411 -27.55 24.03 36.96
N GLY A 412 -27.05 25.06 36.28
CA GLY A 412 -27.37 25.21 34.87
C GLY A 412 -28.86 25.30 34.59
N ASN A 413 -29.60 26.01 35.44
CA ASN A 413 -31.01 26.24 35.14
C ASN A 413 -31.14 26.95 33.80
N LYS A 414 -30.65 28.18 33.72
CA LYS A 414 -30.41 28.82 32.44
C LYS A 414 -28.98 28.55 32.01
N LEU A 415 -28.79 28.45 30.70
CA LEU A 415 -27.55 27.93 30.16
C LEU A 415 -27.05 28.85 29.06
N PHE A 416 -25.73 28.94 28.92
CA PHE A 416 -25.11 29.77 27.90
C PHE A 416 -24.70 28.88 26.72
N ASP A 417 -25.44 28.99 25.63
CA ASP A 417 -25.11 28.31 24.38
C ASP A 417 -24.80 26.84 24.69
N GLY A 418 -25.64 26.19 25.46
CA GLY A 418 -25.42 24.81 25.80
C GLY A 418 -24.28 24.56 26.77
N TYR A 419 -23.64 25.61 27.27
CA TYR A 419 -22.50 25.46 28.17
C TYR A 419 -22.82 26.00 29.55
N ALA A 420 -22.35 25.31 30.58
CA ALA A 420 -22.51 25.75 31.95
C ALA A 420 -21.24 26.33 32.54
N LEU A 421 -20.08 25.90 32.07
CA LEU A 421 -18.80 26.42 32.51
C LEU A 421 -17.96 26.79 31.30
N VAL A 422 -17.43 28.00 31.29
CA VAL A 422 -16.59 28.48 30.19
C VAL A 422 -15.35 29.12 30.78
N VAL A 423 -14.18 28.64 30.37
CA VAL A 423 -12.90 29.21 30.78
C VAL A 423 -12.11 29.40 29.49
N TYR A 424 -12.13 30.62 28.96
CA TYR A 424 -11.73 30.87 27.58
C TYR A 424 -10.68 31.95 27.51
N SER A 425 -9.71 31.77 26.61
CA SER A 425 -8.72 32.79 26.28
C SER A 425 -8.18 33.46 27.54
N ASN A 426 -7.46 32.69 28.34
CA ASN A 426 -6.85 33.21 29.55
C ASN A 426 -5.42 32.69 29.63
N PHE A 427 -4.46 33.62 29.68
CA PHE A 427 -3.06 33.25 29.48
C PHE A 427 -2.45 32.66 30.74
N ASP A 428 -2.76 33.23 31.91
CA ASP A 428 -2.03 32.92 33.13
C ASP A 428 -2.63 31.76 33.92
N LEU A 429 -3.75 31.20 33.49
CA LEU A 429 -4.40 30.13 34.24
C LEU A 429 -3.74 28.80 33.88
N MET A 430 -2.89 28.31 34.76
CA MET A 430 -2.21 27.04 34.56
C MET A 430 -2.68 25.94 35.50
N ASP A 431 -3.77 26.16 36.22
CA ASP A 431 -4.26 25.15 37.17
C ASP A 431 -5.74 25.42 37.40
N LEU A 432 -6.59 24.47 36.96
CA LEU A 432 -8.03 24.65 37.12
C LEU A 432 -8.45 24.64 38.59
N GLY A 433 -8.04 23.61 39.34
CA GLY A 433 -8.07 23.70 40.79
C GLY A 433 -9.40 23.45 41.47
N LEU A 434 -10.47 23.23 40.71
CA LEU A 434 -11.78 23.04 41.32
C LEU A 434 -11.88 21.65 41.94
N HIS A 435 -11.27 21.48 43.10
CA HIS A 435 -11.28 20.17 43.75
C HIS A 435 -12.62 19.88 44.42
N LYS A 436 -13.29 20.92 44.93
CA LYS A 436 -14.57 20.73 45.60
C LYS A 436 -15.72 20.46 44.64
N LEU A 437 -15.58 20.83 43.37
CA LEU A 437 -16.68 20.67 42.42
C LEU A 437 -17.04 19.19 42.30
N ARG A 438 -18.34 18.89 42.32
CA ARG A 438 -18.82 17.52 42.21
C ARG A 438 -19.75 17.30 41.03
N SER A 439 -20.76 18.14 40.86
CA SER A 439 -21.79 17.90 39.85
C SER A 439 -22.06 19.17 39.06
N ILE A 440 -22.18 19.00 37.75
CA ILE A 440 -22.73 20.03 36.87
C ILE A 440 -24.01 19.48 36.29
N THR A 441 -25.14 20.08 36.67
CA THR A 441 -26.43 19.46 36.43
C THR A 441 -26.85 19.44 34.97
N ARG A 442 -26.53 20.47 34.19
CA ARG A 442 -27.01 20.57 32.82
C ARG A 442 -25.88 21.07 31.93
N GLY A 443 -26.05 20.83 30.64
CA GLY A 443 -25.09 21.33 29.68
C GLY A 443 -23.72 20.74 29.90
N GLY A 444 -22.69 21.50 29.57
CA GLY A 444 -21.33 21.04 29.71
C GLY A 444 -20.33 22.16 29.90
N VAL A 445 -19.07 21.88 29.61
CA VAL A 445 -17.97 22.79 29.89
C VAL A 445 -17.13 22.95 28.65
N ARG A 446 -16.72 24.18 28.37
CA ARG A 446 -15.74 24.48 27.33
C ARG A 446 -14.51 25.09 27.98
N ILE A 447 -13.34 24.53 27.68
CA ILE A 447 -12.07 25.05 28.18
C ILE A 447 -11.17 25.16 26.95
N GLU A 448 -11.04 26.36 26.41
CA GLU A 448 -10.43 26.55 25.10
C GLU A 448 -9.46 27.71 25.12
N LYS A 449 -8.42 27.62 24.30
CA LYS A 449 -7.44 28.69 24.12
C LYS A 449 -6.88 29.18 25.44
N ASN A 450 -6.53 28.26 26.34
CA ASN A 450 -5.86 28.62 27.59
C ASN A 450 -4.51 27.93 27.57
N HIS A 451 -3.51 28.66 27.06
CA HIS A 451 -2.24 28.02 26.68
C HIS A 451 -1.57 27.34 27.86
N LYS A 452 -1.43 28.06 28.98
CA LYS A 452 -0.71 27.52 30.13
C LYS A 452 -1.53 26.53 30.93
N LEU A 453 -2.81 26.34 30.60
CA LEU A 453 -3.71 25.49 31.39
C LEU A 453 -3.39 24.03 31.11
N CYS A 454 -2.32 23.56 31.76
CA CYS A 454 -2.02 22.14 31.77
C CYS A 454 -3.04 21.41 32.63
N TYR A 455 -3.05 20.09 32.52
CA TYR A 455 -3.95 19.23 33.30
C TYR A 455 -5.40 19.50 32.96
N ASP A 456 -5.67 19.95 31.74
CA ASP A 456 -7.05 20.17 31.32
C ASP A 456 -7.77 18.86 31.07
N ARG A 457 -7.09 17.90 30.43
CA ARG A 457 -7.68 16.63 30.07
C ARG A 457 -7.51 15.57 31.16
N THR A 458 -6.97 15.93 32.31
CA THR A 458 -6.69 14.97 33.37
C THR A 458 -7.84 14.92 34.36
N ILE A 459 -9.06 15.14 33.89
CA ILE A 459 -10.25 15.03 34.73
C ILE A 459 -11.31 14.26 33.97
N ASP A 460 -12.00 13.37 34.67
CA ASP A 460 -13.11 12.62 34.08
C ASP A 460 -14.37 13.45 34.21
N TRP A 461 -14.53 14.40 33.28
CA TRP A 461 -15.70 15.27 33.30
C TRP A 461 -16.99 14.46 33.25
N LEU A 462 -16.96 13.29 32.60
CA LEU A 462 -18.17 12.53 32.38
C LEU A 462 -18.80 12.04 33.68
N GLU A 463 -18.01 11.90 34.74
CA GLU A 463 -18.58 11.62 36.05
C GLU A 463 -19.19 12.87 36.67
N ILE A 464 -18.61 14.04 36.41
CA ILE A 464 -19.16 15.28 36.95
C ILE A 464 -20.47 15.62 36.27
N LEU A 465 -20.53 15.46 34.95
CA LEU A 465 -21.67 15.92 34.19
C LEU A 465 -22.88 15.01 34.38
N ALA A 466 -24.02 15.46 33.86
CA ALA A 466 -25.21 14.62 33.87
C ALA A 466 -25.01 13.44 32.93
N GLU A 467 -25.32 12.24 33.42
CA GLU A 467 -25.03 11.02 32.68
C GLU A 467 -25.80 10.93 31.37
N ASN A 468 -27.06 11.36 31.34
CA ASN A 468 -27.91 11.13 30.19
C ASN A 468 -27.31 11.63 28.89
N GLU A 469 -26.63 12.79 28.91
CA GLU A 469 -25.97 13.29 27.70
C GLU A 469 -24.74 14.09 28.15
N THR A 470 -23.59 13.44 28.08
CA THR A 470 -22.33 14.04 28.51
C THR A 470 -21.52 14.59 27.34
N GLN A 471 -22.10 14.68 26.15
CA GLN A 471 -21.31 14.99 24.95
C GLN A 471 -20.62 16.34 25.06
N LEU A 472 -21.17 17.28 25.84
CA LEU A 472 -20.72 18.66 25.81
C LEU A 472 -19.48 18.83 26.69
N VAL A 473 -18.34 18.48 26.11
CA VAL A 473 -17.03 18.79 26.68
C VAL A 473 -16.10 19.17 25.54
N VAL A 474 -15.30 20.22 25.75
CA VAL A 474 -14.39 20.70 24.74
C VAL A 474 -13.15 21.22 25.43
N LEU A 475 -12.01 20.55 25.21
CA LEU A 475 -10.73 20.96 25.75
C LEU A 475 -9.78 21.09 24.57
N THR A 476 -9.37 22.31 24.24
CA THR A 476 -8.56 22.53 23.06
C THR A 476 -7.62 23.71 23.29
N GLU A 477 -6.54 23.73 22.51
CA GLU A 477 -5.59 24.84 22.42
C GLU A 477 -4.98 25.19 23.77
N ASN A 478 -4.88 24.25 24.69
CA ASN A 478 -4.30 24.52 26.00
C ASN A 478 -2.81 24.19 26.08
N GLY A 479 -2.00 24.71 25.15
CA GLY A 479 -0.57 24.52 25.19
C GLY A 479 -0.10 23.13 25.55
N LYS A 480 -0.88 22.10 25.20
CA LYS A 480 -0.55 20.74 25.60
C LYS A 480 0.42 20.05 24.66
N GLU A 481 1.07 20.79 23.75
CA GLU A 481 1.90 20.14 22.76
C GLU A 481 3.06 19.38 23.41
N LYS A 482 3.98 20.10 24.03
CA LYS A 482 5.13 19.47 24.67
C LYS A 482 5.33 19.98 26.09
N GLU A 483 4.98 21.25 26.33
CA GLU A 483 5.24 21.86 27.63
C GLU A 483 4.48 21.16 28.73
N CYS A 484 3.19 20.88 28.51
CA CYS A 484 2.34 20.23 29.50
C CYS A 484 2.45 18.72 29.33
N ARG A 485 3.49 18.14 29.94
CA ARG A 485 3.66 16.70 29.98
C ARG A 485 4.05 16.23 31.38
N LEU A 486 3.81 17.05 32.39
CA LEU A 486 3.99 16.65 33.78
C LEU A 486 2.78 15.89 34.32
N SER A 487 2.44 14.77 33.68
CA SER A 487 1.20 14.07 33.95
C SER A 487 1.27 13.14 35.15
N LYS A 488 2.42 13.03 35.82
CA LYS A 488 2.53 12.09 36.92
C LYS A 488 1.51 12.39 38.02
N CYS A 489 1.40 13.67 38.41
CA CYS A 489 0.41 14.06 39.40
C CYS A 489 0.58 13.22 40.67
N PRO A 490 -0.36 13.23 41.64
CA PRO A 490 -0.15 12.41 42.84
C PRO A 490 0.16 10.95 42.53
N GLY A 491 -0.25 10.47 41.36
CA GLY A 491 0.08 9.13 40.93
C GLY A 491 1.44 9.06 40.27
N CYS A 512 -7.26 7.60 41.61
CA CYS A 512 -6.56 8.78 42.10
C CYS A 512 -5.15 8.85 41.53
N GLN A 513 -4.37 7.80 41.76
CA GLN A 513 -3.00 7.77 41.25
C GLN A 513 -2.94 7.33 39.80
N LEU A 514 -3.55 6.18 39.49
CA LEU A 514 -3.59 5.71 38.10
C LEU A 514 -4.95 5.14 37.72
N HIS A 515 -6.02 5.50 38.43
CA HIS A 515 -7.32 4.91 38.18
C HIS A 515 -7.81 5.25 36.77
N ASN A 516 -8.48 4.29 36.15
CA ASN A 516 -9.06 4.46 34.83
C ASN A 516 -8.00 4.89 33.81
N ASN A 517 -6.80 4.33 33.95
CA ASN A 517 -5.70 4.59 33.03
C ASN A 517 -5.29 6.05 33.03
N ARG A 518 -5.60 6.79 34.10
CA ARG A 518 -5.23 8.19 34.20
C ARG A 518 -4.92 8.52 35.66
N ARG A 519 -3.95 9.42 35.84
CA ARG A 519 -3.70 10.05 37.13
C ARG A 519 -4.57 11.30 37.25
N LEU A 520 -5.88 11.10 37.10
CA LEU A 520 -6.81 12.23 37.04
C LEU A 520 -6.62 13.13 38.24
N CYS A 521 -6.44 14.43 37.98
CA CYS A 521 -5.95 15.33 39.00
C CYS A 521 -6.24 16.77 38.60
N TRP A 522 -6.33 17.63 39.62
CA TRP A 522 -6.22 19.07 39.43
C TRP A 522 -4.78 19.45 39.74
N ASN A 523 -3.90 19.14 38.77
CA ASN A 523 -2.47 19.31 38.94
C ASN A 523 -1.93 18.40 40.05
N SER A 524 -0.63 18.48 40.30
CA SER A 524 0.01 17.51 41.18
C SER A 524 -0.50 17.56 42.61
N LYS A 525 -1.14 18.67 43.01
CA LYS A 525 -1.51 18.82 44.41
C LYS A 525 -2.66 17.91 44.81
N LEU A 526 -3.66 17.73 43.93
CA LEU A 526 -4.87 17.02 44.30
C LEU A 526 -5.26 16.07 43.19
N CYS A 527 -5.82 14.92 43.56
CA CYS A 527 -6.38 14.00 42.58
C CYS A 527 -7.90 14.01 42.66
N GLN A 528 -8.54 13.60 41.55
CA GLN A 528 -9.98 13.67 41.46
C GLN A 528 -10.63 12.75 42.49
N THR A 529 -11.66 13.25 43.16
CA THR A 529 -12.39 12.48 44.16
C THR A 529 -13.56 11.78 43.49
N LYS A 530 -13.40 10.51 43.17
CA LYS A 530 -14.46 9.74 42.55
C LYS A 530 -15.55 9.41 43.57
N CYS A 531 -16.71 9.02 43.06
CA CYS A 531 -17.80 8.51 43.87
C CYS A 531 -18.25 7.16 43.33
N PRO A 532 -18.71 6.26 44.19
CA PRO A 532 -19.21 4.98 43.69
C PRO A 532 -20.48 5.18 42.87
N GLU A 533 -20.69 4.27 41.92
CA GLU A 533 -21.80 4.42 40.99
C GLU A 533 -23.14 4.52 41.71
N LYS A 534 -23.26 3.98 42.91
CA LYS A 534 -24.51 4.09 43.65
C LYS A 534 -24.82 5.52 44.05
N CYS A 535 -23.80 6.36 44.25
CA CYS A 535 -24.02 7.74 44.67
C CYS A 535 -23.13 8.68 43.86
N ARG A 536 -23.14 8.52 42.53
CA ARG A 536 -22.27 9.33 41.68
C ARG A 536 -22.50 10.82 41.92
N ASN A 537 -21.40 11.56 41.99
CA ASN A 537 -21.42 13.01 42.21
C ASN A 537 -22.35 13.40 43.35
N ASN A 538 -22.52 12.51 44.32
CA ASN A 538 -23.28 12.81 45.53
C ASN A 538 -22.57 12.20 46.74
N CYS A 539 -21.24 12.28 46.74
CA CYS A 539 -20.43 11.65 47.78
C CYS A 539 -19.51 12.68 48.40
N ILE A 540 -19.36 12.60 49.73
CA ILE A 540 -18.43 13.48 50.44
C ILE A 540 -17.00 12.96 50.36
N ASP A 541 -16.80 11.67 50.14
CA ASP A 541 -15.48 11.10 49.92
C ASP A 541 -15.63 9.86 49.05
N GLU A 542 -14.53 9.12 48.91
CA GLU A 542 -14.51 7.98 48.00
C GLU A 542 -15.52 6.91 48.38
N HIS A 543 -15.88 6.80 49.66
CA HIS A 543 -16.76 5.73 50.13
C HIS A 543 -18.02 6.22 50.82
N THR A 544 -18.02 7.44 51.37
CA THR A 544 -19.13 7.93 52.18
C THR A 544 -20.16 8.57 51.26
N CYS A 545 -21.17 7.79 50.87
CA CYS A 545 -22.25 8.33 50.08
C CYS A 545 -23.16 9.20 50.94
N CYS A 546 -23.62 10.31 50.36
CA CYS A 546 -24.51 11.21 51.06
C CYS A 546 -25.96 10.80 50.83
N SER A 547 -26.86 11.43 51.58
CA SER A 547 -28.28 11.17 51.42
C SER A 547 -28.76 11.67 50.07
N GLN A 548 -29.70 10.93 49.48
CA GLN A 548 -30.26 11.34 48.19
C GLN A 548 -31.04 12.64 48.27
N ASP A 549 -31.41 13.08 49.48
CA ASP A 549 -32.06 14.37 49.64
C ASP A 549 -31.09 15.53 49.42
N CYS A 550 -29.79 15.27 49.52
CA CYS A 550 -28.77 16.28 49.29
C CYS A 550 -28.29 16.22 47.84
N LEU A 551 -27.53 17.24 47.44
CA LEU A 551 -26.90 17.28 46.14
C LEU A 551 -25.48 17.78 46.29
N GLY A 552 -24.52 17.02 45.78
CA GLY A 552 -23.13 17.40 45.90
C GLY A 552 -22.52 17.14 47.25
N GLY A 553 -23.02 16.16 47.99
CA GLY A 553 -22.46 15.83 49.28
C GLY A 553 -23.13 16.59 50.41
N CYS A 554 -22.66 16.27 51.62
CA CYS A 554 -23.22 16.86 52.83
C CYS A 554 -22.12 17.01 53.87
N VAL A 555 -22.33 17.94 54.80
CA VAL A 555 -21.42 18.08 55.93
C VAL A 555 -21.82 17.10 57.01
N ILE A 556 -20.83 16.42 57.59
CA ILE A 556 -21.04 15.46 58.66
C ILE A 556 -20.16 15.84 59.84
N ASP A 557 -20.72 15.77 61.04
CA ASP A 557 -20.02 16.18 62.26
C ASP A 557 -20.18 15.10 63.32
N LYS A 558 -19.37 15.21 64.38
CA LYS A 558 -19.42 14.24 65.46
C LYS A 558 -20.80 14.16 66.09
N ASN A 559 -21.58 15.24 66.06
CA ASN A 559 -22.93 15.22 66.61
C ASN A 559 -23.90 14.41 65.76
N GLY A 560 -23.48 13.98 64.56
CA GLY A 560 -24.40 13.32 63.66
C GLY A 560 -25.35 14.25 62.97
N ASN A 561 -25.16 15.56 63.14
CA ASN A 561 -26.02 16.54 62.49
C ASN A 561 -25.58 16.76 61.06
N GLU A 562 -25.74 15.73 60.23
CA GLU A 562 -25.40 15.84 58.82
C GLU A 562 -26.21 16.95 58.17
N SER A 563 -25.58 17.69 57.26
CA SER A 563 -26.26 18.75 56.55
C SER A 563 -25.87 18.75 55.08
N CYS A 564 -26.86 18.95 54.21
CA CYS A 564 -26.62 18.95 52.77
C CYS A 564 -25.80 20.17 52.34
N ILE A 565 -24.87 19.94 51.42
CA ILE A 565 -24.18 21.06 50.78
C ILE A 565 -25.14 21.83 49.89
N SER A 566 -25.92 21.12 49.08
CA SER A 566 -26.94 21.72 48.24
C SER A 566 -28.12 20.77 48.11
N CYS A 567 -29.31 21.33 48.12
CA CYS A 567 -30.54 20.54 48.13
C CYS A 567 -30.75 19.83 46.81
N ARG A 568 -31.41 18.68 46.88
CA ARG A 568 -31.70 17.91 45.68
C ARG A 568 -32.55 18.70 44.71
N ASN A 569 -33.67 19.24 45.17
CA ASN A 569 -34.59 19.95 44.30
C ASN A 569 -34.76 21.41 44.70
N VAL A 570 -35.14 21.67 45.96
CA VAL A 570 -35.44 23.01 46.42
C VAL A 570 -35.06 23.12 47.90
N SER A 571 -35.22 24.32 48.43
CA SER A 571 -34.90 24.61 49.82
C SER A 571 -35.91 25.60 50.38
N PHE A 572 -36.05 25.58 51.71
CA PHE A 572 -36.99 26.48 52.38
C PHE A 572 -36.62 26.51 53.86
N ASN A 573 -36.32 27.72 54.36
CA ASN A 573 -35.80 27.88 55.72
C ASN A 573 -34.58 26.99 55.95
N ASN A 574 -33.70 26.93 54.97
CA ASN A 574 -32.46 26.16 55.05
C ASN A 574 -32.72 24.66 55.17
N ILE A 575 -33.93 24.21 54.86
CA ILE A 575 -34.28 22.79 54.90
C ILE A 575 -34.49 22.31 53.47
N CYS A 576 -33.88 21.17 53.13
CA CYS A 576 -34.04 20.61 51.80
C CYS A 576 -35.27 19.72 51.74
N MET A 577 -36.10 19.95 50.72
CA MET A 577 -37.29 19.15 50.51
C MET A 577 -37.50 18.99 49.01
N ASP A 578 -38.26 17.95 48.65
CA ASP A 578 -38.45 17.63 47.24
C ASP A 578 -39.25 18.69 46.49
N SER A 579 -40.09 19.46 47.19
CA SER A 579 -40.91 20.46 46.54
C SER A 579 -41.17 21.60 47.50
N CYS A 580 -41.52 22.76 46.93
CA CYS A 580 -41.79 23.93 47.73
C CYS A 580 -43.08 23.74 48.52
N PRO A 581 -43.17 24.31 49.73
CA PRO A 581 -44.41 24.21 50.49
C PRO A 581 -45.50 25.09 49.92
N LYS A 582 -46.73 24.85 50.36
CA LYS A 582 -47.85 25.64 49.91
C LYS A 582 -47.66 27.10 50.27
N GLY A 583 -48.10 27.99 49.38
CA GLY A 583 -47.98 29.41 49.60
C GLY A 583 -46.64 30.01 49.22
N TYR A 584 -45.72 29.22 48.70
CA TYR A 584 -44.42 29.70 48.28
C TYR A 584 -44.12 29.24 46.87
N TYR A 585 -43.45 30.09 46.11
CA TYR A 585 -43.11 29.82 44.72
C TYR A 585 -41.64 29.43 44.61
N GLN A 586 -41.36 28.44 43.77
CA GLN A 586 -39.98 28.02 43.56
C GLN A 586 -39.27 29.03 42.68
N PHE A 587 -38.09 29.45 43.12
CA PHE A 587 -37.18 30.27 42.31
C PHE A 587 -35.85 29.54 42.25
N ASP A 588 -35.61 28.86 41.13
CA ASP A 588 -34.41 28.05 40.96
C ASP A 588 -34.26 27.07 42.13
N SER A 589 -33.37 27.38 43.08
CA SER A 589 -32.98 26.44 44.11
C SER A 589 -33.59 26.74 45.47
N ARG A 590 -34.53 27.66 45.56
CA ARG A 590 -35.16 27.97 46.83
C ARG A 590 -36.57 28.51 46.59
N CYS A 591 -37.38 28.48 47.64
CA CYS A 591 -38.75 28.95 47.59
C CYS A 591 -38.82 30.38 48.13
N VAL A 592 -39.67 31.19 47.52
CA VAL A 592 -39.75 32.62 47.83
C VAL A 592 -41.21 33.04 47.95
N THR A 593 -41.41 34.20 48.56
CA THR A 593 -42.73 34.79 48.67
C THR A 593 -43.12 35.46 47.37
N ALA A 594 -44.38 35.88 47.29
CA ALA A 594 -44.86 36.54 46.08
C ALA A 594 -44.09 37.82 45.80
N ASN A 595 -43.93 38.67 46.80
CA ASN A 595 -43.21 39.92 46.60
C ASN A 595 -41.75 39.66 46.26
N GLU A 596 -41.12 38.68 46.91
CA GLU A 596 -39.73 38.37 46.59
C GLU A 596 -39.58 37.99 45.12
N CYS A 597 -40.46 37.12 44.63
CA CYS A 597 -40.43 36.75 43.22
C CYS A 597 -40.66 37.97 42.34
N ILE A 598 -41.61 38.82 42.71
CA ILE A 598 -41.91 40.01 41.91
C ILE A 598 -40.71 40.95 41.88
N THR A 599 -39.84 40.90 42.89
CA THR A 599 -38.67 41.77 42.93
C THR A 599 -37.40 41.13 42.38
N LEU A 600 -37.30 39.80 42.39
CA LEU A 600 -36.13 39.15 41.84
C LEU A 600 -36.08 39.35 40.32
N THR A 601 -34.90 39.14 39.75
CA THR A 601 -34.70 39.36 38.33
C THR A 601 -33.68 38.36 37.79
N LYS A 602 -33.85 38.01 36.52
CA LYS A 602 -32.89 37.25 35.75
C LYS A 602 -32.48 38.07 34.55
N PHE A 603 -31.17 38.14 34.30
CA PHE A 603 -30.66 38.87 33.15
C PHE A 603 -30.43 37.88 32.00
N GLU A 604 -31.05 38.15 30.86
CA GLU A 604 -31.05 37.20 29.76
C GLU A 604 -31.18 37.97 28.46
N THR A 605 -30.53 37.46 27.42
CA THR A 605 -30.60 38.04 26.09
C THR A 605 -30.29 39.54 26.14
N ASN A 606 -29.31 39.91 26.97
CA ASN A 606 -28.95 41.31 27.15
C ASN A 606 -30.17 42.14 27.50
N SER A 607 -31.04 41.59 28.36
CA SER A 607 -32.26 42.25 28.75
C SER A 607 -32.63 41.79 30.16
N VAL A 608 -33.48 42.57 30.81
CA VAL A 608 -33.85 42.35 32.21
C VAL A 608 -35.26 41.79 32.25
N TYR A 609 -35.44 40.71 33.02
CA TYR A 609 -36.72 40.06 33.22
C TYR A 609 -36.99 39.96 34.71
N SER A 610 -38.12 40.51 35.15
CA SER A 610 -38.50 40.41 36.55
C SER A 610 -39.45 39.23 36.76
N GLY A 611 -39.12 38.38 37.72
CA GLY A 611 -39.88 37.16 37.91
C GLY A 611 -41.34 37.44 38.22
N ILE A 612 -42.19 36.52 37.78
CA ILE A 612 -43.63 36.60 37.99
C ILE A 612 -44.07 35.30 38.65
N PRO A 613 -44.79 35.35 39.77
CA PRO A 613 -45.23 34.11 40.43
C PRO A 613 -46.42 33.51 39.68
N TYR A 614 -46.33 32.23 39.36
CA TYR A 614 -47.40 31.56 38.64
C TYR A 614 -47.31 30.05 38.90
N ASN A 615 -48.44 29.45 39.27
CA ASN A 615 -48.55 28.01 39.42
C ASN A 615 -47.44 27.46 40.32
N GLY A 616 -47.14 28.17 41.40
CA GLY A 616 -46.17 27.71 42.36
C GLY A 616 -44.73 27.90 41.96
N GLN A 617 -44.46 28.59 40.86
CA GLN A 617 -43.10 28.86 40.42
C GLN A 617 -42.97 30.30 39.98
N CYS A 618 -41.76 30.84 40.11
CA CYS A 618 -41.44 32.19 39.67
C CYS A 618 -40.78 32.09 38.30
N ILE A 619 -41.46 32.60 37.28
CA ILE A 619 -41.05 32.42 35.90
C ILE A 619 -40.99 33.77 35.21
N THR A 620 -39.98 33.93 34.34
CA THR A 620 -39.80 35.19 33.63
C THR A 620 -40.84 35.40 32.55
N HIS A 621 -41.22 34.35 31.83
CA HIS A 621 -42.18 34.44 30.74
C HIS A 621 -43.41 33.63 31.09
N CYS A 622 -44.59 34.22 30.84
CA CYS A 622 -45.82 33.47 31.03
C CYS A 622 -45.83 32.28 30.08
N PRO A 623 -46.32 31.12 30.51
CA PRO A 623 -46.31 29.94 29.64
C PRO A 623 -47.21 30.15 28.43
N THR A 624 -47.19 29.16 27.54
CA THR A 624 -47.97 29.24 26.31
C THR A 624 -49.42 29.51 26.61
N GLY A 625 -50.02 30.45 25.88
CA GLY A 625 -51.40 30.81 26.08
C GLY A 625 -51.65 31.79 27.21
N TYR A 626 -50.61 32.39 27.77
CA TYR A 626 -50.75 33.34 28.86
C TYR A 626 -49.89 34.56 28.60
N GLN A 627 -50.26 35.66 29.23
CA GLN A 627 -49.54 36.92 29.08
C GLN A 627 -49.45 37.61 30.44
N LYS A 628 -48.44 38.46 30.57
CA LYS A 628 -48.22 39.19 31.81
C LYS A 628 -49.35 40.18 32.07
N SER A 629 -49.67 40.40 33.34
CA SER A 629 -50.68 41.38 33.70
C SER A 629 -50.16 42.78 33.46
N GLU A 630 -51.09 43.73 33.27
CA GLU A 630 -50.70 45.11 33.04
C GLU A 630 -49.83 45.62 34.19
N ASN A 631 -50.12 45.21 35.41
CA ASN A 631 -49.32 45.59 36.57
C ASN A 631 -48.08 44.72 36.74
N LYS A 632 -47.92 43.69 35.91
CA LYS A 632 -46.74 42.83 35.95
C LYS A 632 -46.60 42.14 37.30
N ARG A 633 -47.67 41.45 37.70
CA ARG A 633 -47.67 40.67 38.94
C ARG A 633 -48.28 39.29 38.79
N MET A 634 -48.89 38.97 37.66
CA MET A 634 -49.49 37.66 37.45
C MET A 634 -49.62 37.40 35.96
N CYS A 635 -49.78 36.12 35.61
CA CYS A 635 -49.97 35.70 34.25
C CYS A 635 -51.43 35.34 34.03
N GLU A 636 -52.01 35.85 32.94
CA GLU A 636 -53.41 35.62 32.63
C GLU A 636 -53.54 34.98 31.25
N PRO A 637 -54.61 34.22 31.01
CA PRO A 637 -54.78 33.60 29.69
C PRO A 637 -54.79 34.64 28.59
N CYS A 638 -54.15 34.30 27.48
CA CYS A 638 -54.10 35.22 26.35
C CYS A 638 -55.48 35.34 25.71
N PRO A 639 -55.92 36.54 25.34
CA PRO A 639 -57.16 36.67 24.57
C PRO A 639 -57.07 35.89 23.27
N GLY A 640 -58.16 35.24 22.90
CA GLY A 640 -58.15 34.39 21.72
C GLY A 640 -57.39 33.11 21.91
N GLY A 641 -57.15 32.70 23.15
CA GLY A 641 -56.42 31.49 23.44
C GLY A 641 -54.91 31.64 23.46
N LYS A 642 -54.35 32.44 22.56
CA LYS A 642 -52.90 32.62 22.50
C LYS A 642 -52.60 34.02 21.99
N CYS A 643 -51.46 34.56 22.41
CA CYS A 643 -51.04 35.90 22.04
C CYS A 643 -50.21 35.83 20.76
N ASP A 644 -50.55 36.68 19.79
CA ASP A 644 -49.91 36.63 18.48
C ASP A 644 -48.74 37.60 18.38
N LYS A 645 -47.72 37.41 19.21
CA LYS A 645 -46.52 38.22 19.11
C LYS A 645 -45.78 37.88 17.82
N GLU A 646 -45.26 38.91 17.16
CA GLU A 646 -44.49 38.73 15.93
C GLU A 646 -43.10 39.30 16.13
N CYS A 647 -42.12 38.68 15.46
CA CYS A 647 -40.72 39.03 15.64
C CYS A 647 -40.06 39.15 14.28
N SER A 648 -39.06 40.04 14.21
CA SER A 648 -38.38 40.30 12.96
C SER A 648 -37.48 39.12 12.58
N SER A 649 -37.38 38.86 11.28
CA SER A 649 -36.48 37.83 10.80
C SER A 649 -35.04 38.24 11.03
N GLY A 650 -34.14 37.29 10.85
CA GLY A 650 -32.73 37.58 11.06
C GLY A 650 -31.88 36.35 10.85
N LEU A 651 -30.70 36.36 11.45
CA LEU A 651 -29.76 35.26 11.35
C LEU A 651 -29.57 34.66 12.74
N ILE A 652 -29.38 33.34 12.77
CA ILE A 652 -29.23 32.59 14.01
C ILE A 652 -27.89 31.89 13.94
N ASP A 653 -26.85 32.53 14.47
CA ASP A 653 -25.49 32.00 14.41
C ASP A 653 -25.13 31.11 15.58
N SER A 654 -26.01 30.93 16.55
CA SER A 654 -25.72 30.08 17.69
C SER A 654 -26.98 29.91 18.51
N LEU A 655 -27.00 28.86 19.33
CA LEU A 655 -28.16 28.64 20.17
C LEU A 655 -28.47 29.85 21.03
N GLU A 656 -27.44 30.61 21.41
CA GLU A 656 -27.67 31.77 22.24
C GLU A 656 -28.58 32.77 21.55
N ARG A 657 -28.37 33.01 20.26
CA ARG A 657 -29.24 33.93 19.54
C ARG A 657 -30.66 33.40 19.46
N ALA A 658 -30.81 32.09 19.25
CA ALA A 658 -32.14 31.51 19.11
C ALA A 658 -32.98 31.73 20.37
N ARG A 659 -32.33 31.91 21.52
CA ARG A 659 -33.07 32.14 22.75
C ARG A 659 -33.94 33.38 22.65
N GLU A 660 -33.57 34.34 21.79
CA GLU A 660 -34.31 35.59 21.71
C GLU A 660 -35.70 35.40 21.15
N PHE A 661 -35.92 34.39 20.32
CA PHE A 661 -37.19 34.22 19.65
C PHE A 661 -38.25 33.56 20.53
N HIS A 662 -37.97 33.35 21.81
CA HIS A 662 -38.94 32.70 22.67
C HIS A 662 -40.26 33.47 22.66
N GLY A 663 -41.35 32.73 22.46
CA GLY A 663 -42.67 33.32 22.43
C GLY A 663 -43.06 33.94 21.10
N CYS A 664 -42.19 33.92 20.10
CA CYS A 664 -42.52 34.49 18.80
C CYS A 664 -43.47 33.55 18.07
N THR A 665 -44.64 34.06 17.68
CA THR A 665 -45.59 33.27 16.94
C THR A 665 -45.49 33.49 15.43
N ILE A 666 -45.11 34.69 15.00
CA ILE A 666 -45.03 35.02 13.59
C ILE A 666 -43.69 35.66 13.31
N ILE A 667 -42.99 35.18 12.29
CA ILE A 667 -41.73 35.74 11.85
C ILE A 667 -41.98 36.51 10.57
N THR A 668 -41.59 37.78 10.56
CA THR A 668 -41.85 38.64 9.42
C THR A 668 -40.60 39.46 9.10
N GLY A 669 -40.63 40.10 7.94
CA GLY A 669 -39.50 40.86 7.45
C GLY A 669 -38.93 40.25 6.18
N THR A 670 -38.55 41.11 5.24
CA THR A 670 -38.09 40.63 3.95
C THR A 670 -36.86 39.74 4.06
N GLU A 671 -36.04 39.92 5.09
CA GLU A 671 -34.86 39.11 5.24
C GLU A 671 -35.26 37.65 5.48
N PRO A 672 -34.63 36.70 4.79
CA PRO A 672 -34.96 35.29 5.03
C PRO A 672 -34.43 34.83 6.38
N LEU A 673 -35.26 34.13 7.12
CA LEU A 673 -34.86 33.60 8.41
C LEU A 673 -33.81 32.52 8.21
N THR A 674 -32.55 32.86 8.47
CA THR A 674 -31.44 31.96 8.18
C THR A 674 -31.02 31.24 9.46
N ILE A 675 -30.84 29.93 9.36
CA ILE A 675 -30.32 29.12 10.45
C ILE A 675 -28.97 28.58 10.03
N SER A 676 -27.91 28.99 10.72
CA SER A 676 -26.57 28.52 10.42
C SER A 676 -25.86 28.11 11.70
N ILE A 677 -26.53 27.30 12.52
CA ILE A 677 -25.95 26.85 13.77
C ILE A 677 -24.76 25.97 13.48
N LYS A 678 -23.64 26.24 14.13
CA LYS A 678 -22.40 25.48 13.95
C LYS A 678 -21.95 24.98 15.32
N ARG A 679 -22.40 23.79 15.69
CA ARG A 679 -22.00 23.16 16.93
C ARG A 679 -20.99 22.06 16.68
N GLU A 680 -20.14 21.84 17.67
CA GLU A 680 -19.19 20.72 17.63
C GLU A 680 -19.90 19.42 18.00
N SER A 681 -20.87 19.06 17.18
CA SER A 681 -21.71 17.87 17.36
C SER A 681 -22.49 17.91 18.66
N GLY A 682 -22.65 19.07 19.27
CA GLY A 682 -23.38 19.16 20.52
C GLY A 682 -24.78 18.58 20.40
N ALA A 683 -25.41 18.43 21.57
CA ALA A 683 -26.72 17.80 21.62
C ALA A 683 -27.81 18.81 21.95
N HIS A 684 -27.54 19.76 22.84
CA HIS A 684 -28.59 20.62 23.35
C HIS A 684 -29.21 21.53 22.30
N VAL A 685 -28.74 21.46 21.05
CA VAL A 685 -29.31 22.31 20.00
C VAL A 685 -30.81 22.09 19.90
N MET A 686 -31.24 20.82 19.86
CA MET A 686 -32.65 20.52 19.72
C MET A 686 -33.47 21.02 20.90
N ASP A 687 -32.83 21.23 22.05
CA ASP A 687 -33.54 21.77 23.21
C ASP A 687 -33.59 23.29 23.19
N GLU A 688 -32.46 23.95 22.92
CA GLU A 688 -32.44 25.40 22.88
C GLU A 688 -33.35 25.92 21.77
N LEU A 689 -33.25 25.34 20.57
CA LEU A 689 -34.11 25.78 19.48
C LEU A 689 -35.56 25.50 19.78
N LYS A 690 -35.87 24.35 20.38
CA LYS A 690 -37.25 24.07 20.73
C LYS A 690 -37.77 25.10 21.71
N TYR A 691 -36.94 25.53 22.66
CA TYR A 691 -37.36 26.62 23.54
C TYR A 691 -37.57 27.90 22.76
N GLY A 692 -36.71 28.17 21.79
CA GLY A 692 -36.74 29.44 21.09
C GLY A 692 -37.85 29.61 20.08
N LEU A 693 -37.83 28.81 19.02
CA LEU A 693 -38.68 29.04 17.87
C LEU A 693 -39.96 28.21 17.87
N ALA A 694 -40.13 27.28 18.81
CA ALA A 694 -41.22 26.32 18.71
C ALA A 694 -42.58 26.99 18.65
N ALA A 695 -42.71 28.20 19.17
CA ALA A 695 -44.01 28.85 19.20
C ALA A 695 -44.45 29.38 17.84
N VAL A 696 -43.54 29.49 16.88
CA VAL A 696 -43.88 30.10 15.60
C VAL A 696 -44.84 29.19 14.86
N HIS A 697 -45.91 29.77 14.30
CA HIS A 697 -46.87 29.01 13.52
C HIS A 697 -46.81 29.29 12.04
N LYS A 698 -46.22 30.41 11.62
CA LYS A 698 -46.03 30.67 10.21
C LYS A 698 -44.91 31.69 10.05
N ILE A 699 -44.13 31.53 8.99
CA ILE A 699 -43.05 32.46 8.65
C ILE A 699 -43.52 33.29 7.46
N GLN A 700 -43.81 34.57 7.72
CA GLN A 700 -44.23 35.43 6.62
C GLN A 700 -43.14 35.58 5.58
N SER A 701 -41.88 35.43 5.99
CA SER A 701 -40.76 35.50 5.07
C SER A 701 -40.37 34.12 4.59
N SER A 702 -39.20 34.00 3.97
CA SER A 702 -38.71 32.71 3.49
C SER A 702 -37.69 32.16 4.48
N LEU A 703 -37.53 30.85 4.46
CA LEU A 703 -36.64 30.14 5.36
C LEU A 703 -35.37 29.74 4.61
N MET A 704 -34.28 29.59 5.35
CA MET A 704 -32.99 29.23 4.76
C MET A 704 -32.15 28.53 5.81
N VAL A 705 -31.71 27.31 5.52
CA VAL A 705 -30.89 26.52 6.43
C VAL A 705 -29.55 26.33 5.73
N HIS A 706 -28.52 26.99 6.23
CA HIS A 706 -27.28 27.15 5.49
C HIS A 706 -26.07 26.89 6.37
N LEU A 707 -25.21 25.98 5.93
CA LEU A 707 -23.91 25.74 6.56
C LEU A 707 -24.04 25.26 8.00
N THR A 708 -25.13 24.59 8.32
CA THR A 708 -25.32 24.11 9.69
C THR A 708 -24.43 22.91 9.97
N TYR A 709 -23.89 22.86 11.20
CA TYR A 709 -23.10 21.75 11.67
C TYR A 709 -23.71 21.22 12.95
N GLY A 710 -24.04 19.94 12.97
CA GLY A 710 -24.61 19.32 14.15
C GLY A 710 -26.11 19.46 14.29
N LEU A 711 -26.77 20.17 13.39
CA LEU A 711 -28.21 20.27 13.43
C LEU A 711 -28.82 19.00 12.87
N LYS A 712 -29.62 18.31 13.68
CA LYS A 712 -30.13 17.01 13.27
C LYS A 712 -31.32 17.10 12.34
N SER A 713 -32.27 17.98 12.66
CA SER A 713 -33.51 18.03 11.89
C SER A 713 -34.20 19.36 12.14
N LEU A 714 -35.20 19.66 11.31
CA LEU A 714 -36.05 20.81 11.51
C LEU A 714 -37.31 20.48 12.28
N LYS A 715 -37.33 19.35 13.00
CA LYS A 715 -38.52 18.98 13.75
C LYS A 715 -38.85 19.97 14.85
N PHE A 716 -37.90 20.81 15.25
CA PHE A 716 -38.14 21.73 16.36
C PHE A 716 -39.11 22.84 15.99
N PHE A 717 -39.44 23.03 14.72
CA PHE A 717 -40.50 23.95 14.34
C PHE A 717 -41.84 23.30 14.64
N GLN A 718 -42.08 23.00 15.91
CA GLN A 718 -43.20 22.12 16.25
C GLN A 718 -44.54 22.72 15.81
N SER A 719 -44.69 24.04 15.89
CA SER A 719 -45.97 24.67 15.60
C SER A 719 -46.05 25.24 14.20
N LEU A 720 -45.00 25.12 13.40
CA LEU A 720 -45.02 25.72 12.07
C LEU A 720 -46.08 25.07 11.20
N THR A 721 -46.80 25.89 10.42
CA THR A 721 -47.80 25.39 9.50
C THR A 721 -47.78 26.04 8.13
N GLU A 722 -47.08 27.16 7.94
CA GLU A 722 -47.11 27.83 6.65
C GLU A 722 -45.87 28.70 6.49
N ILE A 723 -45.36 28.74 5.27
CA ILE A 723 -44.27 29.65 4.89
C ILE A 723 -44.85 30.53 3.80
N SER A 724 -45.42 31.68 4.18
CA SER A 724 -46.06 32.53 3.19
C SER A 724 -45.11 32.92 2.08
N GLY A 725 -43.82 33.04 2.36
CA GLY A 725 -42.87 33.38 1.33
C GLY A 725 -43.24 34.62 0.57
N ASP A 726 -43.79 35.64 1.24
CA ASP A 726 -44.25 36.83 0.55
C ASP A 726 -43.11 37.40 -0.28
N PRO A 727 -42.02 37.88 0.32
CA PRO A 727 -40.79 38.03 -0.43
C PRO A 727 -39.97 36.75 -0.39
N PRO A 728 -39.81 36.05 -1.50
CA PRO A 728 -38.90 34.91 -1.52
C PRO A 728 -37.48 35.38 -1.76
N MET A 729 -36.52 34.58 -1.29
CA MET A 729 -35.12 34.96 -1.39
C MET A 729 -34.56 34.50 -2.74
N ASP A 730 -33.37 35.02 -3.06
CA ASP A 730 -32.72 34.70 -4.33
C ASP A 730 -33.58 35.09 -5.52
N ALA A 731 -33.79 36.39 -5.72
CA ALA A 731 -34.55 36.89 -6.86
C ALA A 731 -35.98 36.37 -6.83
N ASP A 732 -36.52 36.17 -5.63
CA ASP A 732 -37.91 35.76 -5.46
C ASP A 732 -38.18 34.41 -6.11
N LYS A 733 -37.17 33.55 -6.18
CA LYS A 733 -37.33 32.23 -6.77
C LYS A 733 -37.62 31.15 -5.74
N TYR A 734 -37.05 31.25 -4.54
CA TYR A 734 -37.09 30.18 -3.57
C TYR A 734 -37.66 30.68 -2.25
N ALA A 735 -38.35 29.78 -1.55
CA ALA A 735 -38.85 30.06 -0.21
C ALA A 735 -38.32 29.09 0.83
N LEU A 736 -37.65 28.01 0.42
CA LEU A 736 -37.05 27.05 1.33
C LEU A 736 -35.69 26.70 0.74
N TYR A 737 -34.63 27.12 1.44
CA TYR A 737 -33.28 27.09 0.92
C TYR A 737 -32.42 26.26 1.86
N VAL A 738 -31.89 25.14 1.36
CA VAL A 738 -31.14 24.21 2.21
C VAL A 738 -29.82 23.88 1.54
N LEU A 739 -28.71 24.36 2.11
CA LEU A 739 -27.41 24.25 1.48
C LEU A 739 -26.34 23.88 2.49
N ASP A 740 -25.48 22.94 2.12
CA ASP A 740 -24.25 22.63 2.85
C ASP A 740 -24.51 22.35 4.32
N ASN A 741 -25.54 21.57 4.64
CA ASN A 741 -25.81 21.19 6.02
C ASN A 741 -25.19 19.83 6.27
N ARG A 742 -24.01 19.84 6.92
CA ARG A 742 -23.22 18.63 7.04
C ARG A 742 -23.89 17.54 7.84
N ASP A 743 -24.90 17.85 8.65
CA ASP A 743 -25.51 16.84 9.51
C ASP A 743 -27.03 16.80 9.46
N LEU A 744 -27.67 17.63 8.65
CA LEU A 744 -29.12 17.58 8.54
C LEU A 744 -29.53 16.26 7.93
N ASP A 745 -30.37 15.50 8.65
CA ASP A 745 -30.71 14.14 8.21
C ASP A 745 -32.20 13.87 8.09
N GLU A 746 -33.07 14.76 8.57
CA GLU A 746 -34.49 14.55 8.36
C GLU A 746 -35.21 15.89 8.45
N LEU A 747 -36.24 16.01 7.62
CA LEU A 747 -37.01 17.24 7.49
C LEU A 747 -38.20 17.20 8.45
N TRP A 748 -39.19 18.05 8.20
CA TRP A 748 -40.28 18.31 9.13
C TRP A 748 -40.77 17.02 9.77
N GLY A 749 -41.25 17.16 11.02
CA GLY A 749 -41.63 16.03 11.82
C GLY A 749 -42.70 15.15 11.18
N PRO A 750 -43.02 14.04 11.84
CA PRO A 750 -43.97 13.08 11.24
C PRO A 750 -45.32 13.72 10.98
N ASN A 751 -45.80 13.54 9.75
CA ASN A 751 -47.07 14.10 9.27
C ASN A 751 -47.30 15.52 9.79
N GLN A 752 -46.25 16.34 9.78
CA GLN A 752 -46.43 17.77 9.90
C GLN A 752 -46.54 18.39 8.52
N THR A 753 -47.42 19.37 8.39
CA THR A 753 -47.70 20.00 7.11
C THR A 753 -47.32 21.47 7.18
N VAL A 754 -46.61 21.94 6.15
CA VAL A 754 -46.25 23.34 6.03
C VAL A 754 -46.55 23.81 4.61
N PHE A 755 -47.57 24.65 4.47
CA PHE A 755 -47.96 25.12 3.15
C PHE A 755 -47.01 26.20 2.67
N ILE A 756 -46.41 25.97 1.51
CA ILE A 756 -45.50 26.93 0.89
C ILE A 756 -46.29 27.62 -0.22
N ARG A 757 -46.38 28.94 -0.17
CA ARG A 757 -47.26 29.63 -1.10
C ARG A 757 -46.53 30.09 -2.36
N LYS A 758 -45.37 30.71 -2.21
CA LYS A 758 -44.65 31.27 -3.34
C LYS A 758 -43.24 30.68 -3.40
N GLY A 759 -42.73 30.54 -4.61
CA GLY A 759 -41.38 30.04 -4.81
C GLY A 759 -41.30 28.54 -4.66
N GLY A 760 -40.09 28.02 -4.92
CA GLY A 760 -39.82 26.61 -4.81
C GLY A 760 -38.69 26.32 -3.84
N VAL A 761 -38.49 25.03 -3.58
CA VAL A 761 -37.47 24.59 -2.65
C VAL A 761 -36.12 24.58 -3.34
N PHE A 762 -35.05 24.41 -2.57
CA PHE A 762 -33.71 24.30 -3.12
C PHE A 762 -32.87 23.51 -2.14
N PHE A 763 -32.56 22.26 -2.48
CA PHE A 763 -31.80 21.37 -1.63
C PHE A 763 -30.50 20.99 -2.34
N HIS A 764 -29.39 21.16 -1.64
CA HIS A 764 -28.09 20.92 -2.26
C HIS A 764 -27.07 20.63 -1.18
N PHE A 765 -26.17 19.68 -1.46
CA PHE A 765 -25.03 19.38 -0.61
C PHE A 765 -25.45 19.08 0.83
N ASN A 766 -26.47 18.26 1.01
CA ASN A 766 -26.83 17.78 2.33
C ASN A 766 -26.46 16.30 2.43
N PRO A 767 -25.26 15.97 2.90
CA PRO A 767 -24.78 14.59 2.75
C PRO A 767 -25.64 13.54 3.41
N LYS A 768 -26.44 13.89 4.41
CA LYS A 768 -27.21 12.89 5.15
C LYS A 768 -28.72 13.02 4.98
N LEU A 769 -29.17 13.77 3.98
CA LEU A 769 -30.61 13.92 3.70
C LEU A 769 -30.90 13.22 2.39
N CYS A 770 -31.51 12.04 2.45
CA CYS A 770 -31.79 11.30 1.23
C CYS A 770 -32.95 11.93 0.47
N VAL A 771 -32.97 11.70 -0.84
CA VAL A 771 -33.92 12.37 -1.70
C VAL A 771 -35.35 12.01 -1.33
N SER A 772 -35.61 10.74 -0.99
CA SER A 772 -36.96 10.35 -0.63
C SER A 772 -37.54 11.25 0.45
N THR A 773 -36.73 11.63 1.43
CA THR A 773 -37.21 12.56 2.45
C THR A 773 -37.60 13.90 1.85
N ILE A 774 -36.83 14.38 0.88
CA ILE A 774 -37.15 15.64 0.22
C ILE A 774 -38.48 15.55 -0.50
N ASN A 775 -38.77 14.38 -1.10
CA ASN A 775 -39.98 14.24 -1.89
C ASN A 775 -41.25 14.46 -1.06
N GLN A 776 -41.15 14.35 0.27
CA GLN A 776 -42.33 14.56 1.11
C GLN A 776 -42.90 15.95 0.95
N LEU A 777 -42.12 16.90 0.44
CA LEU A 777 -42.60 18.27 0.28
C LEU A 777 -43.52 18.42 -0.92
N LEU A 778 -43.58 17.43 -1.81
CA LEU A 778 -44.39 17.57 -3.02
C LEU A 778 -45.83 17.96 -2.72
N PRO A 779 -46.56 17.29 -1.84
CA PRO A 779 -47.93 17.72 -1.54
C PRO A 779 -48.01 19.01 -0.75
N MET A 780 -46.89 19.52 -0.25
CA MET A 780 -46.90 20.72 0.57
C MET A 780 -46.83 22.00 -0.23
N LEU A 781 -46.25 21.97 -1.43
CA LEU A 781 -46.19 23.17 -2.25
C LEU A 781 -47.59 23.57 -2.69
N ALA A 782 -47.78 24.88 -2.91
CA ALA A 782 -49.07 25.35 -3.39
C ALA A 782 -49.36 24.84 -4.80
N SER A 783 -48.33 24.72 -5.64
CA SER A 783 -48.50 24.22 -7.00
C SER A 783 -48.73 22.72 -7.04
N LYS A 784 -48.47 22.01 -5.95
CA LYS A 784 -48.62 20.56 -5.89
C LYS A 784 -47.94 19.88 -7.06
N PRO A 785 -46.67 20.19 -7.36
CA PRO A 785 -46.01 19.50 -8.47
C PRO A 785 -45.80 18.03 -8.18
N LYS A 786 -45.76 17.23 -9.25
CA LYS A 786 -45.45 15.81 -9.12
C LYS A 786 -43.95 15.56 -9.03
N PHE A 787 -43.13 16.56 -9.37
CA PHE A 787 -41.68 16.39 -9.35
C PHE A 787 -41.04 17.77 -9.26
N PHE A 788 -39.84 17.79 -8.69
CA PHE A 788 -39.08 19.04 -8.60
C PHE A 788 -38.42 19.36 -9.93
N GLU A 789 -38.40 20.65 -10.26
CA GLU A 789 -37.61 21.09 -11.40
C GLU A 789 -36.16 20.68 -11.17
N LYS A 790 -35.52 20.17 -12.23
CA LYS A 790 -34.23 19.52 -12.07
C LYS A 790 -33.16 20.46 -11.57
N SER A 791 -33.38 21.77 -11.62
CA SER A 791 -32.42 22.72 -11.08
C SER A 791 -32.61 23.01 -9.61
N ASP A 792 -33.60 22.38 -8.96
CA ASP A 792 -33.94 22.68 -7.58
C ASP A 792 -33.61 21.57 -6.58
N VAL A 793 -33.23 20.38 -7.05
CA VAL A 793 -32.88 19.31 -6.13
C VAL A 793 -31.77 18.45 -6.73
N GLY A 794 -30.57 18.52 -6.16
CA GLY A 794 -29.50 17.66 -6.60
C GLY A 794 -29.87 16.20 -6.41
N ALA A 795 -29.46 15.35 -7.34
CA ALA A 795 -29.83 13.95 -7.28
C ALA A 795 -28.87 13.12 -6.43
N ASP A 796 -27.57 13.40 -6.49
CA ASP A 796 -26.60 12.66 -5.70
C ASP A 796 -25.87 13.52 -4.68
N SER A 797 -25.97 14.85 -4.76
CA SER A 797 -25.37 15.68 -3.74
C SER A 797 -26.09 15.60 -2.41
N ASN A 798 -27.28 14.99 -2.37
CA ASN A 798 -28.07 14.86 -1.16
C ASN A 798 -28.09 13.41 -0.72
N GLY A 799 -27.71 13.16 0.52
CA GLY A 799 -27.82 11.84 1.11
C GLY A 799 -26.78 10.83 0.66
N ASN A 800 -25.72 11.27 -0.01
CA ASN A 800 -24.74 10.32 -0.51
C ASN A 800 -23.94 9.67 0.61
N ARG A 801 -23.73 10.36 1.73
CA ARG A 801 -22.99 9.79 2.86
C ARG A 801 -23.89 9.06 3.83
N GLY A 802 -24.99 9.67 4.25
CA GLY A 802 -25.85 9.05 5.23
C GLY A 802 -26.64 7.89 4.65
N SER A 803 -26.91 6.91 5.50
CA SER A 803 -27.67 5.74 5.07
C SER A 803 -29.07 6.15 4.65
N CYS A 804 -29.36 6.01 3.36
CA CYS A 804 -30.68 6.36 2.86
C CYS A 804 -31.70 5.33 3.33
N GLY A 805 -32.98 5.64 3.06
CA GLY A 805 -34.05 4.73 3.39
C GLY A 805 -33.81 3.36 2.79
N THR A 806 -33.56 2.37 3.64
CA THR A 806 -33.20 1.04 3.18
C THR A 806 -33.59 0.02 4.24
N ALA A 807 -34.09 -1.12 3.78
CA ALA A 807 -34.36 -2.24 4.67
C ALA A 807 -33.03 -2.89 5.08
N VAL A 808 -33.11 -3.96 5.86
CA VAL A 808 -31.93 -4.63 6.39
C VAL A 808 -32.00 -6.10 6.01
N LEU A 809 -30.84 -6.67 5.67
CA LEU A 809 -30.73 -8.06 5.25
C LEU A 809 -30.18 -8.91 6.39
N ASN A 810 -30.90 -9.97 6.72
CA ASN A 810 -30.35 -10.99 7.59
C ASN A 810 -29.33 -11.82 6.83
N VAL A 811 -28.08 -11.80 7.28
CA VAL A 811 -27.01 -12.58 6.67
C VAL A 811 -26.50 -13.56 7.70
N THR A 812 -26.39 -14.83 7.31
CA THR A 812 -25.98 -15.88 8.21
C THR A 812 -24.78 -16.62 7.62
N LEU A 813 -23.95 -17.14 8.49
CA LEU A 813 -22.73 -17.84 8.10
C LEU A 813 -23.02 -19.34 8.09
N GLN A 814 -22.80 -19.97 6.94
CA GLN A 814 -23.13 -21.39 6.82
C GLN A 814 -21.99 -22.27 7.31
N SER A 815 -20.77 -22.02 6.83
CA SER A 815 -19.64 -22.85 7.22
C SER A 815 -18.38 -22.02 7.14
N VAL A 816 -17.34 -22.49 7.84
CA VAL A 816 -16.05 -21.83 7.86
C VAL A 816 -14.97 -22.91 7.85
N GLY A 817 -13.86 -22.60 7.18
CA GLY A 817 -12.77 -23.54 7.07
C GLY A 817 -11.41 -22.91 7.23
N ALA A 818 -10.37 -23.56 6.72
CA ALA A 818 -9.02 -23.02 6.84
C ALA A 818 -8.84 -21.80 5.97
N ASN A 819 -9.25 -21.87 4.71
CA ASN A 819 -9.00 -20.83 3.74
C ASN A 819 -10.26 -20.30 3.07
N SER A 820 -11.44 -20.80 3.44
CA SER A 820 -12.65 -20.42 2.74
C SER A 820 -13.83 -20.44 3.71
N ALA A 821 -14.86 -19.67 3.36
CA ALA A 821 -16.08 -19.64 4.14
C ALA A 821 -17.23 -19.33 3.20
N MET A 822 -18.44 -19.73 3.59
CA MET A 822 -19.62 -19.54 2.78
C MET A 822 -20.61 -18.67 3.52
N LEU A 823 -21.16 -17.68 2.84
CA LEU A 823 -22.19 -16.82 3.41
C LEU A 823 -23.56 -17.25 2.91
N ASN A 824 -24.59 -16.63 3.47
CA ASN A 824 -25.97 -17.03 3.20
C ASN A 824 -26.87 -15.85 3.51
N VAL A 825 -27.47 -15.26 2.48
CA VAL A 825 -28.41 -14.17 2.72
C VAL A 825 -29.78 -14.78 2.99
N THR A 826 -30.29 -14.57 4.20
CA THR A 826 -31.55 -15.19 4.60
C THR A 826 -32.75 -14.44 4.06
N THR A 827 -32.73 -13.11 4.10
CA THR A 827 -33.87 -12.32 3.65
C THR A 827 -34.04 -12.50 2.14
N LYS A 828 -35.11 -13.18 1.74
CA LYS A 828 -35.27 -13.52 0.34
C LYS A 828 -35.73 -12.32 -0.47
N VAL A 829 -35.10 -12.13 -1.62
CA VAL A 829 -35.52 -11.11 -2.57
C VAL A 829 -36.57 -11.68 -3.49
N GLU A 830 -37.35 -10.81 -4.12
CA GLU A 830 -38.39 -11.23 -5.05
C GLU A 830 -38.48 -10.22 -6.18
N ILE A 831 -39.09 -10.64 -7.28
CA ILE A 831 -39.21 -9.83 -8.49
C ILE A 831 -40.69 -9.63 -8.79
N GLY A 832 -41.04 -8.40 -9.17
CA GLY A 832 -42.42 -8.12 -9.52
C GLY A 832 -43.36 -8.31 -8.35
N GLU A 833 -44.57 -8.73 -8.65
CA GLU A 833 -45.56 -8.94 -7.60
C GLU A 833 -45.11 -10.06 -6.68
N PRO A 834 -45.06 -9.84 -5.36
CA PRO A 834 -44.61 -10.90 -4.46
C PRO A 834 -45.66 -11.96 -4.18
N GLN A 835 -46.94 -11.65 -4.36
CA GLN A 835 -48.05 -12.57 -4.13
C GLN A 835 -48.31 -12.76 -2.64
N LYS A 836 -47.43 -12.24 -1.79
CA LYS A 836 -47.69 -12.15 -0.35
C LYS A 836 -46.65 -11.22 0.27
N PRO A 837 -46.90 -9.92 0.29
CA PRO A 837 -45.91 -9.00 0.87
C PRO A 837 -45.82 -9.14 2.38
N SER A 838 -44.75 -8.58 2.93
CA SER A 838 -44.49 -8.56 4.37
C SER A 838 -43.99 -9.91 4.87
N ASN A 839 -43.97 -10.92 4.00
CA ASN A 839 -43.22 -12.15 4.26
C ASN A 839 -41.81 -11.92 3.74
N ALA A 840 -40.99 -11.25 4.55
CA ALA A 840 -39.73 -10.69 4.11
C ALA A 840 -40.02 -9.55 3.13
N THR A 841 -38.97 -8.89 2.65
CA THR A 841 -39.14 -7.72 1.81
C THR A 841 -38.01 -7.65 0.79
N ILE A 842 -37.76 -6.47 0.23
CA ILE A 842 -36.79 -6.30 -0.86
C ILE A 842 -37.44 -6.78 -2.15
N VAL A 843 -38.46 -6.06 -2.60
CA VAL A 843 -39.17 -6.39 -3.83
C VAL A 843 -38.75 -5.41 -4.92
N PHE A 844 -38.24 -5.93 -6.02
CA PHE A 844 -37.85 -5.14 -7.17
C PHE A 844 -38.87 -5.35 -8.28
N LYS A 845 -39.41 -4.24 -8.79
CA LYS A 845 -40.53 -4.33 -9.72
C LYS A 845 -40.12 -5.05 -11.00
N ASP A 846 -38.97 -4.72 -11.55
CA ASP A 846 -38.56 -5.26 -12.84
C ASP A 846 -37.49 -6.32 -12.67
N PRO A 847 -37.59 -7.45 -13.37
CA PRO A 847 -36.49 -8.44 -13.31
C PRO A 847 -35.16 -7.85 -13.74
N ARG A 848 -35.18 -6.93 -14.69
CA ARG A 848 -33.93 -6.30 -15.13
C ARG A 848 -33.28 -5.51 -14.02
N ALA A 849 -34.08 -5.00 -13.07
CA ALA A 849 -33.56 -4.05 -12.10
C ALA A 849 -32.52 -4.68 -11.19
N PHE A 850 -32.77 -5.89 -10.68
CA PHE A 850 -31.92 -6.48 -9.66
C PHE A 850 -30.68 -7.08 -10.31
N ILE A 851 -29.50 -6.61 -9.89
CA ILE A 851 -28.26 -7.16 -10.41
C ILE A 851 -27.75 -8.28 -9.53
N GLY A 852 -28.00 -8.22 -8.22
CA GLY A 852 -27.57 -9.26 -7.32
C GLY A 852 -26.96 -8.74 -6.03
N PHE A 853 -26.79 -9.61 -5.05
CA PHE A 853 -26.13 -9.25 -3.81
C PHE A 853 -24.64 -9.09 -4.05
N VAL A 854 -24.02 -8.21 -3.27
CA VAL A 854 -22.58 -7.96 -3.33
C VAL A 854 -22.02 -8.07 -1.93
N PHE A 855 -20.97 -8.86 -1.77
CA PHE A 855 -20.39 -9.13 -0.46
C PHE A 855 -19.06 -8.41 -0.30
N TYR A 856 -18.83 -7.89 0.89
CA TYR A 856 -17.59 -7.21 1.23
C TYR A 856 -16.91 -7.96 2.36
N HIS A 857 -15.58 -7.90 2.41
CA HIS A 857 -14.87 -8.50 3.53
C HIS A 857 -13.41 -8.06 3.49
N MET A 858 -12.80 -8.03 4.67
CA MET A 858 -11.40 -7.67 4.80
C MET A 858 -10.94 -7.99 6.21
N ILE A 859 -9.63 -8.15 6.36
CA ILE A 859 -9.07 -8.50 7.66
C ILE A 859 -9.45 -7.44 8.67
N ASP A 860 -9.80 -7.87 9.87
CA ASP A 860 -10.26 -6.96 10.92
C ASP A 860 -10.05 -7.61 12.27
N PRO A 861 -8.81 -7.63 12.77
CA PRO A 861 -8.55 -8.30 14.05
C PRO A 861 -9.39 -7.76 15.19
N TYR A 862 -9.61 -6.45 15.24
CA TYR A 862 -10.40 -5.86 16.31
C TYR A 862 -11.90 -5.97 16.08
N GLY A 863 -12.33 -6.35 14.89
CA GLY A 863 -13.75 -6.47 14.62
C GLY A 863 -14.52 -5.19 14.80
N ASN A 864 -13.97 -4.06 14.34
CA ASN A 864 -14.65 -2.77 14.46
C ASN A 864 -14.53 -1.92 13.20
N SER A 865 -14.20 -2.51 12.06
CA SER A 865 -14.02 -1.74 10.84
C SER A 865 -15.33 -1.10 10.41
N THR A 866 -15.23 0.08 9.83
CA THR A 866 -16.41 0.80 9.36
C THR A 866 -16.70 0.45 7.91
N LYS A 867 -17.96 0.62 7.51
CA LYS A 867 -18.37 0.29 6.16
C LYS A 867 -17.58 1.09 5.14
N SER A 868 -17.70 0.68 3.88
CA SER A 868 -17.00 1.36 2.78
C SER A 868 -17.80 2.59 2.36
N SER A 869 -17.17 3.76 2.44
CA SER A 869 -17.81 4.97 1.98
C SER A 869 -17.69 5.09 0.46
N ASP A 870 -18.21 6.19 -0.07
CA ASP A 870 -18.13 6.44 -1.50
C ASP A 870 -16.84 7.18 -1.85
N ASP A 871 -15.85 7.11 -0.95
CA ASP A 871 -14.60 7.78 -1.22
C ASP A 871 -13.95 7.21 -2.48
N PRO A 872 -13.34 8.05 -3.32
CA PRO A 872 -12.81 7.53 -4.58
C PRO A 872 -11.78 6.42 -4.42
N CYS A 873 -10.97 6.44 -3.35
CA CYS A 873 -9.92 5.45 -3.18
C CYS A 873 -9.92 4.89 -1.77
N ASP A 874 -11.09 4.47 -1.29
CA ASP A 874 -11.18 3.64 -0.09
C ASP A 874 -11.11 2.19 -0.52
N ASP A 875 -9.94 1.58 -0.39
CA ASP A 875 -9.70 0.23 -0.88
C ASP A 875 -9.60 -0.81 0.24
N ARG A 876 -10.03 -0.46 1.45
CA ARG A 876 -9.93 -1.40 2.56
C ARG A 876 -10.73 -2.66 2.28
N TRP A 877 -11.98 -2.49 1.86
CA TRP A 877 -12.88 -3.63 1.67
C TRP A 877 -12.61 -4.31 0.35
N LYS A 878 -12.58 -5.64 0.38
CA LYS A 878 -12.38 -6.44 -0.83
C LYS A 878 -13.74 -6.72 -1.45
N VAL A 879 -14.23 -5.75 -2.22
CA VAL A 879 -15.55 -5.88 -2.83
C VAL A 879 -15.57 -7.10 -3.73
N SER A 880 -16.68 -7.83 -3.72
CA SER A 880 -16.85 -9.01 -4.56
C SER A 880 -17.85 -8.74 -5.67
N SER A 881 -17.97 -9.69 -6.58
CA SER A 881 -18.81 -9.54 -7.75
C SER A 881 -20.27 -9.83 -7.41
N PRO A 882 -21.21 -9.26 -8.15
CA PRO A 882 -22.63 -9.52 -7.86
C PRO A 882 -22.97 -10.99 -7.97
N GLU A 883 -23.87 -11.43 -7.10
CA GLU A 883 -24.39 -12.79 -7.10
C GLU A 883 -25.88 -12.76 -6.85
N LYS A 884 -26.66 -13.20 -7.83
CA LYS A 884 -28.11 -13.18 -7.69
C LYS A 884 -28.63 -14.34 -6.86
N SER A 885 -27.81 -15.34 -6.61
CA SER A 885 -28.25 -16.50 -5.84
C SER A 885 -28.17 -16.28 -4.33
N GLY A 886 -27.47 -15.26 -3.88
CA GLY A 886 -27.41 -14.95 -2.47
C GLY A 886 -26.40 -15.75 -1.68
N VAL A 887 -25.53 -16.51 -2.33
CA VAL A 887 -24.51 -17.30 -1.65
C VAL A 887 -23.16 -17.00 -2.28
N MET A 888 -22.13 -16.97 -1.44
CA MET A 888 -20.79 -16.69 -1.92
C MET A 888 -19.79 -17.49 -1.10
N VAL A 889 -18.65 -17.80 -1.71
CA VAL A 889 -17.59 -18.53 -1.05
C VAL A 889 -16.33 -17.69 -1.01
N LEU A 890 -16.15 -16.94 0.06
CA LEU A 890 -14.91 -16.20 0.24
C LEU A 890 -13.74 -17.17 0.20
N SER A 891 -12.66 -16.78 -0.47
CA SER A 891 -11.57 -17.70 -0.72
C SER A 891 -10.23 -17.03 -0.47
N ASN A 892 -9.21 -17.86 -0.28
CA ASN A 892 -7.86 -17.38 0.01
C ASN A 892 -7.83 -16.57 1.29
N LEU A 893 -8.54 -17.04 2.31
CA LEU A 893 -8.50 -16.40 3.61
C LEU A 893 -7.24 -16.80 4.36
N ILE A 894 -6.87 -15.98 5.33
CA ILE A 894 -5.72 -16.28 6.18
C ILE A 894 -6.21 -17.08 7.40
N PRO A 895 -5.72 -18.30 7.61
CA PRO A 895 -6.31 -19.14 8.66
C PRO A 895 -6.17 -18.49 10.03
N TYR A 896 -7.11 -18.86 10.91
CA TYR A 896 -7.06 -18.41 12.30
C TYR A 896 -6.91 -16.91 12.39
N THR A 897 -7.74 -16.17 11.65
CA THR A 897 -7.75 -14.71 11.71
C THR A 897 -9.19 -14.23 11.72
N ASN A 898 -9.42 -13.06 12.31
CA ASN A 898 -10.75 -12.48 12.33
C ASN A 898 -11.04 -11.78 11.03
N TYR A 899 -12.30 -11.82 10.60
CA TYR A 899 -12.76 -11.14 9.40
C TYR A 899 -14.04 -10.39 9.71
N SER A 900 -14.30 -9.35 8.93
CA SER A 900 -15.57 -8.63 8.98
C SER A 900 -16.15 -8.58 7.57
N TYR A 901 -17.46 -8.80 7.47
CA TYR A 901 -18.11 -8.88 6.18
C TYR A 901 -19.52 -8.35 6.29
N TYR A 902 -20.03 -7.82 5.19
CA TYR A 902 -21.39 -7.31 5.14
C TYR A 902 -21.86 -7.31 3.70
N VAL A 903 -23.16 -7.17 3.52
CA VAL A 903 -23.79 -7.36 2.22
C VAL A 903 -24.57 -6.12 1.86
N ARG A 904 -24.78 -5.92 0.55
CA ARG A 904 -25.65 -4.86 0.08
C ARG A 904 -26.20 -5.25 -1.29
N THR A 905 -27.43 -4.82 -1.55
CA THR A 905 -28.07 -5.11 -2.83
C THR A 905 -27.61 -4.10 -3.88
N MET A 906 -27.31 -4.60 -5.07
CA MET A 906 -26.92 -3.76 -6.19
C MET A 906 -27.95 -3.90 -7.30
N ALA A 907 -28.44 -2.76 -7.79
CA ALA A 907 -29.43 -2.73 -8.85
C ALA A 907 -29.14 -1.54 -9.74
N ILE A 908 -29.74 -1.57 -10.94
CA ILE A 908 -29.58 -0.43 -11.86
C ILE A 908 -29.99 0.84 -11.14
N SER A 909 -29.25 1.92 -11.40
CA SER A 909 -29.38 3.13 -10.61
C SER A 909 -30.80 3.71 -10.63
N SER A 910 -31.61 3.37 -11.63
CA SER A 910 -32.98 3.87 -11.66
C SER A 910 -33.81 3.34 -10.51
N GLU A 911 -33.46 2.18 -9.97
CA GLU A 911 -34.23 1.56 -8.89
C GLU A 911 -33.66 2.02 -7.55
N LEU A 912 -34.44 2.78 -6.80
CA LEU A 912 -33.98 3.33 -5.53
C LEU A 912 -34.10 2.34 -4.37
N THR A 913 -34.83 1.25 -4.54
CA THR A 913 -34.93 0.25 -3.48
C THR A 913 -33.57 -0.34 -3.19
N ASN A 914 -33.22 -0.43 -1.91
CA ASN A 914 -31.89 -0.86 -1.52
C ASN A 914 -31.93 -1.43 -0.11
N ALA A 915 -30.96 -2.28 0.20
CA ALA A 915 -30.86 -2.87 1.52
C ALA A 915 -29.42 -3.26 1.79
N GLU A 916 -29.09 -3.42 3.06
CA GLU A 916 -27.74 -3.79 3.48
C GLU A 916 -27.84 -4.60 4.75
N SER A 917 -26.73 -5.28 5.09
CA SER A 917 -26.66 -6.03 6.31
C SER A 917 -25.77 -5.31 7.32
N ASP A 918 -25.87 -5.73 8.57
CA ASP A 918 -24.95 -5.21 9.59
C ASP A 918 -23.56 -5.79 9.37
N VAL A 919 -22.58 -5.18 10.01
CA VAL A 919 -21.20 -5.61 9.85
C VAL A 919 -20.94 -6.77 10.77
N LYS A 920 -21.26 -7.98 10.33
CA LYS A 920 -21.02 -9.17 11.13
C LYS A 920 -19.52 -9.42 11.25
N ASN A 921 -19.18 -10.52 11.91
CA ASN A 921 -17.77 -10.87 12.06
C ASN A 921 -17.65 -12.38 12.31
N PHE A 922 -16.50 -12.92 11.92
CA PHE A 922 -16.22 -14.33 12.12
C PHE A 922 -14.72 -14.55 12.02
N ARG A 923 -14.28 -15.73 12.46
CA ARG A 923 -12.86 -16.07 12.47
C ARG A 923 -12.68 -17.45 11.87
N THR A 924 -11.67 -17.59 11.02
CA THR A 924 -11.46 -18.84 10.32
C THR A 924 -10.99 -19.93 11.28
N ASN A 925 -10.80 -21.13 10.74
CA ASN A 925 -10.31 -22.26 11.52
C ASN A 925 -8.80 -22.23 11.59
N PRO A 926 -8.19 -23.04 12.46
CA PRO A 926 -6.75 -22.95 12.66
C PRO A 926 -5.92 -23.12 11.39
N GLY A 927 -6.06 -24.26 10.71
CA GLY A 927 -5.19 -24.49 9.56
C GLY A 927 -3.84 -25.05 10.00
N ARG A 928 -2.82 -24.77 9.19
CA ARG A 928 -1.49 -25.34 9.40
C ARG A 928 -0.56 -24.33 10.06
N PRO A 929 0.09 -24.67 11.16
CA PRO A 929 1.00 -23.72 11.80
C PRO A 929 2.26 -23.49 10.97
N SER A 930 2.85 -22.32 11.17
CA SER A 930 4.02 -21.93 10.38
C SER A 930 5.28 -22.61 10.91
N LYS A 931 6.31 -22.61 10.08
CA LYS A 931 7.57 -23.23 10.46
C LYS A 931 8.20 -22.50 11.63
N VAL A 932 8.87 -23.25 12.51
CA VAL A 932 9.60 -22.65 13.61
C VAL A 932 10.82 -21.93 13.05
N THR A 933 11.10 -20.75 13.57
CA THR A 933 12.18 -19.93 13.06
C THR A 933 13.38 -19.92 13.99
N GLU A 934 14.55 -19.66 13.42
CA GLU A 934 15.78 -19.49 14.19
C GLU A 934 16.22 -20.77 14.87
N VAL A 935 16.20 -21.89 14.15
CA VAL A 935 16.71 -23.14 14.69
C VAL A 935 18.24 -23.12 14.57
N VAL A 936 18.92 -23.20 15.71
CA VAL A 936 20.38 -23.16 15.75
C VAL A 936 20.86 -24.35 16.57
N ALA A 937 21.82 -25.09 16.02
CA ALA A 937 22.37 -26.28 16.67
C ALA A 937 23.84 -26.04 16.99
N THR A 938 24.21 -26.29 18.24
CA THR A 938 25.58 -26.10 18.70
C THR A 938 26.05 -27.37 19.40
N ALA A 939 27.28 -27.78 19.12
CA ALA A 939 27.85 -28.97 19.76
C ALA A 939 28.40 -28.58 21.13
N ILE A 940 28.03 -29.35 22.15
CA ILE A 940 28.52 -29.07 23.49
C ILE A 940 29.66 -29.99 23.89
N SER A 941 29.61 -31.25 23.48
CA SER A 941 30.65 -32.22 23.82
C SER A 941 30.66 -33.30 22.75
N ASP A 942 31.34 -34.40 23.06
CA ASP A 942 31.36 -35.54 22.15
C ASP A 942 30.00 -36.23 22.04
N SER A 943 29.12 -36.02 23.01
CA SER A 943 27.86 -36.76 23.03
C SER A 943 26.65 -35.92 23.42
N LYS A 944 26.70 -34.60 23.34
CA LYS A 944 25.58 -33.74 23.68
C LYS A 944 25.45 -32.64 22.65
N ILE A 945 24.30 -32.58 21.99
CA ILE A 945 23.96 -31.51 21.06
C ILE A 945 22.94 -30.61 21.71
N ASN A 946 22.95 -29.34 21.35
CA ASN A 946 22.19 -28.30 22.04
C ASN A 946 21.43 -27.49 20.99
N VAL A 947 20.12 -27.69 20.93
CA VAL A 947 19.26 -27.08 19.92
C VAL A 947 18.49 -25.94 20.57
N THR A 948 18.42 -24.81 19.90
CA THR A 948 17.65 -23.67 20.36
C THR A 948 16.85 -23.09 19.22
N TRP A 949 15.69 -22.51 19.54
CA TRP A 949 14.78 -21.98 18.54
C TRP A 949 13.91 -20.92 19.16
N SER A 950 13.09 -20.29 18.32
CA SER A 950 12.12 -19.31 18.78
C SER A 950 11.02 -19.18 17.74
N TYR A 951 9.79 -19.01 18.22
CA TYR A 951 8.63 -18.93 17.35
C TYR A 951 8.29 -17.47 17.06
N LEU A 952 8.89 -16.95 15.98
CA LEU A 952 8.72 -15.56 15.61
C LEU A 952 7.73 -15.42 14.47
N ASP A 953 6.77 -16.33 14.38
CA ASP A 953 5.79 -16.31 13.31
C ASP A 953 4.41 -16.60 13.88
N LYS A 954 3.39 -16.27 13.10
CA LYS A 954 2.03 -16.53 13.53
C LYS A 954 1.82 -18.02 13.74
N PRO A 955 1.24 -18.46 14.86
CA PRO A 955 1.05 -19.89 15.07
C PRO A 955 -0.15 -20.47 14.33
N TYR A 956 -1.02 -19.63 13.78
CA TYR A 956 -2.23 -20.11 13.10
C TYR A 956 -2.98 -21.11 13.97
N GLY A 957 -3.17 -20.73 15.23
CA GLY A 957 -3.85 -21.57 16.20
C GLY A 957 -3.12 -21.54 17.52
N VAL A 958 -3.36 -22.57 18.33
CA VAL A 958 -2.67 -22.73 19.61
C VAL A 958 -1.79 -23.96 19.49
N LEU A 959 -0.48 -23.77 19.63
CA LEU A 959 0.49 -24.83 19.48
C LEU A 959 0.61 -25.55 20.82
N THR A 960 0.01 -26.73 20.90
CA THR A 960 -0.03 -27.44 22.16
C THR A 960 1.31 -28.08 22.50
N ARG A 961 2.12 -28.39 21.49
CA ARG A 961 3.33 -29.16 21.74
C ARG A 961 4.30 -29.01 20.57
N TYR A 962 5.58 -28.92 20.90
CA TYR A 962 6.65 -29.01 19.91
C TYR A 962 7.02 -30.46 19.67
N PHE A 963 8.01 -30.68 18.82
CA PHE A 963 8.50 -32.01 18.54
C PHE A 963 9.91 -31.92 17.98
N ILE A 964 10.88 -32.46 18.72
CA ILE A 964 12.28 -32.45 18.34
C ILE A 964 12.69 -33.87 17.97
N LYS A 965 13.36 -34.02 16.85
CA LYS A 965 13.81 -35.32 16.39
C LYS A 965 15.21 -35.20 15.83
N ALA A 966 16.08 -36.12 16.25
CA ALA A 966 17.46 -36.17 15.76
C ALA A 966 17.75 -37.59 15.31
N LYS A 967 18.20 -37.72 14.07
CA LYS A 967 18.51 -39.02 13.47
C LYS A 967 19.92 -38.99 12.92
N LEU A 968 20.67 -40.07 13.15
CA LEU A 968 22.05 -40.13 12.75
C LEU A 968 22.17 -40.18 11.23
N ILE A 969 22.87 -39.22 10.66
CA ILE A 969 23.30 -39.32 9.27
C ILE A 969 24.56 -40.17 9.23
N ASN A 970 24.72 -40.94 8.16
CA ASN A 970 25.82 -41.88 8.08
C ASN A 970 27.15 -41.13 8.21
N ARG A 971 28.11 -41.76 8.88
CA ARG A 971 29.36 -41.09 9.22
C ARG A 971 30.09 -40.67 7.95
N PRO A 972 30.83 -39.56 8.00
CA PRO A 972 31.67 -39.19 6.86
C PRO A 972 32.63 -40.32 6.50
N THR A 973 33.05 -40.38 5.24
CA THR A 973 33.85 -41.50 4.75
C THR A 973 35.05 -40.98 3.99
N ARG A 974 36.12 -41.79 3.98
CA ARG A 974 37.29 -41.48 3.18
C ARG A 974 37.02 -41.82 1.72
N ASN A 975 37.18 -40.82 0.84
CA ASN A 975 37.08 -41.08 -0.58
C ASN A 975 38.38 -41.72 -1.07
N ASN A 976 38.24 -42.58 -2.08
CA ASN A 976 39.37 -43.42 -2.50
C ASN A 976 40.55 -42.57 -2.95
N ASN A 977 40.30 -41.51 -3.71
CA ASN A 977 41.36 -40.70 -4.30
C ASN A 977 42.06 -39.79 -3.29
N ARG A 978 41.79 -39.94 -2.00
CA ARG A 978 42.49 -39.14 -1.00
C ARG A 978 43.98 -39.40 -1.06
N ASP A 979 44.77 -38.32 -1.07
CA ASP A 979 46.22 -38.43 -1.14
C ASP A 979 46.85 -38.33 0.25
N TYR A 980 46.57 -39.33 1.08
CA TYR A 980 47.06 -39.31 2.46
C TYR A 980 48.55 -39.67 2.52
N CYS A 981 49.20 -39.21 3.59
CA CYS A 981 50.64 -39.40 3.80
C CYS A 981 51.45 -38.62 2.79
N THR A 982 50.77 -37.92 1.87
CA THR A 982 51.43 -36.99 0.97
C THR A 982 50.72 -35.65 0.96
N GLU A 983 49.42 -35.65 1.29
CA GLU A 983 48.66 -34.41 1.51
C GLU A 983 47.84 -34.59 2.78
N PRO A 984 48.50 -34.63 3.93
CA PRO A 984 47.77 -34.80 5.20
C PRO A 984 46.91 -33.58 5.50
N LEU A 985 45.85 -33.81 6.26
CA LEU A 985 44.96 -32.76 6.72
C LEU A 985 44.85 -32.81 8.23
N VAL A 986 44.87 -31.63 8.86
CA VAL A 986 44.83 -31.57 10.32
C VAL A 986 43.41 -31.64 10.83
N LYS A 987 42.47 -31.01 10.12
CA LYS A 987 41.09 -30.91 10.60
C LYS A 987 40.14 -30.89 9.42
N ALA A 988 38.92 -31.38 9.67
CA ALA A 988 37.84 -31.29 8.68
C ALA A 988 36.52 -31.36 9.44
N MET A 989 35.98 -30.20 9.81
CA MET A 989 34.77 -30.14 10.62
C MET A 989 33.83 -29.04 10.13
N GLU A 990 33.97 -28.64 8.88
CA GLU A 990 33.27 -27.47 8.36
C GLU A 990 31.86 -27.79 7.86
N ASN A 991 31.41 -29.05 7.96
CA ASN A 991 30.07 -29.40 7.51
C ASN A 991 29.01 -28.55 8.20
N ALA A 1031 7.53 -7.67 -24.89
CA ALA A 1031 7.60 -8.59 -23.77
C ALA A 1031 7.28 -10.02 -24.20
N GLY A 1032 7.15 -10.22 -25.50
CA GLY A 1032 6.79 -11.54 -26.04
C GLY A 1032 5.32 -11.86 -25.95
N MET A 1033 4.71 -11.66 -24.78
CA MET A 1033 3.29 -11.90 -24.63
C MET A 1033 2.43 -10.92 -25.41
N GLU A 1034 3.00 -9.81 -25.88
CA GLU A 1034 2.20 -8.82 -26.60
C GLU A 1034 1.52 -9.43 -27.82
N PHE A 1035 2.14 -10.41 -28.47
CA PHE A 1035 1.47 -11.09 -29.57
C PHE A 1035 0.21 -11.79 -29.07
N GLU A 1036 0.28 -12.41 -27.89
CA GLU A 1036 -0.90 -13.04 -27.35
C GLU A 1036 -2.01 -12.03 -27.11
N ASN A 1037 -1.64 -10.84 -26.62
CA ASN A 1037 -2.65 -9.80 -26.41
C ASN A 1037 -3.25 -9.37 -27.74
N ALA A 1038 -2.42 -9.19 -28.76
CA ALA A 1038 -2.95 -8.78 -30.06
C ALA A 1038 -3.85 -9.84 -30.65
N LEU A 1039 -3.59 -11.10 -30.34
CA LEU A 1039 -4.47 -12.18 -30.82
C LEU A 1039 -5.78 -12.21 -30.05
N GLN A 1040 -5.72 -12.06 -28.73
CA GLN A 1040 -6.94 -12.07 -27.93
C GLN A 1040 -7.85 -10.90 -28.33
N ASN A 1041 -7.28 -9.72 -28.52
CA ASN A 1041 -8.09 -8.58 -28.89
C ASN A 1041 -8.94 -8.88 -30.11
N PHE A 1042 -8.41 -9.68 -31.05
CA PHE A 1042 -9.13 -9.97 -32.27
C PHE A 1042 -10.05 -11.18 -32.13
N ILE A 1043 -9.70 -12.14 -31.28
CA ILE A 1043 -10.48 -13.36 -31.21
C ILE A 1043 -11.86 -13.16 -30.60
N PHE A 1044 -11.97 -12.30 -29.59
CA PHE A 1044 -13.23 -12.08 -28.90
C PHE A 1044 -13.92 -10.83 -29.45
N VAL A 1045 -15.25 -10.88 -29.53
CA VAL A 1045 -16.02 -9.73 -29.98
C VAL A 1045 -17.33 -9.70 -29.20
N PRO A 1046 -17.68 -8.60 -28.56
CA PRO A 1046 -18.89 -8.60 -27.73
C PRO A 1046 -20.15 -8.77 -28.56
N ASN A 1047 -21.13 -9.43 -27.97
CA ASN A 1047 -22.41 -9.64 -28.64
C ASN A 1047 -23.30 -8.42 -28.48
N ILE A 1048 -24.28 -8.29 -29.36
CA ILE A 1048 -25.20 -7.17 -29.35
C ILE A 1048 -26.64 -7.68 -29.36
N ASP A 1119 11.58 -38.11 6.47
CA ASP A 1119 11.26 -36.71 6.23
C ASP A 1119 9.75 -36.50 6.19
N ASP A 1120 9.02 -37.54 5.79
CA ASP A 1120 7.57 -37.48 5.72
C ASP A 1120 6.98 -37.84 7.08
N GLU A 1121 7.16 -36.97 8.07
CA GLU A 1121 6.69 -37.22 9.44
C GLU A 1121 5.20 -36.94 9.50
N ASN A 1122 4.42 -37.82 8.87
CA ASN A 1122 2.97 -37.70 8.96
C ASN A 1122 2.49 -37.87 10.39
N THR A 1123 3.04 -38.84 11.11
CA THR A 1123 2.71 -39.06 12.51
C THR A 1123 3.99 -39.38 13.25
N TYR A 1124 3.98 -39.14 14.56
CA TYR A 1124 5.18 -39.19 15.37
C TYR A 1124 4.86 -39.80 16.73
N LYS A 1125 5.91 -40.30 17.38
CA LYS A 1125 5.82 -40.77 18.76
C LYS A 1125 7.17 -40.57 19.42
N ASP A 1126 7.16 -40.49 20.75
CA ASP A 1126 8.41 -40.46 21.48
C ASP A 1126 9.18 -41.75 21.24
N GLU A 1127 10.46 -41.63 20.90
CA GLU A 1127 11.24 -42.80 20.52
C GLU A 1127 12.72 -42.55 20.82
N GLU A 1128 13.43 -43.64 21.14
CA GLU A 1128 14.85 -43.60 21.47
C GLU A 1128 15.45 -44.93 21.00
N ASP A 1129 16.01 -44.93 19.79
CA ASP A 1129 16.58 -46.13 19.19
C ASP A 1129 18.04 -46.23 19.59
N LEU A 1130 18.30 -46.91 20.71
CA LEU A 1130 19.67 -47.10 21.16
C LEU A 1130 20.43 -47.97 20.17
N SER A 1131 21.74 -47.76 20.10
CA SER A 1131 22.56 -48.46 19.12
C SER A 1131 22.58 -49.97 19.41
N SER A 1132 23.20 -50.71 18.49
CA SER A 1132 23.32 -52.15 18.68
C SER A 1132 24.15 -52.47 19.91
N ASN A 1133 25.24 -51.73 20.12
CA ASN A 1133 26.11 -51.94 21.27
C ASN A 1133 25.60 -51.25 22.52
N LYS A 1134 24.45 -50.59 22.45
CA LYS A 1134 23.84 -49.90 23.60
C LYS A 1134 24.75 -48.82 24.16
N GLN A 1135 25.49 -48.13 23.30
CA GLN A 1135 26.39 -47.07 23.74
C GLN A 1135 25.94 -45.68 23.30
N PHE A 1136 25.10 -45.58 22.27
CA PHE A 1136 24.70 -44.29 21.74
C PHE A 1136 23.33 -44.43 21.08
N TYR A 1137 22.67 -43.29 20.91
CA TYR A 1137 21.34 -43.28 20.30
C TYR A 1137 21.46 -43.19 18.78
N GLU A 1138 20.72 -44.04 18.08
CA GLU A 1138 20.67 -43.95 16.62
C GLU A 1138 19.75 -42.83 16.18
N VAL A 1139 18.54 -42.79 16.72
CA VAL A 1139 17.61 -41.68 16.49
C VAL A 1139 16.91 -41.37 17.80
N PHE A 1140 16.76 -40.08 18.08
CA PHE A 1140 16.16 -39.63 19.32
C PHE A 1140 15.12 -38.56 18.99
N ALA A 1141 13.95 -38.66 19.61
CA ALA A 1141 12.91 -37.67 19.41
C ALA A 1141 12.02 -37.63 20.64
N LYS A 1142 11.56 -36.44 21.00
CA LYS A 1142 10.78 -36.25 22.20
C LYS A 1142 9.77 -35.14 22.01
N GLU A 1143 8.57 -35.35 22.51
CA GLU A 1143 7.54 -34.32 22.50
C GLU A 1143 7.77 -33.36 23.66
N LEU A 1144 7.63 -32.07 23.40
CA LEU A 1144 7.90 -31.07 24.41
C LEU A 1144 6.71 -30.12 24.58
N PRO A 1145 6.50 -29.59 25.77
CA PRO A 1145 5.46 -28.57 25.95
C PRO A 1145 5.91 -27.25 25.35
N PRO A 1146 4.98 -26.31 25.13
CA PRO A 1146 5.36 -25.03 24.50
C PRO A 1146 6.30 -24.18 25.33
N ASN A 1147 6.65 -24.60 26.55
CA ASN A 1147 7.58 -23.82 27.35
C ASN A 1147 8.91 -23.65 26.64
N GLN A 1148 9.44 -24.75 26.11
CA GLN A 1148 10.87 -24.84 25.83
C GLN A 1148 11.25 -24.11 24.56
N THR A 1149 12.33 -23.35 24.63
CA THR A 1149 12.97 -22.78 23.45
C THR A 1149 14.33 -23.41 23.18
N HIS A 1150 14.69 -24.46 23.93
CA HIS A 1150 15.95 -25.14 23.72
C HIS A 1150 15.90 -26.52 24.34
N PHE A 1151 16.67 -27.45 23.78
CA PHE A 1151 16.73 -28.80 24.29
C PHE A 1151 18.09 -29.39 23.93
N VAL A 1152 18.63 -30.19 24.86
CA VAL A 1152 19.96 -30.77 24.71
C VAL A 1152 19.84 -32.28 24.82
N PHE A 1153 20.35 -32.98 23.81
CA PHE A 1153 20.37 -34.44 23.85
C PHE A 1153 21.54 -34.92 24.71
N GLU A 1154 21.70 -36.24 24.78
CA GLU A 1154 22.85 -36.82 25.47
C GLU A 1154 23.08 -38.22 24.93
N LYS A 1155 24.26 -38.76 25.26
CA LYS A 1155 24.64 -40.10 24.83
C LYS A 1155 24.70 -40.19 23.31
N LEU A 1156 25.00 -39.07 22.66
CA LEU A 1156 25.11 -39.05 21.21
C LEU A 1156 26.48 -39.56 20.78
N ARG A 1157 26.54 -40.16 19.60
CA ARG A 1157 27.78 -40.77 19.14
C ARG A 1157 28.81 -39.69 18.83
N HIS A 1158 30.06 -39.95 19.22
CA HIS A 1158 31.13 -38.99 18.98
C HIS A 1158 31.40 -38.84 17.49
N PHE A 1159 31.73 -37.62 17.09
CA PHE A 1159 32.03 -37.29 15.70
C PHE A 1159 31.05 -37.93 14.73
N THR A 1160 29.77 -37.55 14.83
CA THR A 1160 28.76 -37.98 13.88
C THR A 1160 27.78 -36.83 13.69
N ARG A 1161 27.32 -36.67 12.45
CA ARG A 1161 26.44 -35.57 12.08
C ARG A 1161 25.00 -36.01 12.21
N TYR A 1162 24.19 -35.18 12.88
CA TYR A 1162 22.80 -35.50 13.16
C TYR A 1162 21.90 -34.44 12.55
N ALA A 1163 20.89 -34.88 11.81
CA ALA A 1163 19.87 -34.00 11.26
C ALA A 1163 18.82 -33.74 12.34
N ILE A 1164 18.40 -32.49 12.47
CA ILE A 1164 17.57 -32.06 13.59
C ILE A 1164 16.24 -31.53 13.05
N PHE A 1165 15.14 -32.09 13.54
CA PHE A 1165 13.82 -31.52 13.29
C PHE A 1165 13.49 -30.48 14.33
N VAL A 1166 12.55 -29.60 13.99
CA VAL A 1166 11.82 -28.80 14.96
C VAL A 1166 10.43 -28.60 14.39
N VAL A 1167 9.42 -29.16 15.04
CA VAL A 1167 8.06 -29.14 14.52
C VAL A 1167 7.12 -28.68 15.60
N ALA A 1168 6.23 -27.75 15.26
CA ALA A 1168 5.19 -27.27 16.15
C ALA A 1168 3.84 -27.80 15.65
N CYS A 1169 3.02 -28.26 16.58
CA CYS A 1169 1.73 -28.85 16.26
C CYS A 1169 0.64 -28.08 16.98
N ARG A 1170 -0.50 -27.91 16.31
CA ARG A 1170 -1.60 -27.16 16.88
C ARG A 1170 -2.62 -28.10 17.54
N GLU A 1171 -3.52 -27.49 18.32
CA GLU A 1171 -4.60 -28.24 18.90
C GLU A 1171 -5.61 -28.64 17.83
N GLU A 1172 -6.41 -29.65 18.12
CA GLU A 1172 -7.35 -30.23 17.16
C GLU A 1172 -8.75 -29.71 17.43
N ILE A 1173 -9.36 -29.11 16.42
CA ILE A 1173 -10.75 -28.68 16.52
C ILE A 1173 -11.65 -29.91 16.51
N PRO A 1174 -12.79 -29.91 17.21
CA PRO A 1174 -13.61 -31.13 17.24
C PRO A 1174 -14.00 -31.63 15.86
N SER A 1175 -14.31 -30.74 14.92
CA SER A 1175 -14.69 -31.17 13.59
C SER A 1175 -13.55 -31.91 12.92
N GLU A 1176 -12.35 -31.31 12.89
CA GLU A 1176 -11.21 -31.96 12.28
C GLU A 1176 -10.84 -33.25 13.01
N LYS A 1177 -11.20 -33.35 14.28
CA LYS A 1177 -10.85 -34.53 15.05
C LYS A 1177 -11.53 -35.79 14.51
N LEU A 1178 -12.69 -35.65 13.88
CA LEU A 1178 -13.42 -36.81 13.37
C LEU A 1178 -13.77 -36.65 11.90
N ARG A 1179 -14.10 -35.42 11.49
CA ARG A 1179 -14.53 -35.21 10.11
C ARG A 1179 -13.46 -35.64 9.12
N ASP A 1180 -12.21 -35.24 9.34
CA ASP A 1180 -11.10 -35.68 8.49
C ASP A 1180 -10.66 -37.07 8.94
N THR A 1181 -11.47 -38.06 8.52
CA THR A 1181 -11.33 -39.41 9.05
C THR A 1181 -9.94 -39.97 8.78
N SER A 1182 -9.50 -39.95 7.52
CA SER A 1182 -8.26 -40.67 7.18
C SER A 1182 -7.38 -39.93 6.19
N PHE A 1183 -7.33 -38.61 6.18
CA PHE A 1183 -6.56 -37.91 5.15
C PHE A 1183 -6.08 -36.56 5.67
N LYS A 1184 -4.93 -36.14 5.14
CA LYS A 1184 -4.42 -34.78 5.33
C LYS A 1184 -4.17 -34.44 6.80
N LYS A 1185 -5.20 -33.94 7.49
CA LYS A 1185 -5.05 -33.40 8.83
C LYS A 1185 -4.10 -32.20 8.80
N SER A 1186 -2.82 -32.44 8.52
CA SER A 1186 -1.83 -31.39 8.39
C SER A 1186 -1.80 -30.47 9.61
N LEU A 1187 -2.03 -31.03 10.80
CA LEU A 1187 -2.10 -30.21 12.00
C LEU A 1187 -0.73 -29.82 12.53
N CYS A 1188 0.35 -30.34 11.95
CA CYS A 1188 1.70 -30.02 12.39
C CYS A 1188 2.44 -29.25 11.31
N SER A 1189 3.29 -28.32 11.74
CA SER A 1189 3.93 -27.39 10.82
C SER A 1189 4.95 -28.11 9.94
N ASP A 1190 5.33 -27.44 8.87
CA ASP A 1190 6.45 -27.88 8.06
C ASP A 1190 7.76 -27.50 8.76
N TYR A 1191 8.87 -27.99 8.21
CA TYR A 1191 10.16 -27.77 8.84
C TYR A 1191 11.26 -27.85 7.79
N ASP A 1192 12.46 -27.45 8.21
CA ASP A 1192 13.67 -27.59 7.41
C ASP A 1192 14.78 -28.11 8.30
N THR A 1193 15.47 -29.15 7.84
CA THR A 1193 16.46 -29.82 8.68
C THR A 1193 17.63 -28.89 8.97
N VAL A 1194 18.29 -29.15 10.10
CA VAL A 1194 19.52 -28.48 10.47
C VAL A 1194 20.54 -29.55 10.86
N PHE A 1195 21.77 -29.38 10.39
CA PHE A 1195 22.83 -30.36 10.60
C PHE A 1195 23.86 -29.82 11.58
N GLN A 1196 24.32 -30.69 12.47
CA GLN A 1196 25.39 -30.37 13.39
C GLN A 1196 26.15 -31.64 13.68
N THR A 1197 27.39 -31.50 14.12
CA THR A 1197 28.31 -32.62 14.29
C THR A 1197 28.86 -32.63 15.71
N THR A 1198 28.93 -33.82 16.30
CA THR A 1198 29.62 -33.99 17.56
C THR A 1198 31.13 -33.85 17.35
N LYS A 1199 31.83 -33.36 18.37
CA LYS A 1199 33.26 -33.13 18.24
C LYS A 1199 34.02 -34.44 18.39
N ARG A 1200 35.35 -34.38 18.29
CA ARG A 1200 36.17 -35.56 18.11
C ARG A 1200 36.46 -36.31 19.41
N LYS A 1201 35.40 -36.72 20.11
CA LYS A 1201 35.54 -37.60 21.26
C LYS A 1201 36.49 -37.01 22.30
N LYS A 1202 37.09 -37.87 23.11
CA LYS A 1202 37.93 -37.43 24.21
C LYS A 1202 39.28 -36.95 23.69
N PHE A 1203 40.13 -36.55 24.63
CA PHE A 1203 41.49 -36.13 24.33
C PHE A 1203 42.42 -37.33 24.25
N ALA A 1204 41.86 -38.53 24.15
CA ALA A 1204 42.64 -39.75 24.14
C ALA A 1204 41.92 -40.77 23.27
N ASP A 1205 42.29 -42.05 23.45
CA ASP A 1205 41.69 -43.16 22.71
C ASP A 1205 41.91 -42.99 21.21
N ILE A 1206 43.18 -43.05 20.82
CA ILE A 1206 43.57 -42.97 19.42
C ILE A 1206 44.33 -44.23 19.03
N VAL A 1207 45.36 -44.57 19.82
CA VAL A 1207 46.10 -45.81 19.62
C VAL A 1207 46.59 -46.29 20.97
N MET A 1208 46.89 -47.59 21.06
CA MET A 1208 47.27 -48.20 22.32
C MET A 1208 47.92 -49.54 22.06
N ASP A 1209 48.48 -50.12 23.13
CA ASP A 1209 49.08 -51.44 23.08
C ASP A 1209 50.28 -51.46 22.14
N LEU A 1210 51.20 -50.52 22.33
CA LEU A 1210 52.36 -50.43 21.46
C LEU A 1210 53.54 -51.19 22.05
N LYS A 1211 54.34 -51.80 21.17
CA LYS A 1211 55.58 -52.44 21.57
C LYS A 1211 56.50 -52.52 20.37
N VAL A 1212 57.79 -52.73 20.65
CA VAL A 1212 58.83 -52.76 19.62
C VAL A 1212 59.68 -54.00 19.85
N ASP A 1213 60.34 -54.47 18.79
CA ASP A 1213 61.15 -55.67 18.86
C ASP A 1213 62.01 -55.74 17.61
N LEU A 1214 62.88 -56.77 17.57
CA LEU A 1214 63.76 -57.01 16.44
C LEU A 1214 63.88 -58.51 16.24
N GLU A 1215 64.32 -58.90 15.04
CA GLU A 1215 64.37 -60.31 14.68
C GLU A 1215 65.28 -61.10 15.61
N HIS A 1216 66.50 -60.61 15.81
CA HIS A 1216 67.45 -61.29 16.69
C HIS A 1216 68.54 -60.34 17.17
N GLU A 1221 72.34 -57.22 13.15
CA GLU A 1221 71.93 -56.54 11.93
C GLU A 1221 70.44 -56.72 11.69
N SER A 1222 69.71 -57.09 12.73
CA SER A 1222 68.29 -57.37 12.58
C SER A 1222 67.53 -56.06 12.38
N PRO A 1223 66.48 -56.06 11.56
CA PRO A 1223 65.64 -54.87 11.45
C PRO A 1223 64.75 -54.69 12.67
N VAL A 1224 64.33 -53.46 12.90
CA VAL A 1224 63.47 -53.14 14.03
C VAL A 1224 62.01 -53.27 13.62
N ARG A 1225 61.21 -53.82 14.53
CA ARG A 1225 59.78 -53.99 14.31
C ARG A 1225 59.01 -53.30 15.43
N VAL A 1226 57.92 -52.64 15.06
CA VAL A 1226 57.06 -51.92 16.00
C VAL A 1226 55.65 -52.43 15.81
N ARG A 1227 54.96 -52.71 16.92
CA ARG A 1227 53.62 -53.26 16.90
C ARG A 1227 52.67 -52.35 17.67
N TRP A 1228 51.39 -52.39 17.29
CA TRP A 1228 50.36 -51.66 18.02
C TRP A 1228 49.00 -52.24 17.65
N THR A 1229 48.03 -51.97 18.52
CA THR A 1229 46.65 -52.40 18.28
C THR A 1229 45.83 -51.21 17.80
N PRO A 1230 45.11 -51.33 16.69
CA PRO A 1230 44.37 -50.17 16.17
C PRO A 1230 43.24 -49.78 17.10
N PRO A 1231 42.76 -48.55 17.04
CA PRO A 1231 41.66 -48.13 17.91
C PRO A 1231 40.39 -48.92 17.63
N VAL A 1232 39.57 -49.10 18.66
CA VAL A 1232 38.36 -49.87 18.51
C VAL A 1232 37.23 -49.03 17.89
N ASP A 1233 37.15 -47.76 18.23
CA ASP A 1233 36.10 -46.88 17.71
C ASP A 1233 36.65 -45.46 17.61
N PRO A 1234 37.54 -45.21 16.66
CA PRO A 1234 38.14 -43.88 16.55
C PRO A 1234 37.19 -42.85 15.95
N ASN A 1235 37.63 -41.61 15.86
CA ASN A 1235 36.84 -40.55 15.24
C ASN A 1235 36.82 -40.74 13.73
N GLY A 1236 36.02 -41.69 13.26
CA GLY A 1236 36.02 -42.04 11.85
C GLY A 1236 37.12 -43.03 11.54
N GLU A 1237 37.14 -43.57 10.33
CA GLU A 1237 38.13 -44.57 9.97
C GLU A 1237 39.54 -43.97 10.01
N ILE A 1238 40.49 -44.77 10.45
CA ILE A 1238 41.89 -44.34 10.46
C ILE A 1238 42.38 -44.28 9.02
N VAL A 1239 42.98 -43.15 8.65
CA VAL A 1239 43.46 -42.97 7.28
C VAL A 1239 44.95 -43.26 7.22
N THR A 1240 45.68 -42.91 8.27
CA THR A 1240 47.12 -43.14 8.30
C THR A 1240 47.57 -43.44 9.72
N TYR A 1241 48.67 -44.19 9.81
CA TYR A 1241 49.43 -44.37 11.04
C TYR A 1241 50.77 -43.68 10.88
N GLU A 1242 51.11 -42.79 11.80
CA GLU A 1242 52.37 -42.07 11.76
C GLU A 1242 53.30 -42.66 12.82
N VAL A 1243 54.48 -43.08 12.38
CA VAL A 1243 55.49 -43.66 13.26
C VAL A 1243 56.64 -42.66 13.36
N ALA A 1244 57.01 -42.32 14.60
CA ALA A 1244 58.06 -41.34 14.84
C ALA A 1244 59.08 -41.92 15.79
N TYR A 1245 60.33 -41.48 15.65
CA TYR A 1245 61.40 -41.95 16.50
C TYR A 1245 62.43 -40.85 16.69
N LYS A 1246 63.20 -40.96 17.77
CA LYS A 1246 64.24 -39.99 18.09
C LYS A 1246 65.38 -40.71 18.79
N LEU A 1247 66.61 -40.29 18.49
CA LEU A 1247 67.79 -40.90 19.09
C LEU A 1247 68.00 -40.37 20.50
N GLN A 1248 68.57 -41.21 21.36
CA GLN A 1248 68.95 -40.82 22.72
C GLN A 1248 70.22 -39.98 22.64
N LYS A 1249 70.06 -38.75 22.16
CA LYS A 1249 71.16 -37.83 21.96
C LYS A 1249 70.64 -36.42 22.17
N PRO A 1250 71.37 -35.56 22.88
CA PRO A 1250 70.78 -34.30 23.32
C PRO A 1250 70.51 -33.36 22.16
N ASP A 1251 69.48 -32.52 22.33
CA ASP A 1251 69.06 -31.55 21.34
C ASP A 1251 68.61 -32.20 20.04
N GLN A 1252 68.22 -33.47 20.09
CA GLN A 1252 67.83 -34.18 18.88
C GLN A 1252 66.45 -33.75 18.40
N VAL A 1253 66.13 -34.13 17.17
CA VAL A 1253 64.83 -33.86 16.57
C VAL A 1253 64.24 -35.19 16.10
N GLU A 1254 62.93 -35.33 16.28
CA GLU A 1254 62.25 -36.60 16.05
C GLU A 1254 61.94 -36.75 14.57
N GLU A 1255 62.40 -37.86 13.98
CA GLU A 1255 62.01 -38.21 12.63
C GLU A 1255 60.67 -38.93 12.65
N LYS A 1256 60.01 -38.98 11.49
CA LYS A 1256 58.69 -39.59 11.42
C LYS A 1256 58.42 -40.07 9.99
N LYS A 1257 57.52 -41.05 9.89
CA LYS A 1257 57.11 -41.61 8.61
C LYS A 1257 55.61 -41.84 8.64
N CYS A 1258 55.02 -41.98 7.45
CA CYS A 1258 53.58 -42.11 7.30
C CYS A 1258 53.26 -43.33 6.44
N ILE A 1259 52.21 -44.04 6.81
CA ILE A 1259 51.68 -45.15 6.01
C ILE A 1259 50.18 -44.97 5.88
N PRO A 1260 49.57 -45.26 4.72
CA PRO A 1260 48.12 -45.10 4.58
C PRO A 1260 47.34 -46.29 5.12
N ALA A 1261 47.34 -46.42 6.44
CA ALA A 1261 46.70 -47.56 7.10
C ALA A 1261 47.41 -48.84 6.69
N ALA A 1262 47.24 -49.25 5.43
CA ALA A 1262 47.97 -50.37 4.87
C ALA A 1262 47.75 -51.65 5.67
N ASP A 1263 48.35 -52.75 5.23
CA ASP A 1263 48.27 -54.01 5.96
C ASP A 1263 49.38 -54.06 6.99
N PHE A 1264 49.38 -53.09 7.92
CA PHE A 1264 50.48 -52.98 8.88
C PHE A 1264 50.59 -54.23 9.75
N ASN A 1265 49.46 -54.84 10.09
CA ASN A 1265 49.44 -55.96 11.03
C ASN A 1265 49.77 -57.29 10.37
N GLN A 1266 50.08 -57.30 9.08
CA GLN A 1266 50.45 -58.55 8.40
C GLN A 1266 51.63 -59.21 9.11
N THR A 1267 52.66 -58.42 9.42
CA THR A 1267 53.83 -58.91 10.14
C THR A 1267 53.73 -58.65 11.63
N ALA A 1268 52.51 -58.47 12.16
CA ALA A 1268 52.27 -58.15 13.55
C ALA A 1268 52.86 -56.81 13.96
N GLY A 1269 53.28 -55.99 13.01
CA GLY A 1269 53.88 -54.72 13.30
C GLY A 1269 54.72 -54.23 12.14
N TYR A 1270 54.85 -52.91 12.05
CA TYR A 1270 55.60 -52.30 10.97
C TYR A 1270 57.09 -52.56 11.15
N LEU A 1271 57.78 -52.74 10.02
CA LEU A 1271 59.20 -53.04 10.00
C LEU A 1271 60.00 -51.78 9.72
N ILE A 1272 61.15 -51.67 10.37
CA ILE A 1272 62.01 -50.49 10.25
C ILE A 1272 63.45 -50.95 10.09
N LYS A 1273 64.18 -50.27 9.21
CA LYS A 1273 65.62 -50.42 9.09
C LYS A 1273 66.28 -49.15 9.61
N LEU A 1274 67.17 -49.31 10.59
CA LEU A 1274 67.74 -48.16 11.27
C LEU A 1274 69.19 -48.44 11.61
N ASN A 1275 69.97 -47.38 11.75
CA ASN A 1275 71.39 -47.50 12.02
C ASN A 1275 71.65 -47.73 13.50
N GLU A 1276 72.93 -47.79 13.86
CA GLU A 1276 73.32 -48.02 15.24
C GLU A 1276 72.85 -46.88 16.13
N GLY A 1277 72.37 -47.23 17.31
CA GLY A 1277 71.98 -46.22 18.29
C GLY A 1277 70.84 -46.70 19.14
N LEU A 1278 70.47 -45.84 20.09
CA LEU A 1278 69.34 -46.08 20.98
C LEU A 1278 68.28 -45.02 20.70
N TYR A 1279 67.05 -45.47 20.48
CA TYR A 1279 65.98 -44.60 19.99
C TYR A 1279 64.72 -44.78 20.82
N SER A 1280 63.94 -43.71 20.93
CA SER A 1280 62.59 -43.77 21.47
C SER A 1280 61.59 -43.68 20.33
N PHE A 1281 60.52 -44.47 20.44
CA PHE A 1281 59.53 -44.60 19.38
C PHE A 1281 58.18 -44.08 19.84
N ARG A 1282 57.45 -43.48 18.91
CA ARG A 1282 56.09 -43.02 19.15
C ARG A 1282 55.25 -43.30 17.91
N VAL A 1283 53.96 -43.49 18.14
CA VAL A 1283 53.01 -43.78 17.08
C VAL A 1283 51.69 -43.07 17.39
N ARG A 1284 51.02 -42.61 16.35
CA ARG A 1284 49.67 -42.07 16.46
C ARG A 1284 48.84 -42.50 15.26
N ALA A 1285 47.55 -42.74 15.51
CA ALA A 1285 46.62 -42.96 14.43
C ALA A 1285 46.01 -41.63 13.99
N ASN A 1286 45.71 -41.54 12.69
CA ASN A 1286 45.11 -40.35 12.12
C ASN A 1286 43.89 -40.75 11.30
N SER A 1287 42.77 -40.08 11.57
CA SER A 1287 41.49 -40.42 10.96
C SER A 1287 40.99 -39.24 10.13
N ILE A 1288 39.88 -39.48 9.44
CA ILE A 1288 39.26 -38.43 8.64
C ILE A 1288 38.88 -37.23 9.51
N ALA A 1289 38.65 -37.45 10.80
CA ALA A 1289 38.30 -36.34 11.68
C ALA A 1289 39.44 -35.33 11.77
N GLY A 1290 40.67 -35.79 11.79
CA GLY A 1290 41.82 -34.91 11.83
C GLY A 1290 42.99 -35.60 12.49
N TYR A 1291 44.01 -34.81 12.81
CA TYR A 1291 45.20 -35.33 13.45
C TYR A 1291 44.86 -35.98 14.79
N GLY A 1292 45.49 -37.11 15.07
CA GLY A 1292 45.29 -37.81 16.32
C GLY A 1292 46.30 -37.41 17.37
N ASP A 1293 46.38 -38.25 18.40
CA ASP A 1293 47.28 -38.03 19.52
C ASP A 1293 48.29 -39.17 19.61
N PHE A 1294 49.54 -38.83 19.89
CA PHE A 1294 50.59 -39.83 19.99
C PHE A 1294 50.46 -40.61 21.29
N THR A 1295 50.94 -41.85 21.26
CA THR A 1295 50.99 -42.67 22.45
C THR A 1295 52.29 -42.42 23.22
N GLU A 1296 52.45 -43.12 24.34
CA GLU A 1296 53.63 -42.95 25.16
C GLU A 1296 54.85 -43.53 24.46
N VAL A 1297 56.03 -43.12 24.94
CA VAL A 1297 57.27 -43.47 24.27
C VAL A 1297 57.69 -44.89 24.61
N GLU A 1298 58.39 -45.53 23.67
CA GLU A 1298 59.02 -46.81 23.89
C GLU A 1298 60.38 -46.81 23.21
N HIS A 1299 61.29 -47.64 23.71
CA HIS A 1299 62.69 -47.58 23.32
C HIS A 1299 63.17 -48.93 22.83
N ILE A 1300 64.19 -48.89 21.97
CA ILE A 1300 64.82 -50.09 21.44
C ILE A 1300 66.24 -49.72 21.04
N LYS A 1301 67.11 -50.73 21.01
CA LYS A 1301 68.54 -50.54 20.79
C LYS A 1301 68.97 -51.25 19.52
N VAL A 1302 69.92 -50.66 18.80
CA VAL A 1302 70.55 -51.26 17.63
C VAL A 1302 72.03 -51.42 17.96
N GLU A 1303 72.54 -52.66 17.86
CA GLU A 1303 73.89 -52.94 18.29
C GLU A 1303 74.49 -54.09 17.49
N PRO A 1304 74.61 -53.94 16.16
CA PRO A 1304 75.40 -54.91 15.34
C PRO A 1304 76.88 -54.82 15.66
N PRO A 1305 77.50 -55.89 16.15
CA PRO A 1305 78.95 -55.88 16.34
C PRO A 1305 79.67 -56.31 15.08
N PRO A 1306 81.00 -56.17 15.03
CA PRO A 1306 81.76 -56.61 13.86
C PRO A 1306 81.96 -58.12 13.81
N PRO B 328 -1.19 -22.88 -73.59
CA PRO B 328 -1.60 -21.49 -73.48
C PRO B 328 -2.25 -21.18 -72.13
N THR B 329 -3.46 -21.70 -71.93
CA THR B 329 -4.18 -21.52 -70.68
C THR B 329 -4.92 -22.82 -70.36
N MET B 330 -5.19 -23.03 -69.07
CA MET B 330 -5.79 -24.26 -68.61
C MET B 330 -6.83 -23.97 -67.54
N ARG B 331 -7.84 -24.83 -67.48
CA ARG B 331 -8.83 -24.76 -66.42
C ARG B 331 -8.19 -25.18 -65.09
N LEU B 332 -8.70 -24.61 -64.00
CA LEU B 332 -8.24 -25.02 -62.68
C LEU B 332 -8.96 -26.29 -62.25
N SER B 333 -8.59 -26.79 -61.07
CA SER B 333 -9.15 -28.03 -60.57
C SER B 333 -10.61 -27.86 -60.19
N GLN B 334 -11.49 -28.59 -60.87
CA GLN B 334 -12.92 -28.68 -60.56
C GLN B 334 -13.59 -27.30 -60.57
N ASN B 335 -14.91 -27.28 -60.56
CA ASN B 335 -15.64 -26.02 -60.52
C ASN B 335 -15.47 -25.35 -59.16
N VAL B 336 -15.36 -24.03 -59.17
CA VAL B 336 -15.13 -23.28 -57.93
C VAL B 336 -16.46 -22.92 -57.28
N LYS B 337 -16.47 -22.87 -55.95
CA LYS B 337 -17.65 -22.46 -55.19
C LYS B 337 -17.17 -21.77 -53.92
N PRO B 338 -16.79 -20.50 -54.00
CA PRO B 338 -16.22 -19.82 -52.84
C PRO B 338 -17.24 -19.60 -51.73
N CYS B 339 -16.73 -19.50 -50.51
CA CYS B 339 -17.54 -19.11 -49.37
C CYS B 339 -16.77 -18.08 -48.56
N LYS B 340 -17.51 -17.13 -47.99
CA LYS B 340 -16.90 -15.94 -47.41
C LYS B 340 -16.16 -16.29 -46.12
N SER B 341 -15.52 -15.26 -45.54
CA SER B 341 -14.75 -15.45 -44.33
C SER B 341 -15.62 -16.04 -43.24
N MET B 342 -15.06 -16.98 -42.49
CA MET B 342 -15.83 -17.78 -41.55
C MET B 342 -15.09 -17.89 -40.23
N ASP B 343 -15.78 -18.43 -39.24
CA ASP B 343 -15.23 -18.57 -37.90
C ASP B 343 -15.99 -19.69 -37.20
N ILE B 344 -15.26 -20.65 -36.65
CA ILE B 344 -15.84 -21.82 -36.00
C ILE B 344 -15.57 -21.69 -34.50
N ARG B 345 -16.62 -21.80 -33.69
CA ARG B 345 -16.46 -21.58 -32.27
C ARG B 345 -17.56 -22.30 -31.49
N ASN B 346 -17.19 -22.73 -30.28
CA ASN B 346 -18.12 -23.18 -29.25
C ASN B 346 -18.70 -24.58 -29.44
N MET B 347 -18.47 -25.21 -30.59
CA MET B 347 -18.93 -26.58 -30.77
C MET B 347 -18.51 -27.10 -32.13
N VAL B 348 -18.37 -28.43 -32.22
CA VAL B 348 -17.92 -29.06 -33.45
C VAL B 348 -18.95 -28.92 -34.56
N SER B 349 -20.24 -28.93 -34.24
CA SER B 349 -21.26 -28.92 -35.29
C SER B 349 -21.15 -27.69 -36.18
N HIS B 350 -20.50 -26.63 -35.71
CA HIS B 350 -20.30 -25.46 -36.55
C HIS B 350 -19.43 -25.76 -37.75
N PHE B 351 -18.71 -26.88 -37.75
CA PHE B 351 -17.87 -27.24 -38.88
C PHE B 351 -18.66 -27.46 -40.16
N ASN B 352 -19.98 -27.62 -40.06
CA ASN B 352 -20.78 -27.80 -41.27
C ASN B 352 -20.61 -26.63 -42.22
N GLN B 353 -20.23 -25.45 -41.71
CA GLN B 353 -20.09 -24.28 -42.55
C GLN B 353 -19.08 -24.50 -43.66
N LEU B 354 -18.16 -25.45 -43.50
CA LEU B 354 -17.14 -25.70 -44.52
C LEU B 354 -17.61 -26.66 -45.59
N GLU B 355 -18.85 -27.14 -45.54
CA GLU B 355 -19.30 -28.21 -46.43
C GLU B 355 -18.99 -27.86 -47.87
N ASN B 356 -18.22 -28.74 -48.51
CA ASN B 356 -17.83 -28.62 -49.92
C ASN B 356 -17.56 -27.18 -50.36
N CYS B 357 -16.81 -26.44 -49.54
CA CYS B 357 -16.22 -25.19 -50.00
C CYS B 357 -14.95 -25.48 -50.78
N THR B 358 -14.77 -24.79 -51.90
CA THR B 358 -13.55 -24.95 -52.69
C THR B 358 -12.47 -23.96 -52.28
N VAL B 359 -12.84 -22.75 -51.89
CA VAL B 359 -11.89 -21.72 -51.50
C VAL B 359 -12.55 -20.84 -50.46
N ILE B 360 -11.75 -19.96 -49.86
CA ILE B 360 -12.23 -19.02 -48.85
C ILE B 360 -11.91 -17.62 -49.32
N GLU B 361 -12.91 -16.74 -49.34
CA GLU B 361 -12.71 -15.38 -49.82
C GLU B 361 -12.31 -14.46 -48.67
N GLY B 362 -11.72 -15.04 -47.63
CA GLY B 362 -11.33 -14.29 -46.45
C GLY B 362 -10.56 -15.16 -45.48
N PHE B 363 -10.40 -14.72 -44.25
CA PHE B 363 -9.67 -15.54 -43.30
C PHE B 363 -10.56 -16.67 -42.80
N LEU B 364 -9.92 -17.75 -42.37
CA LEU B 364 -10.59 -18.89 -41.77
C LEU B 364 -9.94 -19.14 -40.42
N LEU B 365 -10.68 -18.89 -39.34
CA LEU B 365 -10.13 -19.07 -38.01
C LEU B 365 -11.00 -20.03 -37.23
N ILE B 366 -10.34 -20.97 -36.54
CA ILE B 366 -11.01 -21.97 -35.72
C ILE B 366 -10.43 -21.84 -34.32
N ASP B 367 -11.31 -21.81 -33.32
CA ASP B 367 -10.81 -21.56 -31.97
C ASP B 367 -11.86 -21.88 -30.93
N LEU B 368 -11.38 -22.14 -29.72
CA LEU B 368 -12.20 -22.29 -28.53
C LEU B 368 -13.17 -23.46 -28.63
N ILE B 369 -12.85 -24.45 -29.44
CA ILE B 369 -13.55 -25.73 -29.39
C ILE B 369 -12.90 -26.54 -28.28
N ASN B 370 -13.62 -26.70 -27.17
CA ASN B 370 -13.04 -27.36 -26.00
C ASN B 370 -12.83 -28.85 -26.20
N ASP B 371 -13.39 -29.45 -27.26
CA ASP B 371 -13.13 -30.86 -27.55
C ASP B 371 -13.46 -31.11 -29.02
N ALA B 372 -12.42 -31.33 -29.81
CA ALA B 372 -12.59 -31.61 -31.23
C ALA B 372 -12.64 -33.10 -31.56
N SER B 373 -12.51 -33.97 -30.55
CA SER B 373 -12.52 -35.40 -30.81
C SER B 373 -13.78 -35.89 -31.52
N PRO B 374 -14.99 -35.45 -31.16
CA PRO B 374 -16.19 -36.04 -31.77
C PRO B 374 -16.27 -35.85 -33.28
N LEU B 375 -15.53 -34.91 -33.85
CA LEU B 375 -15.58 -34.69 -35.30
C LEU B 375 -15.23 -35.98 -36.04
N ASN B 376 -16.05 -36.31 -37.05
CA ASN B 376 -15.83 -37.50 -37.86
C ASN B 376 -16.03 -37.20 -39.35
N ARG B 377 -15.52 -36.07 -39.81
CA ARG B 377 -15.56 -35.71 -41.22
C ARG B 377 -14.31 -34.91 -41.57
N SER B 378 -14.06 -34.81 -42.87
CA SER B 378 -12.99 -33.97 -43.39
C SER B 378 -13.56 -33.12 -44.52
N PHE B 379 -12.75 -32.16 -44.98
CA PHE B 379 -13.17 -31.20 -46.00
C PHE B 379 -12.11 -31.15 -47.09
N PRO B 380 -11.98 -32.23 -47.87
CA PRO B 380 -10.91 -32.27 -48.89
C PRO B 380 -11.03 -31.20 -49.94
N LYS B 381 -12.24 -30.72 -50.22
CA LYS B 381 -12.43 -29.78 -51.32
C LYS B 381 -11.84 -28.42 -51.04
N LEU B 382 -11.58 -28.08 -49.77
CA LEU B 382 -10.90 -26.84 -49.46
C LEU B 382 -9.47 -26.90 -49.98
N THR B 383 -9.09 -25.92 -50.79
CA THR B 383 -7.79 -25.98 -51.47
C THR B 383 -6.94 -24.74 -51.21
N GLU B 384 -7.54 -23.55 -51.20
CA GLU B 384 -6.80 -22.33 -50.98
C GLU B 384 -7.59 -21.41 -50.08
N VAL B 385 -6.86 -20.61 -49.29
CA VAL B 385 -7.46 -19.61 -48.41
C VAL B 385 -6.84 -18.27 -48.77
N THR B 386 -7.69 -17.32 -49.17
CA THR B 386 -7.20 -16.02 -49.61
C THR B 386 -6.49 -15.27 -48.50
N ASP B 387 -6.93 -15.42 -47.26
CA ASP B 387 -6.34 -14.71 -46.13
C ASP B 387 -5.86 -15.69 -45.07
N TYR B 388 -5.37 -15.15 -43.96
CA TYR B 388 -4.69 -15.96 -42.95
C TYR B 388 -5.64 -16.93 -42.27
N ILE B 389 -5.06 -17.99 -41.74
CA ILE B 389 -5.72 -18.92 -40.83
C ILE B 389 -5.05 -18.88 -39.48
N ILE B 390 -5.87 -18.84 -38.42
CA ILE B 390 -5.38 -18.88 -37.06
C ILE B 390 -6.15 -19.97 -36.33
N ILE B 391 -5.43 -20.84 -35.64
CA ILE B 391 -6.01 -21.97 -34.92
C ILE B 391 -5.68 -21.75 -33.45
N TYR B 392 -6.61 -21.17 -32.70
CA TYR B 392 -6.34 -20.70 -31.35
C TYR B 392 -7.07 -21.56 -30.34
N ARG B 393 -6.31 -22.19 -29.43
CA ARG B 393 -6.86 -22.83 -28.24
C ARG B 393 -7.87 -23.92 -28.59
N VAL B 394 -7.73 -24.53 -29.76
CA VAL B 394 -8.55 -25.69 -30.08
C VAL B 394 -7.97 -26.90 -29.37
N THR B 395 -8.80 -27.62 -28.64
CA THR B 395 -8.37 -28.78 -27.87
C THR B 395 -9.15 -30.02 -28.32
N GLY B 396 -8.51 -31.18 -28.15
CA GLY B 396 -9.06 -32.40 -28.69
C GLY B 396 -8.74 -32.63 -30.15
N LEU B 397 -7.92 -31.77 -30.75
CA LEU B 397 -7.49 -31.93 -32.14
C LEU B 397 -6.00 -32.24 -32.14
N HIS B 398 -5.64 -33.41 -32.65
CA HIS B 398 -4.26 -33.88 -32.63
C HIS B 398 -3.54 -33.70 -33.96
N SER B 399 -4.18 -34.08 -35.07
CA SER B 399 -3.61 -33.94 -36.39
C SER B 399 -4.35 -32.85 -37.13
N LEU B 400 -3.67 -31.74 -37.42
CA LEU B 400 -4.33 -30.62 -38.07
C LEU B 400 -4.91 -31.03 -39.42
N SER B 401 -4.29 -32.02 -40.07
CA SER B 401 -4.75 -32.42 -41.40
C SER B 401 -6.18 -32.93 -41.40
N LYS B 402 -6.71 -33.31 -40.23
CA LYS B 402 -8.06 -33.86 -40.17
C LYS B 402 -9.09 -32.89 -40.71
N ILE B 403 -8.79 -31.59 -40.69
CA ILE B 403 -9.73 -30.58 -41.17
C ILE B 403 -9.42 -30.16 -42.60
N PHE B 404 -8.14 -30.08 -42.97
CA PHE B 404 -7.71 -29.62 -44.28
C PHE B 404 -6.95 -30.74 -44.97
N PRO B 405 -7.63 -31.63 -45.69
CA PRO B 405 -6.90 -32.69 -46.41
C PRO B 405 -6.04 -32.15 -47.54
N ASN B 406 -6.43 -31.04 -48.16
CA ASN B 406 -5.78 -30.59 -49.38
C ASN B 406 -5.56 -29.08 -49.41
N LEU B 407 -5.41 -28.44 -48.26
CA LEU B 407 -5.08 -27.02 -48.25
C LEU B 407 -3.78 -26.83 -49.01
N SER B 408 -3.85 -26.19 -50.18
CA SER B 408 -2.73 -26.12 -51.10
C SER B 408 -1.91 -24.85 -50.96
N VAL B 409 -2.53 -23.69 -50.99
CA VAL B 409 -1.83 -22.40 -50.97
C VAL B 409 -2.52 -21.49 -49.98
N ILE B 410 -1.72 -20.75 -49.23
CA ILE B 410 -2.20 -19.76 -48.27
C ILE B 410 -1.95 -18.40 -48.91
N ARG B 411 -2.91 -17.90 -49.68
CA ARG B 411 -2.64 -16.71 -50.47
C ARG B 411 -2.17 -15.54 -49.62
N GLY B 412 -2.59 -15.46 -48.37
CA GLY B 412 -2.08 -14.45 -47.47
C GLY B 412 -2.22 -13.05 -48.02
N ASN B 413 -3.24 -12.83 -48.84
CA ASN B 413 -3.42 -11.51 -49.45
C ASN B 413 -3.45 -10.42 -48.39
N LYS B 414 -4.07 -10.69 -47.25
CA LYS B 414 -4.03 -9.81 -46.10
C LYS B 414 -3.52 -10.60 -44.90
N LEU B 415 -2.68 -9.95 -44.10
CA LEU B 415 -1.98 -10.59 -43.00
C LEU B 415 -2.61 -10.21 -41.68
N PHE B 416 -2.43 -11.07 -40.68
CA PHE B 416 -2.78 -10.76 -39.31
C PHE B 416 -1.49 -10.45 -38.55
N ASP B 417 -1.39 -9.24 -38.02
CA ASP B 417 -0.21 -8.81 -37.28
C ASP B 417 1.06 -9.14 -38.05
N GLY B 418 0.98 -9.13 -39.38
CA GLY B 418 2.10 -9.47 -40.22
C GLY B 418 2.28 -10.95 -40.48
N TYR B 419 1.47 -11.80 -39.87
CA TYR B 419 1.57 -13.24 -40.08
C TYR B 419 0.46 -13.71 -41.01
N ALA B 420 0.70 -14.86 -41.64
CA ALA B 420 -0.27 -15.47 -42.55
C ALA B 420 -0.69 -16.85 -42.11
N LEU B 421 -0.25 -17.31 -40.94
CA LEU B 421 -0.65 -18.61 -40.42
C LEU B 421 -0.25 -18.67 -38.95
N VAL B 422 -1.23 -18.87 -38.08
CA VAL B 422 -0.99 -18.94 -36.65
C VAL B 422 -1.58 -20.24 -36.14
N VAL B 423 -0.81 -20.97 -35.33
CA VAL B 423 -1.27 -22.18 -34.68
C VAL B 423 -0.85 -22.05 -33.22
N TYR B 424 -1.75 -21.54 -32.39
CA TYR B 424 -1.41 -21.04 -31.08
C TYR B 424 -2.08 -21.87 -30.00
N SER B 425 -1.29 -22.30 -29.02
CA SER B 425 -1.80 -22.88 -27.78
C SER B 425 -2.86 -23.94 -28.02
N ASN B 426 -2.57 -24.91 -28.88
CA ASN B 426 -3.45 -26.06 -29.10
C ASN B 426 -2.95 -27.19 -28.23
N PHE B 427 -3.55 -27.35 -27.06
CA PHE B 427 -2.98 -28.20 -26.04
C PHE B 427 -3.06 -29.68 -26.38
N ASP B 428 -3.72 -30.02 -27.48
CA ASP B 428 -3.81 -31.40 -27.92
C ASP B 428 -3.14 -31.66 -29.27
N LEU B 429 -2.71 -30.61 -29.97
CA LEU B 429 -2.14 -30.79 -31.29
C LEU B 429 -0.83 -31.55 -31.20
N MET B 430 -0.66 -32.56 -32.05
CA MET B 430 0.58 -33.32 -32.12
C MET B 430 1.22 -33.27 -33.49
N ASP B 431 0.46 -33.00 -34.53
CA ASP B 431 0.93 -33.15 -35.90
C ASP B 431 0.16 -32.18 -36.78
N LEU B 432 0.85 -31.60 -37.76
CA LEU B 432 0.17 -30.72 -38.72
C LEU B 432 -0.37 -31.53 -39.89
N GLY B 433 0.51 -32.19 -40.63
CA GLY B 433 0.07 -33.09 -41.68
C GLY B 433 -0.46 -32.42 -42.92
N LEU B 434 -0.14 -31.14 -43.14
CA LEU B 434 -0.54 -30.48 -44.37
C LEU B 434 0.36 -30.95 -45.51
N HIS B 435 0.13 -32.18 -45.99
CA HIS B 435 0.97 -32.73 -47.03
C HIS B 435 0.92 -31.88 -48.30
N LYS B 436 -0.27 -31.42 -48.68
CA LYS B 436 -0.45 -30.73 -49.94
C LYS B 436 -0.13 -29.25 -49.87
N LEU B 437 0.08 -28.69 -48.68
CA LEU B 437 0.47 -27.28 -48.59
C LEU B 437 1.78 -27.06 -49.33
N ARG B 438 1.82 -26.05 -50.18
CA ARG B 438 3.01 -25.81 -50.99
C ARG B 438 3.42 -24.35 -51.09
N SER B 439 2.61 -23.40 -50.63
CA SER B 439 2.99 -22.00 -50.75
C SER B 439 2.25 -21.17 -49.71
N ILE B 440 2.96 -20.18 -49.17
CA ILE B 440 2.36 -19.16 -48.31
C ILE B 440 2.79 -17.83 -48.93
N THR B 441 1.97 -17.30 -49.84
CA THR B 441 2.42 -16.24 -50.74
C THR B 441 2.83 -14.98 -50.01
N ARG B 442 2.46 -14.80 -48.74
CA ARG B 442 2.85 -13.62 -48.01
C ARG B 442 2.87 -13.91 -46.52
N GLY B 443 3.48 -13.01 -45.78
CA GLY B 443 3.45 -13.06 -44.33
C GLY B 443 4.21 -14.24 -43.77
N GLY B 444 4.56 -14.13 -42.50
CA GLY B 444 5.29 -15.18 -41.83
C GLY B 444 4.37 -16.24 -41.25
N VAL B 445 4.97 -17.12 -40.46
CA VAL B 445 4.26 -18.20 -39.79
C VAL B 445 4.68 -18.21 -38.33
N ARG B 446 3.69 -18.21 -37.44
CA ARG B 446 3.95 -18.31 -36.01
C ARG B 446 3.27 -19.54 -35.46
N ILE B 447 4.01 -20.34 -34.71
CA ILE B 447 3.54 -21.62 -34.19
C ILE B 447 4.17 -21.80 -32.81
N GLU B 448 3.36 -21.82 -31.77
CA GLU B 448 3.90 -21.92 -30.43
C GLU B 448 2.89 -22.54 -29.47
N LYS B 449 3.36 -22.83 -28.27
CA LYS B 449 2.57 -23.32 -27.15
C LYS B 449 1.74 -24.54 -27.50
N ASN B 450 2.12 -25.27 -28.55
CA ASN B 450 1.47 -26.53 -28.88
C ASN B 450 2.26 -27.64 -28.20
N HIS B 451 1.95 -27.85 -26.92
CA HIS B 451 2.83 -28.57 -26.02
C HIS B 451 3.00 -30.04 -26.37
N LYS B 452 2.35 -30.50 -27.44
CA LYS B 452 2.58 -31.85 -27.94
C LYS B 452 2.99 -31.88 -29.40
N LEU B 453 3.32 -30.75 -29.99
CA LEU B 453 3.55 -30.66 -31.43
C LEU B 453 4.99 -31.05 -31.74
N CYS B 454 5.15 -32.24 -32.31
CA CYS B 454 6.41 -32.60 -32.94
C CYS B 454 6.38 -32.22 -34.42
N TYR B 455 7.54 -32.24 -35.04
CA TYR B 455 7.70 -31.98 -36.47
C TYR B 455 7.48 -30.52 -36.82
N ASP B 456 7.32 -29.64 -35.83
CA ASP B 456 7.23 -28.22 -36.15
C ASP B 456 8.50 -27.71 -36.79
N ARG B 457 9.65 -28.28 -36.41
CA ARG B 457 10.94 -27.85 -36.92
C ARG B 457 11.39 -28.65 -38.13
N THR B 458 10.64 -29.67 -38.55
CA THR B 458 11.09 -30.61 -39.56
C THR B 458 10.73 -30.17 -40.98
N ILE B 459 10.39 -28.90 -41.18
CA ILE B 459 10.21 -28.34 -42.51
C ILE B 459 10.90 -26.98 -42.56
N ASP B 460 11.79 -26.80 -43.54
CA ASP B 460 12.47 -25.52 -43.74
C ASP B 460 11.45 -24.55 -44.33
N TRP B 461 10.87 -23.72 -43.46
CA TRP B 461 9.75 -22.89 -43.87
C TRP B 461 10.12 -21.95 -45.01
N LEU B 462 11.38 -21.50 -45.06
CA LEU B 462 11.75 -20.54 -46.08
C LEU B 462 11.59 -21.08 -47.49
N GLU B 463 11.49 -22.39 -47.65
CA GLU B 463 11.13 -22.97 -48.94
C GLU B 463 9.62 -23.09 -49.12
N ILE B 464 8.85 -22.83 -48.07
CA ILE B 464 7.40 -22.70 -48.21
C ILE B 464 7.01 -21.26 -48.50
N LEU B 465 7.61 -20.32 -47.77
CA LEU B 465 7.23 -18.92 -47.88
C LEU B 465 7.56 -18.39 -49.26
N ALA B 466 7.28 -17.10 -49.47
CA ALA B 466 7.50 -16.47 -50.76
C ALA B 466 8.95 -16.61 -51.20
N GLU B 467 9.22 -16.27 -52.47
CA GLU B 467 10.57 -16.41 -53.02
C GLU B 467 11.42 -15.19 -52.69
N ASN B 468 11.03 -14.44 -51.66
CA ASN B 468 11.79 -13.28 -51.23
C ASN B 468 12.07 -13.41 -49.74
N GLU B 469 12.68 -12.38 -49.18
CA GLU B 469 13.00 -12.39 -47.76
C GLU B 469 11.74 -12.26 -46.92
N THR B 470 11.37 -13.35 -46.25
CA THR B 470 10.22 -13.35 -45.35
C THR B 470 10.60 -14.04 -44.04
N GLN B 471 11.76 -13.69 -43.50
CA GLN B 471 12.28 -14.36 -42.31
C GLN B 471 11.50 -13.94 -41.06
N LEU B 472 10.22 -14.28 -41.02
CA LEU B 472 9.36 -13.94 -39.89
C LEU B 472 8.94 -15.15 -39.08
N VAL B 473 9.38 -16.36 -39.45
CA VAL B 473 8.93 -17.56 -38.76
C VAL B 473 9.34 -17.52 -37.30
N VAL B 474 8.50 -18.06 -36.43
CA VAL B 474 8.76 -18.11 -34.99
C VAL B 474 8.17 -19.42 -34.47
N LEU B 475 9.03 -20.31 -33.99
CA LEU B 475 8.60 -21.58 -33.42
C LEU B 475 9.15 -21.66 -32.00
N THR B 476 8.27 -21.88 -31.02
CA THR B 476 8.68 -21.92 -29.63
C THR B 476 7.77 -22.84 -28.84
N GLU B 477 8.26 -23.27 -27.68
CA GLU B 477 7.48 -23.98 -26.66
C GLU B 477 6.60 -25.08 -27.23
N ASN B 478 7.07 -25.79 -28.26
CA ASN B 478 6.23 -26.78 -28.93
C ASN B 478 6.49 -28.18 -28.39
N GLY B 479 6.86 -28.27 -27.12
CA GLY B 479 7.18 -29.57 -26.54
C GLY B 479 8.34 -30.26 -27.21
N LYS B 480 9.41 -29.51 -27.50
CA LYS B 480 10.55 -30.02 -28.24
C LYS B 480 11.60 -30.67 -27.34
N GLU B 481 11.33 -30.80 -26.04
CA GLU B 481 12.40 -31.15 -25.11
C GLU B 481 12.98 -32.52 -25.41
N LYS B 482 12.22 -33.58 -25.14
CA LYS B 482 12.73 -34.94 -25.35
C LYS B 482 11.72 -35.88 -25.98
N GLU B 483 10.43 -35.60 -25.82
CA GLU B 483 9.41 -36.61 -26.06
C GLU B 483 9.29 -36.99 -27.53
N CYS B 484 9.74 -36.13 -28.44
CA CYS B 484 9.53 -36.38 -29.86
C CYS B 484 10.48 -37.45 -30.38
N ARG B 485 10.29 -38.69 -29.93
CA ARG B 485 11.15 -39.78 -30.38
C ARG B 485 10.79 -40.24 -31.78
N LEU B 486 9.58 -39.95 -32.26
CA LEU B 486 9.16 -40.33 -33.60
C LEU B 486 9.67 -39.38 -34.67
N SER B 487 10.67 -38.55 -34.35
CA SER B 487 11.25 -37.65 -35.34
C SER B 487 12.02 -38.38 -36.43
N LYS B 488 12.13 -39.71 -36.33
CA LYS B 488 12.87 -40.47 -37.34
C LYS B 488 12.29 -40.25 -38.73
N CYS B 489 10.96 -40.20 -38.84
CA CYS B 489 10.30 -40.01 -40.13
C CYS B 489 10.59 -41.20 -41.02
N PRO B 490 9.94 -41.31 -42.19
CA PRO B 490 10.11 -42.54 -42.99
C PRO B 490 11.57 -42.85 -43.31
N GLY B 491 12.39 -41.83 -43.53
CA GLY B 491 13.80 -42.04 -43.81
C GLY B 491 14.56 -42.53 -42.57
N CYS B 512 12.88 -40.57 -47.49
CA CYS B 512 12.45 -39.20 -47.30
C CYS B 512 13.64 -38.26 -47.41
N GLN B 513 13.39 -37.05 -47.90
CA GLN B 513 14.47 -36.09 -48.12
C GLN B 513 15.09 -35.67 -46.80
N LEU B 514 16.38 -35.36 -46.84
CA LEU B 514 17.12 -34.93 -45.65
C LEU B 514 17.96 -33.71 -46.01
N HIS B 515 17.87 -32.67 -45.18
CA HIS B 515 18.69 -31.48 -45.34
C HIS B 515 18.91 -30.86 -43.97
N ASN B 516 20.04 -30.18 -43.83
CA ASN B 516 20.43 -29.58 -42.55
C ASN B 516 20.44 -30.62 -41.44
N ASN B 517 20.85 -31.83 -41.77
CA ASN B 517 20.97 -32.93 -40.79
C ASN B 517 19.62 -33.28 -40.17
N ARG B 518 18.53 -33.12 -40.93
CA ARG B 518 17.22 -33.52 -40.46
C ARG B 518 16.32 -33.80 -41.66
N ARG B 519 15.42 -34.76 -41.47
CA ARG B 519 14.50 -35.13 -42.53
C ARG B 519 13.46 -34.04 -42.74
N LEU B 520 13.04 -33.87 -43.99
CA LEU B 520 11.97 -32.95 -44.34
C LEU B 520 10.67 -33.75 -44.33
N CYS B 521 9.94 -33.69 -43.22
CA CYS B 521 8.79 -34.56 -43.05
C CYS B 521 7.76 -33.87 -42.16
N TRP B 522 6.49 -33.92 -42.59
CA TRP B 522 5.41 -33.42 -41.75
C TRP B 522 5.26 -34.25 -40.49
N ASN B 523 5.38 -35.57 -40.60
CA ASN B 523 5.22 -36.45 -39.45
C ASN B 523 5.92 -37.77 -39.76
N SER B 524 5.66 -38.78 -38.92
CA SER B 524 6.35 -40.05 -39.04
C SER B 524 6.14 -40.71 -40.39
N LYS B 525 5.01 -40.43 -41.06
CA LYS B 525 4.70 -41.05 -42.34
C LYS B 525 4.51 -40.07 -43.48
N LEU B 526 4.30 -38.79 -43.21
CA LEU B 526 4.09 -37.80 -44.26
C LEU B 526 5.40 -37.02 -44.46
N CYS B 527 6.22 -37.50 -45.39
CA CYS B 527 7.43 -36.79 -45.75
C CYS B 527 7.09 -35.52 -46.50
N GLN B 528 8.00 -34.55 -46.45
CA GLN B 528 7.84 -33.28 -47.14
C GLN B 528 8.76 -33.25 -48.35
N THR B 529 8.24 -32.76 -49.47
CA THR B 529 8.98 -32.71 -50.73
C THR B 529 9.13 -31.27 -51.18
N LYS B 530 10.33 -30.92 -51.64
CA LYS B 530 10.58 -29.60 -52.18
C LYS B 530 10.31 -29.59 -53.68
N CYS B 531 10.49 -28.42 -54.28
CA CYS B 531 10.55 -28.36 -55.73
C CYS B 531 11.95 -27.91 -56.17
N PRO B 532 12.41 -28.35 -57.34
CA PRO B 532 13.63 -27.75 -57.90
C PRO B 532 13.40 -26.28 -58.23
N GLU B 533 14.50 -25.53 -58.22
CA GLU B 533 14.42 -24.09 -58.44
C GLU B 533 13.73 -23.72 -59.75
N LYS B 534 13.46 -24.69 -60.62
CA LYS B 534 12.83 -24.38 -61.90
C LYS B 534 11.35 -24.05 -61.78
N CYS B 535 10.70 -24.34 -60.66
CA CYS B 535 9.29 -23.96 -60.48
C CYS B 535 9.13 -22.99 -59.34
N ARG B 536 9.76 -23.27 -58.20
CA ARG B 536 9.52 -22.54 -56.97
C ARG B 536 8.07 -22.65 -56.51
N ASN B 537 7.67 -23.85 -56.08
CA ASN B 537 6.38 -24.10 -55.44
C ASN B 537 5.21 -24.13 -56.41
N ASN B 538 5.37 -24.80 -57.55
CA ASN B 538 4.23 -25.23 -58.34
C ASN B 538 4.48 -26.63 -58.88
N CYS B 539 4.97 -27.52 -58.02
CA CYS B 539 5.49 -28.81 -58.44
C CYS B 539 4.91 -29.93 -57.59
N ILE B 540 4.85 -31.12 -58.17
CA ILE B 540 4.32 -32.28 -57.47
C ILE B 540 5.41 -33.06 -56.73
N ASP B 541 6.61 -33.14 -57.30
CA ASP B 541 7.72 -33.84 -56.67
C ASP B 541 9.01 -33.14 -57.07
N GLU B 542 10.14 -33.83 -56.92
CA GLU B 542 11.43 -33.21 -57.15
C GLU B 542 11.68 -32.89 -58.62
N HIS B 543 10.84 -33.42 -59.52
CA HIS B 543 11.04 -33.16 -60.94
C HIS B 543 9.73 -32.85 -61.67
N THR B 544 8.60 -33.31 -61.14
CA THR B 544 7.33 -33.22 -61.86
C THR B 544 6.66 -31.89 -61.54
N CYS B 545 7.07 -30.86 -62.28
CA CYS B 545 6.60 -29.51 -62.09
C CYS B 545 5.70 -29.09 -63.24
N CYS B 546 4.73 -28.23 -62.94
CA CYS B 546 3.69 -27.85 -63.87
C CYS B 546 3.86 -26.41 -64.34
N SER B 547 2.88 -25.95 -65.12
CA SER B 547 2.95 -24.60 -65.70
C SER B 547 3.03 -23.54 -64.61
N GLN B 548 3.79 -22.48 -64.89
CA GLN B 548 3.91 -21.38 -63.95
C GLN B 548 2.57 -20.74 -63.64
N ASP B 549 1.60 -20.87 -64.54
CA ASP B 549 0.28 -20.28 -64.31
C ASP B 549 -0.37 -20.86 -63.06
N CYS B 550 -0.03 -22.10 -62.70
CA CYS B 550 -0.58 -22.72 -61.51
C CYS B 550 0.26 -22.35 -60.29
N LEU B 551 -0.40 -22.21 -59.15
CA LEU B 551 0.27 -21.94 -57.88
C LEU B 551 -0.08 -23.03 -56.87
N GLY B 552 0.95 -23.68 -56.35
CA GLY B 552 0.79 -24.66 -55.28
C GLY B 552 0.68 -26.09 -55.73
N GLY B 553 0.35 -26.35 -56.98
CA GLY B 553 0.28 -27.71 -57.47
C GLY B 553 -0.59 -27.80 -58.70
N CYS B 554 -0.83 -29.04 -59.12
CA CYS B 554 -1.57 -29.31 -60.34
C CYS B 554 -2.11 -30.72 -60.29
N VAL B 555 -3.08 -31.00 -61.16
CA VAL B 555 -3.62 -32.34 -61.35
C VAL B 555 -3.39 -32.72 -62.80
N ILE B 556 -2.76 -33.88 -63.02
CA ILE B 556 -2.47 -34.39 -64.34
C ILE B 556 -3.39 -35.58 -64.60
N ASP B 557 -4.16 -35.49 -65.68
CA ASP B 557 -5.15 -36.51 -65.97
C ASP B 557 -4.53 -37.66 -66.77
N LYS B 558 -5.22 -38.80 -66.75
CA LYS B 558 -4.83 -39.91 -67.61
C LYS B 558 -4.87 -39.52 -69.09
N ASN B 559 -5.69 -38.54 -69.44
CA ASN B 559 -5.72 -38.01 -70.80
C ASN B 559 -4.43 -37.26 -71.16
N GLY B 560 -3.58 -36.98 -70.18
CA GLY B 560 -2.39 -36.20 -70.40
C GLY B 560 -2.55 -34.71 -70.21
N ASN B 561 -3.77 -34.24 -69.99
CA ASN B 561 -4.00 -32.82 -69.76
C ASN B 561 -3.56 -32.43 -68.35
N GLU B 562 -3.34 -31.14 -68.15
CA GLU B 562 -2.89 -30.58 -66.89
C GLU B 562 -3.87 -29.51 -66.43
N SER B 563 -4.18 -29.51 -65.14
CA SER B 563 -5.10 -28.54 -64.56
C SER B 563 -4.49 -27.98 -63.28
N CYS B 564 -4.58 -26.67 -63.11
CA CYS B 564 -4.08 -26.04 -61.90
C CYS B 564 -5.05 -26.26 -60.75
N ILE B 565 -4.51 -26.40 -59.55
CA ILE B 565 -5.34 -26.39 -58.34
C ILE B 565 -5.56 -24.98 -57.81
N SER B 566 -4.91 -23.99 -58.40
CA SER B 566 -5.11 -22.60 -58.02
C SER B 566 -4.40 -21.72 -59.04
N CYS B 567 -5.05 -20.62 -59.39
CA CYS B 567 -4.52 -19.68 -60.37
C CYS B 567 -3.61 -18.69 -59.68
N ARG B 568 -2.41 -18.49 -60.25
CA ARG B 568 -1.43 -17.62 -59.60
C ARG B 568 -1.92 -16.18 -59.53
N ASN B 569 -2.40 -15.63 -60.65
CA ASN B 569 -2.79 -14.23 -60.66
C ASN B 569 -4.29 -14.06 -60.42
N VAL B 570 -5.12 -14.60 -61.32
CA VAL B 570 -6.57 -14.48 -61.22
C VAL B 570 -7.21 -15.66 -61.93
N SER B 571 -8.53 -15.77 -61.77
CA SER B 571 -9.31 -16.80 -62.43
C SER B 571 -10.59 -16.19 -62.97
N PHE B 572 -11.15 -16.81 -64.00
CA PHE B 572 -12.43 -16.40 -64.54
C PHE B 572 -13.11 -17.61 -65.18
N ASN B 573 -14.32 -17.90 -64.73
CA ASN B 573 -15.08 -19.04 -65.24
C ASN B 573 -14.25 -20.31 -65.19
N ASN B 574 -13.55 -20.48 -64.07
CA ASN B 574 -12.70 -21.64 -63.79
C ASN B 574 -11.47 -21.68 -64.68
N ILE B 575 -11.12 -20.59 -65.35
CA ILE B 575 -9.97 -20.53 -66.23
C ILE B 575 -9.00 -19.48 -65.70
N CYS B 576 -7.74 -19.86 -65.56
CA CYS B 576 -6.72 -18.95 -65.05
C CYS B 576 -6.19 -18.05 -66.17
N MET B 577 -5.60 -16.93 -65.75
CA MET B 577 -4.93 -16.02 -66.67
C MET B 577 -4.19 -14.97 -65.86
N ASP B 578 -3.50 -14.08 -66.58
CA ASP B 578 -2.67 -13.09 -65.91
C ASP B 578 -3.48 -11.94 -65.31
N SER B 579 -4.55 -11.52 -65.98
CA SER B 579 -5.32 -10.38 -65.49
C SER B 579 -6.78 -10.55 -65.86
N CYS B 580 -7.64 -9.86 -65.11
CA CYS B 580 -9.07 -10.03 -65.27
C CYS B 580 -9.53 -9.47 -66.62
N PRO B 581 -10.53 -10.10 -67.24
CA PRO B 581 -11.12 -9.50 -68.44
C PRO B 581 -11.86 -8.22 -68.09
N LYS B 582 -11.91 -7.30 -69.04
CA LYS B 582 -12.57 -6.03 -68.84
C LYS B 582 -14.07 -6.22 -68.75
N GLY B 583 -14.74 -5.28 -68.08
CA GLY B 583 -16.12 -5.47 -67.70
C GLY B 583 -16.30 -6.26 -66.43
N TYR B 584 -15.21 -6.57 -65.72
CA TYR B 584 -15.27 -7.30 -64.47
C TYR B 584 -14.30 -6.67 -63.49
N TYR B 585 -14.36 -7.11 -62.24
CA TYR B 585 -13.51 -6.59 -61.18
C TYR B 585 -12.86 -7.74 -60.43
N GLN B 586 -11.59 -7.57 -60.11
CA GLN B 586 -10.86 -8.61 -59.38
C GLN B 586 -11.24 -8.58 -57.91
N PHE B 587 -11.44 -9.77 -57.33
CA PHE B 587 -11.58 -9.93 -55.90
C PHE B 587 -10.68 -11.07 -55.46
N ASP B 588 -9.49 -10.74 -54.98
CA ASP B 588 -8.52 -11.75 -54.59
C ASP B 588 -8.28 -12.74 -55.72
N SER B 589 -8.95 -13.89 -55.67
CA SER B 589 -8.66 -14.96 -56.61
C SER B 589 -9.43 -14.86 -57.92
N ARG B 590 -10.71 -14.50 -57.86
CA ARG B 590 -11.60 -14.66 -59.01
C ARG B 590 -12.17 -13.31 -59.43
N CYS B 591 -12.20 -13.09 -60.74
CA CYS B 591 -12.85 -11.91 -61.30
C CYS B 591 -14.35 -12.10 -61.25
N VAL B 592 -15.07 -11.03 -60.93
CA VAL B 592 -16.52 -11.09 -60.76
C VAL B 592 -17.16 -9.88 -61.43
N THR B 593 -18.47 -10.00 -61.65
CA THR B 593 -19.24 -8.87 -62.14
C THR B 593 -19.51 -7.88 -61.02
N ALA B 594 -19.84 -6.65 -61.40
CA ALA B 594 -20.06 -5.59 -60.41
C ALA B 594 -21.20 -5.96 -59.47
N ASN B 595 -22.30 -6.50 -60.01
CA ASN B 595 -23.41 -6.91 -59.17
C ASN B 595 -23.02 -8.02 -58.20
N GLU B 596 -21.90 -8.70 -58.45
CA GLU B 596 -21.39 -9.65 -57.48
C GLU B 596 -20.46 -8.96 -56.48
N CYS B 597 -19.62 -8.05 -56.97
CA CYS B 597 -18.70 -7.34 -56.09
C CYS B 597 -19.43 -6.55 -55.03
N ILE B 598 -20.61 -6.01 -55.37
CA ILE B 598 -21.36 -5.21 -54.41
C ILE B 598 -21.71 -6.01 -53.17
N THR B 599 -21.81 -7.33 -53.28
CA THR B 599 -22.15 -8.19 -52.15
C THR B 599 -20.96 -8.97 -51.61
N LEU B 600 -19.76 -8.79 -52.17
CA LEU B 600 -18.60 -9.59 -51.78
C LEU B 600 -17.84 -8.90 -50.65
N THR B 601 -18.47 -8.88 -49.48
CA THR B 601 -17.93 -8.14 -48.35
C THR B 601 -16.75 -8.88 -47.71
N LYS B 602 -15.95 -8.11 -46.95
CA LYS B 602 -14.85 -8.66 -46.18
C LYS B 602 -14.84 -8.00 -44.81
N PHE B 603 -14.43 -8.77 -43.79
CA PHE B 603 -14.63 -8.34 -42.40
C PHE B 603 -13.55 -7.38 -41.93
N GLU B 604 -12.32 -7.87 -41.79
CA GLU B 604 -11.12 -7.07 -41.51
C GLU B 604 -11.21 -6.23 -40.25
N THR B 605 -12.32 -6.28 -39.52
CA THR B 605 -12.48 -5.53 -38.28
C THR B 605 -13.88 -5.80 -37.77
N ASN B 606 -14.12 -5.43 -36.51
CA ASN B 606 -15.36 -5.79 -35.83
C ASN B 606 -16.59 -5.42 -36.66
N SER B 607 -16.43 -4.53 -37.64
CA SER B 607 -17.51 -4.17 -38.54
C SER B 607 -17.11 -4.53 -39.97
N VAL B 608 -18.03 -5.18 -40.69
CA VAL B 608 -17.75 -5.62 -42.04
C VAL B 608 -17.77 -4.44 -43.00
N TYR B 609 -16.99 -4.53 -44.07
CA TYR B 609 -16.97 -3.53 -45.13
C TYR B 609 -17.41 -4.17 -46.42
N SER B 610 -18.31 -3.49 -47.13
CA SER B 610 -18.79 -4.01 -48.40
C SER B 610 -17.75 -3.79 -49.50
N GLY B 611 -17.96 -4.47 -50.62
CA GLY B 611 -17.07 -4.34 -51.76
C GLY B 611 -17.60 -3.30 -52.74
N ILE B 612 -16.69 -2.48 -53.24
CA ILE B 612 -17.02 -1.38 -54.14
C ILE B 612 -16.33 -1.63 -55.47
N PRO B 613 -17.06 -1.85 -56.57
CA PRO B 613 -16.39 -2.05 -57.86
C PRO B 613 -15.68 -0.79 -58.32
N TYR B 614 -14.36 -0.83 -58.39
CA TYR B 614 -13.55 0.35 -58.65
C TYR B 614 -12.47 -0.02 -59.65
N ASN B 615 -12.55 0.61 -60.84
CA ASN B 615 -11.52 0.52 -61.89
C ASN B 615 -10.87 -0.87 -61.94
N GLY B 616 -11.69 -1.91 -62.05
CA GLY B 616 -11.18 -3.25 -62.23
C GLY B 616 -10.90 -4.02 -60.96
N GLN B 617 -10.96 -3.38 -59.79
CA GLN B 617 -10.68 -4.03 -58.53
C GLN B 617 -11.86 -3.83 -57.58
N CYS B 618 -12.25 -4.91 -56.91
CA CYS B 618 -13.38 -4.88 -55.97
C CYS B 618 -12.82 -4.48 -54.61
N ILE B 619 -12.43 -3.20 -54.51
CA ILE B 619 -11.84 -2.70 -53.27
C ILE B 619 -12.90 -2.66 -52.18
N THR B 620 -12.44 -2.86 -50.93
CA THR B 620 -13.37 -2.85 -49.80
C THR B 620 -13.75 -1.44 -49.38
N HIS B 621 -12.78 -0.54 -49.25
CA HIS B 621 -13.07 0.85 -48.93
C HIS B 621 -12.24 1.74 -49.83
N CYS B 622 -12.81 2.89 -50.19
CA CYS B 622 -12.24 3.71 -51.24
C CYS B 622 -10.90 4.30 -50.80
N PRO B 623 -10.04 4.64 -51.75
CA PRO B 623 -8.75 5.22 -51.39
C PRO B 623 -8.92 6.56 -50.68
N THR B 624 -7.80 7.07 -50.16
CA THR B 624 -7.84 8.30 -49.39
C THR B 624 -8.44 9.44 -50.22
N GLY B 625 -9.29 10.24 -49.57
CA GLY B 625 -9.89 11.37 -50.20
C GLY B 625 -11.05 11.05 -51.12
N TYR B 626 -11.58 9.82 -51.07
CA TYR B 626 -12.65 9.41 -51.95
C TYR B 626 -13.84 8.93 -51.12
N GLN B 627 -15.02 9.46 -51.43
CA GLN B 627 -16.25 9.01 -50.81
C GLN B 627 -16.84 7.84 -51.58
N LYS B 628 -17.60 7.02 -50.87
CA LYS B 628 -18.33 5.91 -51.48
C LYS B 628 -19.78 6.32 -51.69
N SER B 629 -20.28 6.08 -52.89
CA SER B 629 -21.64 6.49 -53.22
C SER B 629 -22.64 5.78 -52.33
N GLU B 630 -23.76 6.45 -52.05
CA GLU B 630 -24.80 5.86 -51.24
C GLU B 630 -25.26 4.52 -51.82
N ASN B 631 -25.19 4.37 -53.14
CA ASN B 631 -25.52 3.12 -53.81
C ASN B 631 -24.33 2.17 -53.88
N LYS B 632 -23.15 2.61 -53.45
CA LYS B 632 -21.94 1.80 -53.44
C LYS B 632 -21.57 1.32 -54.84
N ARG B 633 -22.14 1.93 -55.88
CA ARG B 633 -21.79 1.52 -57.24
C ARG B 633 -20.45 2.09 -57.68
N MET B 634 -19.89 3.05 -56.93
CA MET B 634 -18.61 3.62 -57.29
C MET B 634 -18.13 4.52 -56.16
N CYS B 635 -16.82 4.75 -56.13
CA CYS B 635 -16.26 5.76 -55.27
C CYS B 635 -16.19 7.10 -56.01
N GLU B 636 -16.16 8.18 -55.24
CA GLU B 636 -16.05 9.51 -55.80
C GLU B 636 -15.19 10.36 -54.87
N PRO B 637 -14.56 11.41 -55.38
CA PRO B 637 -13.76 12.27 -54.51
C PRO B 637 -14.65 12.93 -53.46
N CYS B 638 -14.06 13.22 -52.31
CA CYS B 638 -14.83 13.76 -51.20
C CYS B 638 -15.52 15.05 -51.65
N PRO B 639 -16.86 15.15 -51.51
CA PRO B 639 -17.53 16.37 -51.98
C PRO B 639 -17.03 17.62 -51.29
N GLY B 640 -16.67 17.54 -50.01
CA GLY B 640 -16.11 18.65 -49.28
C GLY B 640 -14.59 18.65 -49.20
N GLY B 641 -13.92 17.85 -50.02
CA GLY B 641 -12.49 17.71 -49.92
C GLY B 641 -12.11 16.69 -48.86
N LYS B 642 -12.66 16.87 -47.66
CA LYS B 642 -12.48 15.93 -46.58
C LYS B 642 -13.70 15.03 -46.45
N CYS B 643 -13.47 13.78 -46.07
CA CYS B 643 -14.52 12.81 -45.83
C CYS B 643 -14.58 12.50 -44.34
N ASP B 644 -15.81 12.42 -43.83
CA ASP B 644 -16.03 12.23 -42.41
C ASP B 644 -17.13 11.19 -42.20
N LYS B 645 -16.92 10.33 -41.21
CA LYS B 645 -17.83 9.23 -40.94
C LYS B 645 -18.96 9.70 -40.05
N GLU B 646 -20.19 9.53 -40.50
CA GLU B 646 -21.36 9.87 -39.69
C GLU B 646 -21.68 8.74 -38.73
N CYS B 647 -22.32 9.10 -37.62
CA CYS B 647 -22.70 8.14 -36.59
C CYS B 647 -24.00 8.60 -35.94
N SER B 648 -24.66 7.66 -35.27
CA SER B 648 -25.95 7.93 -34.65
C SER B 648 -25.76 8.32 -33.19
N SER B 649 -26.63 9.23 -32.73
CA SER B 649 -26.59 9.67 -31.34
C SER B 649 -27.21 8.61 -30.43
N GLY B 650 -26.70 8.52 -29.21
CA GLY B 650 -27.23 7.57 -28.26
C GLY B 650 -26.54 7.72 -26.93
N LEU B 651 -27.24 7.28 -25.89
CA LEU B 651 -26.72 7.40 -24.53
C LEU B 651 -25.46 6.58 -24.38
N ILE B 652 -24.50 7.11 -23.62
CA ILE B 652 -23.24 6.44 -23.34
C ILE B 652 -23.24 6.08 -21.87
N ASP B 653 -23.69 4.88 -21.54
CA ASP B 653 -23.81 4.47 -20.14
C ASP B 653 -22.51 3.97 -19.55
N SER B 654 -21.53 3.63 -20.37
CA SER B 654 -20.28 3.10 -19.85
C SER B 654 -19.22 3.15 -20.92
N LEU B 655 -17.97 3.00 -20.51
CA LEU B 655 -16.86 3.09 -21.44
C LEU B 655 -17.00 2.05 -22.55
N GLU B 656 -17.39 0.83 -22.20
CA GLU B 656 -17.55 -0.20 -23.21
C GLU B 656 -18.57 0.19 -24.27
N ARG B 657 -19.49 1.10 -23.93
CA ARG B 657 -20.44 1.59 -24.92
C ARG B 657 -19.85 2.72 -25.75
N ALA B 658 -18.86 3.43 -25.23
CA ALA B 658 -18.27 4.54 -25.96
C ALA B 658 -17.33 4.06 -27.06
N ARG B 659 -16.66 2.92 -26.86
CA ARG B 659 -15.71 2.45 -27.85
C ARG B 659 -16.36 2.21 -29.20
N GLU B 660 -17.69 2.04 -29.24
CA GLU B 660 -18.37 1.87 -30.51
C GLU B 660 -18.32 3.13 -31.36
N PHE B 661 -17.98 4.28 -30.78
CA PHE B 661 -17.97 5.53 -31.51
C PHE B 661 -16.63 5.80 -32.20
N HIS B 662 -15.69 4.87 -32.17
CA HIS B 662 -14.37 5.13 -32.72
C HIS B 662 -14.48 5.49 -34.20
N GLY B 663 -13.74 6.51 -34.61
CA GLY B 663 -13.73 6.92 -36.00
C GLY B 663 -14.87 7.83 -36.41
N CYS B 664 -15.80 8.14 -35.50
CA CYS B 664 -16.89 9.04 -35.82
C CYS B 664 -16.35 10.47 -35.95
N THR B 665 -16.98 11.23 -36.84
CA THR B 665 -16.59 12.62 -37.03
C THR B 665 -17.82 13.54 -36.98
N ILE B 666 -18.96 13.03 -37.42
CA ILE B 666 -20.22 13.74 -37.31
C ILE B 666 -21.20 12.87 -36.54
N ILE B 667 -21.74 13.40 -35.47
CA ILE B 667 -22.83 12.76 -34.75
C ILE B 667 -24.13 13.33 -35.28
N THR B 668 -25.08 12.46 -35.57
CA THR B 668 -26.34 12.89 -36.16
C THR B 668 -27.50 12.27 -35.39
N GLY B 669 -28.71 12.56 -35.86
CA GLY B 669 -29.90 12.04 -35.24
C GLY B 669 -30.49 12.99 -34.21
N THR B 670 -31.82 12.99 -34.13
CA THR B 670 -32.51 13.90 -33.24
C THR B 670 -32.18 13.64 -31.78
N GLU B 671 -31.86 12.41 -31.41
CA GLU B 671 -31.54 12.11 -30.03
C GLU B 671 -30.25 12.80 -29.60
N PRO B 672 -30.16 13.22 -28.34
CA PRO B 672 -28.96 13.92 -27.89
C PRO B 672 -27.90 12.96 -27.37
N LEU B 673 -26.64 13.31 -27.64
CA LEU B 673 -25.52 12.51 -27.18
C LEU B 673 -25.36 12.61 -25.66
N THR B 674 -25.91 11.65 -24.94
CA THR B 674 -25.99 11.70 -23.48
C THR B 674 -24.80 10.97 -22.87
N ILE B 675 -23.83 11.72 -22.36
CA ILE B 675 -22.71 11.13 -21.64
C ILE B 675 -23.14 10.94 -20.20
N SER B 676 -23.40 9.70 -19.81
CA SER B 676 -23.92 9.40 -18.49
C SER B 676 -23.13 8.26 -17.87
N ILE B 677 -21.80 8.34 -17.92
CA ILE B 677 -20.96 7.24 -17.43
C ILE B 677 -20.95 7.31 -15.91
N LYS B 678 -21.80 6.51 -15.28
CA LYS B 678 -21.87 6.52 -13.83
C LYS B 678 -20.66 5.86 -13.19
N ARG B 679 -20.03 4.90 -13.88
CA ARG B 679 -18.91 4.19 -13.31
C ARG B 679 -17.74 5.12 -13.07
N GLU B 680 -17.36 5.32 -11.82
CA GLU B 680 -16.20 6.15 -11.50
C GLU B 680 -14.94 5.36 -11.82
N SER B 681 -14.72 5.08 -13.10
CA SER B 681 -13.63 4.20 -13.50
C SER B 681 -12.26 4.76 -13.13
N GLY B 682 -12.16 6.05 -12.85
CA GLY B 682 -10.89 6.59 -12.36
C GLY B 682 -10.04 7.16 -13.49
N ALA B 683 -8.78 6.71 -13.53
CA ALA B 683 -7.81 7.34 -14.42
C ALA B 683 -8.11 7.05 -15.88
N HIS B 684 -8.34 5.79 -16.23
CA HIS B 684 -8.44 5.39 -17.63
C HIS B 684 -9.75 5.85 -18.28
N VAL B 685 -10.64 6.48 -17.54
CA VAL B 685 -11.88 6.98 -18.13
C VAL B 685 -11.58 7.94 -19.28
N MET B 686 -10.65 8.86 -19.06
CA MET B 686 -10.28 9.79 -20.12
C MET B 686 -9.72 9.04 -21.32
N ASP B 687 -8.94 7.99 -21.07
CA ASP B 687 -8.35 7.24 -22.16
C ASP B 687 -9.43 6.66 -23.06
N GLU B 688 -10.43 6.01 -22.47
CA GLU B 688 -11.45 5.36 -23.28
C GLU B 688 -12.37 6.38 -23.94
N LEU B 689 -12.79 7.40 -23.20
CA LEU B 689 -13.67 8.40 -23.80
C LEU B 689 -12.99 9.11 -24.95
N LYS B 690 -11.70 9.45 -24.79
CA LYS B 690 -10.96 10.10 -25.85
C LYS B 690 -10.90 9.21 -27.08
N TYR B 691 -10.65 7.92 -26.89
CA TYR B 691 -10.55 7.00 -28.03
C TYR B 691 -11.82 7.00 -28.86
N GLY B 692 -12.98 7.04 -28.21
CA GLY B 692 -14.23 6.91 -28.94
C GLY B 692 -14.69 8.22 -29.56
N LEU B 693 -14.29 9.35 -28.99
CA LEU B 693 -14.85 10.64 -29.37
C LEU B 693 -13.82 11.68 -29.79
N ALA B 694 -12.52 11.42 -29.61
CA ALA B 694 -11.53 12.44 -29.95
C ALA B 694 -11.71 12.93 -31.37
N ALA B 695 -12.08 12.03 -32.29
CA ALA B 695 -12.18 12.41 -33.69
C ALA B 695 -13.46 13.14 -34.02
N VAL B 696 -14.39 13.25 -33.09
CA VAL B 696 -15.68 13.89 -33.38
C VAL B 696 -15.44 15.36 -33.67
N HIS B 697 -16.21 15.90 -34.61
CA HIS B 697 -15.97 17.24 -35.12
C HIS B 697 -17.21 18.11 -35.04
N LYS B 698 -18.37 17.53 -35.33
CA LYS B 698 -19.62 18.27 -35.39
C LYS B 698 -20.72 17.42 -34.80
N ILE B 699 -21.56 18.02 -33.96
CA ILE B 699 -22.68 17.33 -33.33
C ILE B 699 -23.95 17.98 -33.81
N GLN B 700 -24.84 17.18 -34.40
CA GLN B 700 -26.05 17.76 -34.97
C GLN B 700 -27.08 18.10 -33.90
N SER B 701 -27.15 17.32 -32.83
CA SER B 701 -28.25 17.42 -31.89
C SER B 701 -27.77 17.66 -30.46
N SER B 702 -26.79 18.54 -30.28
CA SER B 702 -26.46 18.98 -28.93
C SER B 702 -25.88 17.88 -28.07
N LEU B 703 -25.30 18.26 -26.93
CA LEU B 703 -24.61 17.33 -26.06
C LEU B 703 -25.14 17.49 -24.64
N MET B 704 -25.18 16.39 -23.89
CA MET B 704 -25.67 16.39 -22.53
C MET B 704 -24.75 15.53 -21.67
N VAL B 705 -24.31 16.11 -20.55
CA VAL B 705 -23.45 15.43 -19.59
C VAL B 705 -24.25 15.34 -18.30
N HIS B 706 -24.45 14.13 -17.79
CA HIS B 706 -25.42 13.90 -16.74
C HIS B 706 -24.95 12.81 -15.80
N LEU B 707 -25.00 13.09 -14.50
CA LEU B 707 -24.74 12.10 -13.45
C LEU B 707 -23.39 11.40 -13.62
N THR B 708 -22.42 12.05 -14.24
CA THR B 708 -21.11 11.44 -14.38
C THR B 708 -20.31 11.57 -13.08
N TYR B 709 -19.60 10.50 -12.72
CA TYR B 709 -18.84 10.46 -11.48
C TYR B 709 -17.38 10.85 -11.67
N GLY B 710 -16.65 10.11 -12.48
CA GLY B 710 -15.23 10.35 -12.61
C GLY B 710 -14.81 11.25 -13.74
N LEU B 711 -15.75 11.85 -14.45
CA LEU B 711 -15.44 12.67 -15.62
C LEU B 711 -14.79 13.96 -15.14
N LYS B 712 -13.48 14.08 -15.33
CA LYS B 712 -12.76 15.25 -14.83
C LYS B 712 -13.06 16.49 -15.65
N SER B 713 -13.07 16.37 -16.98
CA SER B 713 -13.29 17.53 -17.83
C SER B 713 -13.72 17.05 -19.20
N LEU B 714 -14.25 17.98 -19.99
CA LEU B 714 -14.65 17.70 -21.36
C LEU B 714 -13.52 17.92 -22.35
N LYS B 715 -12.27 17.83 -21.90
CA LYS B 715 -11.14 17.98 -22.81
C LYS B 715 -11.12 16.89 -23.87
N PHE B 716 -11.76 15.76 -23.63
CA PHE B 716 -11.64 14.64 -24.56
C PHE B 716 -12.28 14.92 -25.90
N PHE B 717 -13.08 15.98 -26.03
CA PHE B 717 -13.56 16.41 -27.34
C PHE B 717 -12.43 17.17 -28.06
N GLN B 718 -11.37 16.43 -28.36
CA GLN B 718 -10.14 17.04 -28.88
C GLN B 718 -10.34 17.73 -30.22
N SER B 719 -11.44 17.45 -30.92
CA SER B 719 -11.61 18.03 -32.25
C SER B 719 -13.02 18.57 -32.47
N LEU B 720 -13.77 18.84 -31.41
CA LEU B 720 -15.10 19.39 -31.57
C LEU B 720 -15.01 20.87 -31.97
N THR B 721 -15.85 21.27 -32.92
CA THR B 721 -15.80 22.63 -33.43
C THR B 721 -17.19 23.22 -33.61
N GLU B 722 -18.22 22.39 -33.59
CA GLU B 722 -19.58 22.90 -33.80
C GLU B 722 -20.58 21.98 -33.12
N ILE B 723 -21.36 22.52 -32.20
CA ILE B 723 -22.57 21.88 -31.71
C ILE B 723 -23.72 22.55 -32.43
N SER B 724 -24.05 22.05 -33.62
CA SER B 724 -25.08 22.69 -34.42
C SER B 724 -26.41 22.78 -33.68
N GLY B 725 -26.72 21.82 -32.83
CA GLY B 725 -27.94 21.86 -32.06
C GLY B 725 -29.18 22.07 -32.91
N ASP B 726 -29.25 21.44 -34.08
CA ASP B 726 -30.38 21.65 -34.97
C ASP B 726 -31.65 21.29 -34.19
N PRO B 727 -31.81 20.06 -33.71
CA PRO B 727 -32.77 19.83 -32.63
C PRO B 727 -32.10 20.04 -31.28
N PRO B 728 -32.48 21.06 -30.53
CA PRO B 728 -31.87 21.26 -29.20
C PRO B 728 -32.62 20.49 -28.13
N MET B 729 -32.04 20.49 -26.94
CA MET B 729 -32.66 19.82 -25.79
C MET B 729 -34.00 20.44 -25.44
N ASP B 730 -34.84 19.62 -24.81
CA ASP B 730 -35.93 20.10 -23.97
C ASP B 730 -36.73 21.21 -24.64
N ALA B 731 -37.39 20.88 -25.76
CA ALA B 731 -38.25 21.84 -26.46
C ALA B 731 -37.45 23.04 -26.96
N ASP B 732 -36.28 22.75 -27.53
CA ASP B 732 -35.41 23.75 -28.14
C ASP B 732 -34.86 24.75 -27.14
N LYS B 733 -34.99 24.48 -25.84
CA LYS B 733 -34.52 25.44 -24.85
C LYS B 733 -33.00 25.43 -24.73
N TYR B 734 -32.38 24.26 -24.79
CA TYR B 734 -30.96 24.12 -24.49
C TYR B 734 -30.25 23.33 -25.57
N ALA B 735 -28.97 23.63 -25.74
CA ALA B 735 -28.10 22.90 -26.65
C ALA B 735 -26.86 22.36 -25.96
N LEU B 736 -26.70 22.61 -24.67
CA LEU B 736 -25.59 22.05 -23.90
C LEU B 736 -26.10 21.87 -22.48
N TYR B 737 -26.13 20.63 -22.02
CA TYR B 737 -26.92 20.25 -20.84
C TYR B 737 -26.00 19.53 -19.86
N VAL B 738 -25.33 20.30 -19.00
CA VAL B 738 -24.41 19.75 -18.03
C VAL B 738 -25.12 19.79 -16.68
N LEU B 739 -25.35 18.63 -16.10
CA LEU B 739 -26.17 18.53 -14.89
C LEU B 739 -25.63 17.45 -13.96
N ASP B 740 -25.42 17.82 -12.70
CA ASP B 740 -25.18 16.85 -11.63
C ASP B 740 -23.96 15.96 -11.92
N ASN B 741 -22.78 16.58 -11.97
CA ASN B 741 -21.53 15.88 -12.15
C ASN B 741 -20.66 16.10 -10.92
N ARG B 742 -20.20 15.01 -10.31
CA ARG B 742 -19.48 15.14 -9.04
C ARG B 742 -18.08 15.70 -9.23
N ASP B 743 -17.48 15.55 -10.41
CA ASP B 743 -16.08 15.87 -10.58
C ASP B 743 -15.78 16.62 -11.89
N LEU B 744 -16.77 17.27 -12.49
CA LEU B 744 -16.51 18.04 -13.70
C LEU B 744 -15.80 19.32 -13.33
N ASP B 745 -14.56 19.49 -13.81
CA ASP B 745 -13.72 20.61 -13.40
C ASP B 745 -13.41 21.60 -14.51
N GLU B 746 -13.27 21.15 -15.75
CA GLU B 746 -12.95 22.04 -16.85
C GLU B 746 -13.85 21.74 -18.04
N LEU B 747 -14.30 22.80 -18.70
CA LEU B 747 -14.91 22.66 -20.01
C LEU B 747 -13.79 22.54 -21.04
N TRP B 748 -14.13 22.69 -22.32
CA TRP B 748 -13.16 22.51 -23.38
C TRP B 748 -11.82 23.15 -23.01
N GLY B 749 -10.74 22.55 -23.50
CA GLY B 749 -9.41 23.02 -23.20
C GLY B 749 -9.17 24.43 -23.67
N PRO B 750 -7.92 24.87 -23.62
CA PRO B 750 -7.62 26.24 -24.06
C PRO B 750 -8.03 26.46 -25.51
N ASN B 751 -8.47 27.68 -25.79
CA ASN B 751 -9.02 28.01 -27.10
C ASN B 751 -10.25 27.14 -27.36
N GLN B 752 -10.15 26.20 -28.29
CA GLN B 752 -11.21 25.21 -28.49
C GLN B 752 -12.59 25.85 -28.58
N THR B 753 -12.76 26.66 -29.62
CA THR B 753 -14.08 27.22 -29.89
C THR B 753 -15.05 26.11 -30.28
N VAL B 754 -16.31 26.28 -29.90
CA VAL B 754 -17.34 25.29 -30.23
C VAL B 754 -18.52 25.89 -30.98
N PHE B 755 -18.77 27.18 -30.87
CA PHE B 755 -19.75 27.87 -31.71
C PHE B 755 -21.11 27.16 -31.69
N ILE B 756 -21.72 27.16 -30.51
CA ILE B 756 -23.09 26.68 -30.39
C ILE B 756 -23.98 27.56 -31.27
N ARG B 757 -24.83 26.94 -32.08
CA ARG B 757 -25.63 27.71 -33.03
C ARG B 757 -27.02 28.02 -32.52
N LYS B 758 -27.65 27.09 -31.81
CA LYS B 758 -29.06 27.23 -31.48
C LYS B 758 -29.26 26.93 -30.00
N GLY B 759 -30.25 27.58 -29.41
CA GLY B 759 -30.61 27.32 -28.03
C GLY B 759 -29.61 27.87 -27.03
N GLY B 760 -29.97 27.80 -25.75
CA GLY B 760 -29.11 28.25 -24.67
C GLY B 760 -28.25 27.13 -24.12
N VAL B 761 -27.97 27.22 -22.82
CA VAL B 761 -27.19 26.22 -22.12
C VAL B 761 -27.82 25.99 -20.76
N PHE B 762 -27.31 24.99 -20.05
CA PHE B 762 -27.86 24.59 -18.76
C PHE B 762 -26.75 24.03 -17.90
N PHE B 763 -26.56 24.61 -16.71
CA PHE B 763 -25.49 24.19 -15.80
C PHE B 763 -26.03 24.25 -14.38
N HIS B 764 -25.99 23.11 -13.69
CA HIS B 764 -26.41 23.07 -12.30
C HIS B 764 -25.77 21.88 -11.60
N PHE B 765 -25.62 22.00 -10.29
CA PHE B 765 -25.13 20.91 -9.45
C PHE B 765 -23.81 20.34 -9.96
N ASN B 766 -22.91 21.21 -10.37
CA ASN B 766 -21.57 20.82 -10.76
C ASN B 766 -20.59 21.35 -9.72
N PRO B 767 -20.48 20.71 -8.56
CA PRO B 767 -19.76 21.32 -7.45
C PRO B 767 -18.34 21.75 -7.79
N LYS B 768 -17.61 20.97 -8.60
CA LYS B 768 -16.21 21.32 -8.85
C LYS B 768 -16.06 22.42 -9.90
N LEU B 769 -17.12 22.71 -10.64
CA LEU B 769 -17.02 23.63 -11.77
C LEU B 769 -17.19 25.06 -11.28
N CYS B 770 -16.09 25.81 -11.26
CA CYS B 770 -16.19 27.22 -10.90
C CYS B 770 -16.97 27.98 -11.95
N VAL B 771 -17.82 28.92 -11.49
CA VAL B 771 -18.68 29.64 -12.41
C VAL B 771 -17.86 30.41 -13.44
N SER B 772 -16.74 30.99 -13.01
CA SER B 772 -15.92 31.74 -13.95
C SER B 772 -15.51 30.90 -15.15
N THR B 773 -15.35 29.59 -14.97
CA THR B 773 -15.05 28.73 -16.10
C THR B 773 -16.22 28.66 -17.08
N ILE B 774 -17.45 28.61 -16.57
CA ILE B 774 -18.60 28.57 -17.45
C ILE B 774 -18.69 29.87 -18.24
N ASN B 775 -18.30 30.99 -17.64
CA ASN B 775 -18.39 32.27 -18.32
C ASN B 775 -17.52 32.31 -19.57
N GLN B 776 -16.57 31.39 -19.71
CA GLN B 776 -15.79 31.32 -20.93
C GLN B 776 -16.66 31.09 -22.15
N LEU B 777 -17.86 30.55 -21.97
CA LEU B 777 -18.76 30.30 -23.08
C LEU B 777 -19.53 31.54 -23.51
N LEU B 778 -19.49 32.62 -22.74
CA LEU B 778 -20.25 33.81 -23.13
C LEU B 778 -19.93 34.27 -24.54
N PRO B 779 -18.67 34.35 -24.97
CA PRO B 779 -18.39 34.69 -26.38
C PRO B 779 -18.60 33.53 -27.32
N MET B 780 -19.03 32.38 -26.82
CA MET B 780 -19.16 31.17 -27.63
C MET B 780 -20.51 31.09 -28.32
N LEU B 781 -21.59 31.31 -27.58
CA LEU B 781 -22.93 31.15 -28.14
C LEU B 781 -23.12 32.08 -29.33
N ALA B 782 -23.82 31.58 -30.35
CA ALA B 782 -24.15 32.41 -31.49
C ALA B 782 -25.00 33.61 -31.08
N SER B 783 -25.91 33.43 -30.12
CA SER B 783 -26.71 34.55 -29.64
C SER B 783 -25.86 35.65 -29.02
N LYS B 784 -24.67 35.31 -28.53
CA LYS B 784 -23.74 36.29 -27.99
C LYS B 784 -24.37 37.05 -26.82
N PRO B 785 -24.94 36.36 -25.84
CA PRO B 785 -25.49 37.06 -24.67
C PRO B 785 -24.39 37.64 -23.80
N LYS B 786 -24.71 38.71 -23.09
CA LYS B 786 -23.74 39.36 -22.22
C LYS B 786 -23.62 38.68 -20.86
N PHE B 787 -24.58 37.83 -20.50
CA PHE B 787 -24.53 37.16 -19.21
C PHE B 787 -25.55 36.03 -19.22
N PHE B 788 -25.41 35.13 -18.25
CA PHE B 788 -26.30 33.98 -18.11
C PHE B 788 -27.28 34.22 -16.97
N GLU B 789 -28.56 33.97 -17.26
CA GLU B 789 -29.58 34.08 -16.22
C GLU B 789 -29.39 32.97 -15.19
N LYS B 790 -29.87 33.23 -13.97
CA LYS B 790 -29.80 32.21 -12.92
C LYS B 790 -30.51 30.93 -13.34
N SER B 791 -31.53 31.01 -14.18
CA SER B 791 -32.21 29.81 -14.63
C SER B 791 -31.33 28.93 -15.49
N ASP B 792 -30.26 29.48 -16.09
CA ASP B 792 -29.40 28.73 -16.99
C ASP B 792 -28.12 28.24 -16.33
N VAL B 793 -27.45 29.06 -15.54
CA VAL B 793 -26.27 28.64 -14.80
C VAL B 793 -26.50 28.96 -13.34
N GLY B 794 -26.47 27.94 -12.50
CA GLY B 794 -26.73 28.12 -11.08
C GLY B 794 -25.65 28.97 -10.44
N ALA B 795 -26.08 30.02 -9.72
CA ALA B 795 -25.12 30.85 -9.02
C ALA B 795 -24.51 30.12 -7.83
N ASP B 796 -25.33 29.31 -7.14
CA ASP B 796 -24.90 28.61 -5.94
C ASP B 796 -24.67 27.13 -6.14
N SER B 797 -25.21 26.55 -7.21
CA SER B 797 -25.10 25.13 -7.45
C SER B 797 -23.81 24.74 -8.18
N ASN B 798 -23.02 25.70 -8.62
CA ASN B 798 -21.80 25.44 -9.37
C ASN B 798 -20.60 25.89 -8.55
N GLY B 799 -19.49 25.19 -8.70
CA GLY B 799 -18.28 25.58 -8.01
C GLY B 799 -18.40 25.63 -6.52
N ASN B 800 -19.37 24.91 -5.94
CA ASN B 800 -19.56 24.95 -4.50
C ASN B 800 -18.34 24.45 -3.75
N ARG B 801 -17.52 23.61 -4.37
CA ARG B 801 -16.32 23.08 -3.75
C ARG B 801 -15.08 23.27 -4.61
N GLY B 802 -15.17 24.08 -5.67
CA GLY B 802 -14.07 24.20 -6.59
C GLY B 802 -13.14 25.35 -6.23
N SER B 803 -11.88 25.18 -6.60
CA SER B 803 -10.87 26.23 -6.41
C SER B 803 -11.15 27.32 -7.43
N CYS B 804 -11.76 28.41 -6.96
CA CYS B 804 -12.19 29.51 -7.82
C CYS B 804 -11.43 30.78 -7.47
N GLY B 805 -11.07 31.54 -8.50
CA GLY B 805 -10.38 32.80 -8.28
C GLY B 805 -9.06 32.66 -7.58
N THR B 806 -8.26 31.66 -7.97
CA THR B 806 -7.00 31.43 -7.28
C THR B 806 -6.02 32.56 -7.58
N ALA B 807 -5.40 33.10 -6.53
CA ALA B 807 -4.28 34.00 -6.71
C ALA B 807 -2.98 33.21 -6.74
N VAL B 808 -1.88 33.90 -6.96
CA VAL B 808 -0.56 33.28 -7.09
C VAL B 808 0.31 33.72 -5.92
N LEU B 809 1.01 32.76 -5.33
CA LEU B 809 1.91 33.01 -4.22
C LEU B 809 3.36 32.87 -4.68
N ASN B 810 4.20 33.80 -4.24
CA ASN B 810 5.62 33.75 -4.53
C ASN B 810 6.31 32.90 -3.46
N VAL B 811 6.79 31.72 -3.85
CA VAL B 811 7.55 30.90 -2.92
C VAL B 811 9.03 31.02 -3.23
N THR B 812 9.83 31.35 -2.22
CA THR B 812 11.27 31.41 -2.36
C THR B 812 11.90 30.61 -1.24
N LEU B 813 12.95 29.86 -1.58
CA LEU B 813 13.66 29.02 -0.63
C LEU B 813 14.89 29.76 -0.13
N GLN B 814 14.95 29.98 1.18
CA GLN B 814 16.02 30.78 1.75
C GLN B 814 17.36 30.07 1.68
N SER B 815 17.40 28.81 2.11
CA SER B 815 18.66 28.09 2.20
C SER B 815 18.42 26.61 1.96
N VAL B 816 19.46 25.95 1.46
CA VAL B 816 19.42 24.52 1.16
C VAL B 816 20.63 23.87 1.79
N GLY B 817 20.40 22.75 2.50
CA GLY B 817 21.45 22.03 3.17
C GLY B 817 21.69 20.66 2.55
N ALA B 818 22.47 19.86 3.27
CA ALA B 818 22.72 18.49 2.83
C ALA B 818 21.43 17.69 2.79
N ASN B 819 20.59 17.82 3.82
CA ASN B 819 19.36 17.03 3.89
C ASN B 819 18.18 17.85 4.41
N SER B 820 18.23 19.18 4.28
CA SER B 820 17.13 20.02 4.73
C SER B 820 17.11 21.29 3.89
N ALA B 821 15.95 21.93 3.86
CA ALA B 821 15.79 23.18 3.12
C ALA B 821 14.67 23.97 3.77
N MET B 822 14.63 25.26 3.48
CA MET B 822 13.67 26.17 4.08
C MET B 822 12.94 26.91 2.96
N LEU B 823 11.64 27.15 3.16
CA LEU B 823 10.81 27.86 2.20
C LEU B 823 10.28 29.13 2.83
N ASN B 824 9.99 30.12 1.99
CA ASN B 824 9.64 31.46 2.44
C ASN B 824 8.56 31.99 1.51
N VAL B 825 7.32 31.99 1.98
CA VAL B 825 6.22 32.46 1.15
C VAL B 825 6.25 33.97 1.11
N THR B 826 6.82 34.53 0.05
CA THR B 826 7.08 35.97 0.01
C THR B 826 5.80 36.78 -0.05
N THR B 827 4.80 36.30 -0.77
CA THR B 827 3.60 37.11 -1.00
C THR B 827 2.91 37.37 0.33
N LYS B 828 3.03 38.60 0.83
CA LYS B 828 2.41 38.94 2.09
C LYS B 828 0.91 38.80 1.99
N VAL B 829 0.31 38.14 2.97
CA VAL B 829 -1.12 37.89 3.01
C VAL B 829 -1.68 38.59 4.25
N GLU B 830 -2.60 39.51 4.04
CA GLU B 830 -3.23 40.24 5.14
C GLU B 830 -4.29 39.34 5.74
N ILE B 831 -3.93 38.62 6.80
CA ILE B 831 -4.86 37.67 7.38
C ILE B 831 -6.12 38.37 7.88
N GLY B 832 -5.98 39.49 8.56
CA GLY B 832 -7.11 40.32 8.91
C GLY B 832 -7.33 41.39 7.88
N GLU B 833 -8.50 42.01 7.94
CA GLU B 833 -8.75 43.14 7.06
C GLU B 833 -7.73 44.23 7.34
N PRO B 834 -7.21 44.91 6.32
CA PRO B 834 -6.08 45.84 6.56
C PRO B 834 -6.27 46.77 7.74
N GLN B 835 -7.42 47.41 7.87
CA GLN B 835 -7.71 48.36 8.95
C GLN B 835 -6.55 49.32 9.17
N LYS B 836 -6.31 50.19 8.18
CA LYS B 836 -7.06 50.33 6.93
C LYS B 836 -6.21 50.81 5.75
N PRO B 837 -5.07 50.16 5.47
CA PRO B 837 -4.32 50.47 4.26
C PRO B 837 -4.76 49.60 3.08
N SER B 838 -4.28 49.98 1.90
CA SER B 838 -4.58 49.28 0.66
C SER B 838 -3.49 48.24 0.37
N ASN B 839 -3.47 47.74 -0.86
CA ASN B 839 -2.45 46.81 -1.34
C ASN B 839 -2.64 45.44 -0.70
N ALA B 840 -1.62 44.59 -0.76
CA ALA B 840 -1.74 43.22 -0.26
C ALA B 840 -2.82 42.45 -1.03
N THR B 841 -2.55 42.19 -2.31
CA THR B 841 -3.52 41.56 -3.21
C THR B 841 -4.39 40.51 -2.53
N ILE B 842 -3.81 39.61 -1.76
CA ILE B 842 -4.53 38.52 -1.13
C ILE B 842 -4.85 38.91 0.31
N VAL B 843 -6.10 38.72 0.71
CA VAL B 843 -6.56 39.16 2.03
C VAL B 843 -7.68 38.24 2.48
N PHE B 844 -7.73 37.99 3.78
CA PHE B 844 -8.78 37.21 4.41
C PHE B 844 -9.61 38.10 5.31
N LYS B 845 -10.93 37.99 5.23
CA LYS B 845 -11.80 38.84 6.03
C LYS B 845 -11.82 38.44 7.49
N ASP B 846 -11.24 37.30 7.86
CA ASP B 846 -11.28 36.85 9.24
C ASP B 846 -10.01 36.08 9.59
N PRO B 847 -9.27 36.48 10.61
CA PRO B 847 -8.02 35.76 10.93
C PRO B 847 -8.25 34.28 11.17
N ARG B 848 -9.38 33.94 11.77
CA ARG B 848 -9.67 32.56 12.14
C ARG B 848 -10.02 31.70 10.94
N ALA B 849 -10.33 32.31 9.79
CA ALA B 849 -10.74 31.55 8.62
C ALA B 849 -9.56 30.98 7.85
N PHE B 850 -8.34 31.35 8.22
CA PHE B 850 -7.15 30.93 7.49
C PHE B 850 -6.33 30.00 8.37
N ILE B 851 -6.48 28.69 8.13
CA ILE B 851 -5.74 27.72 8.95
C ILE B 851 -4.24 27.91 8.77
N GLY B 852 -3.79 28.06 7.54
CA GLY B 852 -2.37 28.26 7.30
C GLY B 852 -1.97 27.69 5.95
N PHE B 853 -0.76 28.04 5.54
CA PHE B 853 -0.19 27.48 4.33
C PHE B 853 0.10 26.00 4.53
N VAL B 854 0.06 25.25 3.44
CA VAL B 854 0.45 23.86 3.42
C VAL B 854 1.45 23.65 2.31
N PHE B 855 2.57 23.01 2.62
CA PHE B 855 3.68 22.88 1.69
C PHE B 855 3.70 21.47 1.12
N TYR B 856 3.80 21.38 -0.20
CA TYR B 856 3.89 20.11 -0.90
C TYR B 856 5.29 19.96 -1.45
N HIS B 857 5.80 18.72 -1.48
CA HIS B 857 7.07 18.44 -2.11
C HIS B 857 7.18 16.96 -2.40
N MET B 858 8.03 16.63 -3.38
CA MET B 858 8.27 15.25 -3.75
C MET B 858 9.52 15.18 -4.61
N ILE B 859 10.08 13.99 -4.72
CA ILE B 859 11.30 13.78 -5.49
C ILE B 859 10.95 13.73 -6.97
N ASP B 860 11.65 14.52 -7.78
CA ASP B 860 11.37 14.61 -9.21
C ASP B 860 12.68 14.75 -9.97
N PRO B 861 13.24 13.64 -10.48
CA PRO B 861 14.52 13.74 -11.21
C PRO B 861 14.46 14.61 -12.45
N TYR B 862 13.26 14.88 -12.99
CA TYR B 862 13.13 15.63 -14.23
C TYR B 862 12.57 17.02 -14.04
N GLY B 863 12.09 17.37 -12.85
CA GLY B 863 11.59 18.71 -12.61
C GLY B 863 10.37 19.07 -13.43
N ASN B 864 9.65 18.08 -13.96
CA ASN B 864 8.46 18.33 -14.75
C ASN B 864 7.20 17.76 -14.12
N SER B 865 7.23 17.39 -12.85
CA SER B 865 6.02 16.90 -12.19
C SER B 865 4.98 18.00 -12.11
N THR B 866 3.71 17.60 -12.15
CA THR B 866 2.60 18.54 -12.18
C THR B 866 1.88 18.54 -10.84
N LYS B 867 1.16 19.64 -10.58
CA LYS B 867 0.48 19.78 -9.30
C LYS B 867 -0.51 18.65 -9.05
N SER B 868 -1.28 18.27 -10.07
CA SER B 868 -2.27 17.23 -9.91
C SER B 868 -2.35 16.41 -11.19
N SER B 869 -2.83 15.18 -11.04
CA SER B 869 -2.98 14.27 -12.16
C SER B 869 -4.32 13.56 -12.06
N ASP B 870 -4.81 13.08 -13.19
CA ASP B 870 -6.09 12.38 -13.26
C ASP B 870 -5.91 11.00 -12.64
N ASP B 871 -6.12 10.92 -11.33
CA ASP B 871 -5.99 9.67 -10.58
C ASP B 871 -6.92 9.75 -9.39
N PRO B 872 -7.46 8.62 -8.92
CA PRO B 872 -8.29 8.66 -7.71
C PRO B 872 -7.62 9.41 -6.57
N CYS B 873 -6.45 8.94 -6.13
CA CYS B 873 -5.67 9.69 -5.16
C CYS B 873 -4.21 9.32 -5.37
N ASP B 874 -3.48 10.17 -6.10
CA ASP B 874 -2.06 9.96 -6.35
C ASP B 874 -1.30 10.38 -5.11
N ASP B 875 -0.61 9.43 -4.49
CA ASP B 875 0.09 9.69 -3.23
C ASP B 875 1.49 10.20 -3.48
N ARG B 876 1.74 10.74 -4.68
CA ARG B 876 3.08 11.19 -5.01
C ARG B 876 3.55 12.28 -4.05
N TRP B 877 2.69 13.28 -3.81
CA TRP B 877 3.11 14.46 -3.06
C TRP B 877 3.15 14.17 -1.56
N LYS B 878 4.28 14.50 -0.94
CA LYS B 878 4.32 14.60 0.50
C LYS B 878 3.70 15.91 0.94
N VAL B 879 2.82 15.84 1.92
CA VAL B 879 2.03 16.99 2.35
C VAL B 879 2.45 17.36 3.77
N SER B 880 2.90 18.60 3.95
CA SER B 880 3.20 19.09 5.27
C SER B 880 1.91 19.39 6.02
N SER B 881 2.04 19.56 7.33
CA SER B 881 0.90 19.96 8.13
C SER B 881 0.60 21.43 7.89
N PRO B 882 -0.64 21.87 8.09
CA PRO B 882 -0.95 23.29 7.91
C PRO B 882 -0.03 24.13 8.78
N GLU B 883 0.48 25.20 8.19
CA GLU B 883 1.52 26.02 8.83
C GLU B 883 1.13 27.47 8.63
N LYS B 884 0.72 28.13 9.72
CA LYS B 884 0.28 29.52 9.62
C LYS B 884 1.44 30.51 9.55
N SER B 885 2.62 30.11 10.02
CA SER B 885 3.72 31.07 10.11
C SER B 885 4.12 31.59 8.74
N GLY B 886 4.12 30.74 7.72
CA GLY B 886 4.54 31.13 6.40
C GLY B 886 5.94 30.70 6.03
N VAL B 887 6.68 30.07 6.94
CA VAL B 887 8.00 29.55 6.65
C VAL B 887 8.07 28.11 7.13
N MET B 888 8.62 27.25 6.29
CA MET B 888 8.68 25.82 6.55
C MET B 888 10.10 25.33 6.31
N VAL B 889 10.47 24.28 7.02
CA VAL B 889 11.80 23.68 6.90
C VAL B 889 11.62 22.20 6.63
N LEU B 890 11.93 21.78 5.41
CA LEU B 890 11.88 20.37 5.07
C LEU B 890 13.07 19.66 5.69
N SER B 891 12.87 18.39 6.03
CA SER B 891 13.89 17.62 6.73
C SER B 891 13.98 16.22 6.13
N ASN B 892 15.09 15.55 6.43
CA ASN B 892 15.32 14.19 5.95
C ASN B 892 15.29 14.11 4.44
N LEU B 893 15.83 15.12 3.78
CA LEU B 893 15.97 15.07 2.33
C LEU B 893 17.22 14.30 1.94
N ILE B 894 17.10 13.47 0.92
CA ILE B 894 18.27 12.77 0.39
C ILE B 894 19.17 13.78 -0.31
N PRO B 895 20.44 13.92 0.07
CA PRO B 895 21.27 14.99 -0.50
C PRO B 895 21.42 14.86 -2.00
N TYR B 896 21.82 15.98 -2.61
CA TYR B 896 22.14 16.02 -4.03
C TYR B 896 21.07 15.31 -4.87
N THR B 897 19.81 15.63 -4.62
CA THR B 897 18.72 15.09 -5.40
C THR B 897 17.78 16.23 -5.78
N ASN B 898 17.23 16.17 -6.98
CA ASN B 898 16.35 17.23 -7.44
C ASN B 898 14.95 17.03 -6.88
N TYR B 899 14.35 18.11 -6.44
CA TYR B 899 13.04 18.09 -5.80
C TYR B 899 12.08 19.03 -6.51
N SER B 900 10.80 18.89 -6.19
CA SER B 900 9.78 19.83 -6.62
C SER B 900 8.88 20.15 -5.43
N TYR B 901 8.32 21.35 -5.42
CA TYR B 901 7.53 21.81 -4.29
C TYR B 901 6.61 22.93 -4.74
N TYR B 902 5.48 23.06 -4.04
CA TYR B 902 4.58 24.17 -4.29
C TYR B 902 3.66 24.31 -3.09
N VAL B 903 3.06 25.49 -2.97
CA VAL B 903 2.37 25.91 -1.76
C VAL B 903 0.94 26.30 -2.10
N ARG B 904 0.02 25.95 -1.21
CA ARG B 904 -1.36 26.36 -1.33
C ARG B 904 -1.89 26.78 0.03
N THR B 905 -2.91 27.64 0.01
CA THR B 905 -3.56 28.05 1.24
C THR B 905 -4.66 27.06 1.62
N MET B 906 -4.85 26.91 2.93
CA MET B 906 -5.83 25.96 3.47
C MET B 906 -6.85 26.76 4.28
N ALA B 907 -7.88 27.24 3.60
CA ALA B 907 -8.93 27.99 4.26
C ALA B 907 -10.11 27.09 4.58
N ILE B 908 -10.91 27.53 5.56
CA ILE B 908 -12.10 26.77 5.91
C ILE B 908 -13.03 26.70 4.71
N SER B 909 -13.97 25.77 4.78
CA SER B 909 -14.82 25.49 3.61
C SER B 909 -15.58 26.71 3.16
N SER B 910 -16.03 27.55 4.08
CA SER B 910 -16.94 28.64 3.75
C SER B 910 -16.22 29.87 3.21
N GLU B 911 -14.90 29.87 3.14
CA GLU B 911 -14.13 31.02 2.68
C GLU B 911 -13.67 30.76 1.25
N LEU B 912 -13.92 31.71 0.37
CA LEU B 912 -13.64 31.54 -1.05
C LEU B 912 -12.29 32.10 -1.49
N THR B 913 -11.65 32.92 -0.66
CA THR B 913 -10.36 33.48 -1.02
C THR B 913 -9.27 32.45 -0.80
N ASN B 914 -8.52 32.13 -1.85
CA ASN B 914 -7.49 31.11 -1.76
C ASN B 914 -6.44 31.38 -2.83
N ALA B 915 -5.28 30.76 -2.66
CA ALA B 915 -4.19 30.96 -3.59
C ALA B 915 -3.23 29.78 -3.52
N GLU B 916 -2.46 29.61 -4.58
CA GLU B 916 -1.45 28.55 -4.63
C GLU B 916 -0.37 28.97 -5.62
N SER B 917 0.87 28.57 -5.30
CA SER B 917 2.00 28.96 -6.12
C SER B 917 2.21 27.98 -7.26
N ASP B 918 3.02 28.38 -8.22
CA ASP B 918 3.43 27.48 -9.29
C ASP B 918 4.46 26.50 -8.77
N VAL B 919 4.53 25.34 -9.42
CA VAL B 919 5.51 24.33 -9.02
C VAL B 919 6.91 24.84 -9.34
N LYS B 920 7.85 24.56 -8.45
CA LYS B 920 9.24 24.98 -8.62
C LYS B 920 10.14 23.80 -8.30
N ASN B 921 11.44 24.00 -8.56
CA ASN B 921 12.44 22.95 -8.37
C ASN B 921 13.63 23.47 -7.60
N PHE B 922 14.28 22.57 -6.87
CA PHE B 922 15.51 22.89 -6.17
C PHE B 922 16.26 21.59 -5.93
N ARG B 923 17.57 21.70 -5.73
CA ARG B 923 18.44 20.55 -5.55
C ARG B 923 19.24 20.74 -4.28
N THR B 924 19.39 19.66 -3.51
CA THR B 924 20.06 19.75 -2.23
C THR B 924 21.57 19.89 -2.42
N ASN B 925 22.29 19.89 -1.31
CA ASN B 925 23.74 20.01 -1.32
C ASN B 925 24.39 18.64 -1.54
N PRO B 926 25.65 18.62 -1.98
CA PRO B 926 26.32 17.34 -2.25
C PRO B 926 26.51 16.44 -1.04
N GLY B 927 26.52 16.97 0.17
CA GLY B 927 26.65 16.09 1.32
C GLY B 927 27.96 15.32 1.29
N ARG B 928 27.93 14.12 1.89
CA ARG B 928 29.12 13.29 2.03
C ARG B 928 28.99 12.06 1.15
N PRO B 929 29.97 11.75 0.30
CA PRO B 929 29.80 10.63 -0.63
C PRO B 929 29.81 9.30 0.09
N SER B 930 29.19 8.31 -0.55
CA SER B 930 29.07 6.98 0.04
C SER B 930 30.38 6.21 -0.08
N LYS B 931 30.47 5.12 0.66
CA LYS B 931 31.69 4.34 0.73
C LYS B 931 31.99 3.66 -0.60
N VAL B 932 33.28 3.48 -0.90
CA VAL B 932 33.70 2.71 -2.05
C VAL B 932 33.24 1.27 -1.85
N THR B 933 33.11 0.51 -2.92
CA THR B 933 32.51 -0.81 -2.89
C THR B 933 33.51 -1.89 -3.27
N GLU B 934 33.32 -3.07 -2.68
CA GLU B 934 34.10 -4.27 -2.98
C GLU B 934 35.58 -3.97 -3.18
N VAL B 935 36.19 -3.40 -2.15
CA VAL B 935 37.64 -3.20 -2.15
C VAL B 935 38.30 -4.55 -1.95
N VAL B 936 39.10 -4.99 -2.93
CA VAL B 936 39.77 -6.28 -2.87
C VAL B 936 41.24 -6.06 -3.14
N ALA B 937 42.10 -6.59 -2.28
CA ALA B 937 43.55 -6.45 -2.39
C ALA B 937 44.19 -7.82 -2.45
N THR B 938 45.09 -8.01 -3.42
CA THR B 938 45.76 -9.28 -3.61
C THR B 938 47.26 -9.03 -3.75
N ALA B 939 48.04 -9.95 -3.21
CA ALA B 939 49.49 -9.84 -3.29
C ALA B 939 49.96 -10.19 -4.70
N ILE B 940 51.06 -9.55 -5.11
CA ILE B 940 51.65 -9.79 -6.42
C ILE B 940 53.05 -10.39 -6.23
N SER B 941 53.70 -10.04 -5.15
CA SER B 941 55.07 -10.48 -4.88
C SER B 941 55.38 -10.16 -3.43
N ASP B 942 56.64 -10.28 -3.08
CA ASP B 942 57.11 -9.78 -1.79
C ASP B 942 57.26 -8.29 -1.78
N SER B 943 56.86 -7.60 -2.86
CA SER B 943 57.10 -6.16 -2.94
C SER B 943 55.94 -5.36 -3.52
N LYS B 944 54.80 -5.97 -3.84
CA LYS B 944 53.75 -5.26 -4.55
C LYS B 944 52.39 -5.74 -4.09
N ILE B 945 51.38 -4.90 -4.28
CA ILE B 945 49.98 -5.25 -4.03
C ILE B 945 49.12 -4.61 -5.10
N ASN B 946 48.08 -5.32 -5.52
CA ASN B 946 47.09 -4.84 -6.46
C ASN B 946 45.81 -4.55 -5.70
N VAL B 947 45.36 -3.31 -5.69
CA VAL B 947 44.14 -2.91 -5.00
C VAL B 947 43.09 -2.60 -6.06
N THR B 948 41.94 -3.27 -5.96
CA THR B 948 40.87 -3.13 -6.93
C THR B 948 39.59 -2.74 -6.22
N TRP B 949 38.81 -1.88 -6.85
CA TRP B 949 37.56 -1.41 -6.25
C TRP B 949 36.67 -0.82 -7.33
N SER B 950 35.39 -0.69 -7.00
CA SER B 950 34.40 -0.04 -7.85
C SER B 950 33.53 0.83 -6.95
N TYR B 951 32.57 1.51 -7.55
CA TYR B 951 31.77 2.51 -6.85
C TYR B 951 30.29 2.28 -7.13
N LEU B 952 29.82 1.05 -6.97
CA LEU B 952 28.43 0.74 -7.27
C LEU B 952 27.48 1.64 -6.49
N ASP B 953 27.72 1.84 -5.21
CA ASP B 953 26.88 2.73 -4.42
C ASP B 953 26.91 4.13 -5.01
N LYS B 954 25.76 4.79 -5.02
CA LYS B 954 25.67 6.08 -5.69
C LYS B 954 26.55 7.11 -4.99
N PRO B 955 27.15 8.02 -5.73
CA PRO B 955 27.86 9.14 -5.11
C PRO B 955 26.90 10.25 -4.75
N TYR B 956 27.45 11.27 -4.10
CA TYR B 956 26.78 12.54 -3.93
C TYR B 956 27.75 13.63 -4.33
N GLY B 957 27.33 14.47 -5.27
CA GLY B 957 28.27 15.36 -5.91
C GLY B 957 29.07 14.58 -6.94
N VAL B 958 30.13 15.22 -7.41
CA VAL B 958 30.99 14.62 -8.42
C VAL B 958 32.24 14.07 -7.76
N LEU B 959 32.68 12.89 -8.21
CA LEU B 959 33.89 12.27 -7.70
C LEU B 959 35.09 13.07 -8.17
N THR B 960 35.60 13.95 -7.30
CA THR B 960 36.73 14.78 -7.67
C THR B 960 38.03 13.99 -7.64
N ARG B 961 38.14 13.01 -6.74
CA ARG B 961 39.38 12.27 -6.59
C ARG B 961 39.15 11.03 -5.74
N TYR B 962 39.82 9.94 -6.13
CA TYR B 962 39.98 8.80 -5.26
C TYR B 962 41.21 9.00 -4.39
N PHE B 963 41.26 8.25 -3.28
CA PHE B 963 42.38 8.35 -2.37
C PHE B 963 42.74 6.96 -1.86
N ILE B 964 44.02 6.65 -1.88
CA ILE B 964 44.52 5.35 -1.46
C ILE B 964 45.64 5.55 -0.47
N LYS B 965 45.71 4.69 0.55
CA LYS B 965 46.73 4.80 1.58
C LYS B 965 47.05 3.43 2.11
N ALA B 966 48.32 3.20 2.45
CA ALA B 966 48.79 1.92 2.95
C ALA B 966 49.68 2.17 4.16
N LYS B 967 49.30 1.62 5.30
CA LYS B 967 50.07 1.74 6.53
C LYS B 967 50.65 0.37 6.88
N LEU B 968 51.96 0.33 7.08
CA LEU B 968 52.64 -0.93 7.35
C LEU B 968 52.36 -1.37 8.78
N ILE B 969 51.66 -2.49 8.93
CA ILE B 969 51.40 -3.05 10.25
C ILE B 969 52.66 -3.74 10.76
N ASN B 970 52.92 -3.58 12.05
CA ASN B 970 54.12 -4.18 12.64
C ASN B 970 54.11 -5.69 12.40
N ARG B 971 55.25 -6.21 11.99
CA ARG B 971 55.33 -7.61 11.63
C ARG B 971 55.02 -8.49 12.83
N PRO B 972 54.27 -9.58 12.65
CA PRO B 972 54.06 -10.50 13.77
C PRO B 972 55.38 -11.13 14.21
N THR B 973 55.46 -11.44 15.50
CA THR B 973 56.67 -12.00 16.08
C THR B 973 56.31 -13.16 16.99
N ARG B 974 57.31 -13.98 17.29
CA ARG B 974 57.10 -15.17 18.12
C ARG B 974 56.53 -14.79 19.47
N ASN B 975 55.57 -15.58 19.93
CA ASN B 975 55.12 -15.47 21.32
C ASN B 975 55.99 -16.36 22.20
N ASN B 976 56.53 -15.78 23.27
CA ASN B 976 57.58 -16.44 24.04
C ASN B 976 57.15 -17.82 24.53
N ASN B 977 55.88 -18.02 24.85
CA ASN B 977 55.41 -19.29 25.39
C ASN B 977 55.30 -20.38 24.34
N ARG B 978 55.38 -20.05 23.06
CA ARG B 978 55.39 -21.06 22.03
C ARG B 978 56.74 -21.78 22.01
N ASP B 979 56.78 -22.90 21.29
CA ASP B 979 57.99 -23.70 21.16
C ASP B 979 58.21 -24.04 19.70
N TYR B 980 59.46 -24.31 19.36
CA TYR B 980 59.85 -24.68 18.01
C TYR B 980 60.92 -25.76 18.10
N CYS B 981 61.11 -26.47 16.97
CA CYS B 981 61.84 -27.72 16.91
C CYS B 981 61.00 -28.84 17.51
N THR B 982 59.83 -28.48 18.05
CA THR B 982 58.84 -29.49 18.43
C THR B 982 57.55 -29.30 17.64
N GLU B 983 57.29 -28.08 17.17
CA GLU B 983 56.15 -27.79 16.31
C GLU B 983 56.61 -26.87 15.20
N PRO B 984 57.38 -27.39 14.25
CA PRO B 984 57.91 -26.53 13.18
C PRO B 984 56.79 -26.03 12.28
N LEU B 985 57.01 -24.87 11.66
CA LEU B 985 55.97 -24.22 10.88
C LEU B 985 56.15 -24.49 9.39
N VAL B 986 55.11 -25.02 8.75
CA VAL B 986 55.04 -24.97 7.30
C VAL B 986 54.46 -23.63 6.86
N LYS B 987 53.40 -23.19 7.53
CA LYS B 987 52.93 -21.82 7.47
C LYS B 987 52.57 -21.37 6.06
N ALA B 988 51.50 -21.94 5.50
CA ALA B 988 50.80 -21.32 4.39
C ALA B 988 50.10 -20.08 4.92
N MET B 989 50.20 -18.98 4.20
CA MET B 989 49.86 -17.68 4.76
C MET B 989 48.36 -17.41 4.72
N GLU B 990 47.94 -16.51 5.60
CA GLU B 990 46.53 -16.13 5.73
C GLU B 990 46.26 -14.82 5.00
N ASN B 991 44.97 -14.54 4.79
CA ASN B 991 44.55 -13.33 4.10
C ASN B 991 45.25 -13.17 2.76
N SER B 1020 -6.66 8.30 1.22
CA SER B 1020 -8.07 8.31 1.59
C SER B 1020 -8.75 9.59 1.13
N SER B 1021 -7.99 10.50 0.51
CA SER B 1021 -8.54 11.77 0.07
C SER B 1021 -9.22 12.47 1.24
N GLN B 1022 -10.55 12.33 1.35
CA GLN B 1022 -11.27 12.78 2.53
C GLN B 1022 -10.92 14.21 2.93
N GLU B 1023 -11.28 15.18 2.10
CA GLU B 1023 -11.12 16.58 2.45
C GLU B 1023 -11.39 16.79 3.92
N TYR B 1024 -10.45 17.43 4.62
CA TYR B 1024 -10.48 17.45 6.07
C TYR B 1024 -11.70 18.22 6.58
N ASP B 1025 -12.18 17.83 7.76
CA ASP B 1025 -13.33 18.49 8.35
C ASP B 1025 -12.88 19.75 9.08
N ASP B 1026 -13.56 20.86 8.81
CA ASP B 1026 -13.34 22.11 9.52
C ASP B 1026 -14.34 22.33 10.65
N ARG B 1027 -15.04 21.27 11.07
CA ARG B 1027 -16.07 21.43 12.09
C ARG B 1027 -15.51 22.10 13.33
N LYS B 1028 -14.33 21.69 13.77
CA LYS B 1028 -13.74 22.28 14.97
C LYS B 1028 -13.56 23.78 14.80
N VAL B 1029 -12.93 24.20 13.70
CA VAL B 1029 -12.67 25.63 13.51
C VAL B 1029 -13.97 26.39 13.40
N GLN B 1030 -14.94 25.88 12.64
CA GLN B 1030 -16.21 26.58 12.47
C GLN B 1030 -16.91 26.75 13.81
N ALA B 1031 -16.97 25.68 14.59
CA ALA B 1031 -17.68 25.75 15.86
C ALA B 1031 -16.99 26.70 16.82
N GLY B 1032 -15.66 26.63 16.91
CA GLY B 1032 -14.94 27.58 17.74
C GLY B 1032 -15.17 29.01 17.29
N MET B 1033 -15.20 29.23 15.97
CA MET B 1033 -15.45 30.56 15.43
C MET B 1033 -16.80 31.08 15.88
N GLU B 1034 -17.84 30.28 15.73
CA GLU B 1034 -19.17 30.76 16.11
C GLU B 1034 -19.31 30.93 17.62
N PHE B 1035 -18.70 30.05 18.42
CA PHE B 1035 -18.75 30.25 19.86
C PHE B 1035 -18.04 31.53 20.25
N GLU B 1036 -16.90 31.82 19.63
CA GLU B 1036 -16.21 33.08 19.89
C GLU B 1036 -17.09 34.26 19.55
N ASN B 1037 -17.76 34.21 18.39
CA ASN B 1037 -18.63 35.32 18.02
C ASN B 1037 -19.72 35.52 19.06
N ALA B 1038 -20.37 34.44 19.49
CA ALA B 1038 -21.43 34.57 20.47
C ALA B 1038 -20.89 35.12 21.79
N LEU B 1039 -19.75 34.60 22.24
CA LEU B 1039 -19.22 35.02 23.53
C LEU B 1039 -18.84 36.48 23.53
N GLN B 1040 -18.19 36.94 22.45
CA GLN B 1040 -17.85 38.35 22.35
C GLN B 1040 -19.11 39.20 22.27
N ASN B 1041 -20.12 38.73 21.55
CA ASN B 1041 -21.38 39.47 21.52
C ASN B 1041 -21.95 39.64 22.92
N PHE B 1042 -21.85 38.60 23.75
CA PHE B 1042 -22.43 38.67 25.09
C PHE B 1042 -21.59 39.45 26.07
N ILE B 1043 -20.27 39.41 25.96
CA ILE B 1043 -19.41 40.00 26.99
C ILE B 1043 -19.50 41.51 26.99
N PHE B 1044 -19.37 42.13 25.83
CA PHE B 1044 -19.35 43.58 25.76
C PHE B 1044 -20.76 44.13 25.82
N VAL B 1045 -20.85 45.44 26.03
CA VAL B 1045 -22.15 46.10 26.13
C VAL B 1045 -21.98 47.60 25.88
N PRO B 1046 -22.86 48.23 25.12
CA PRO B 1046 -22.78 49.68 24.95
C PRO B 1046 -23.38 50.41 26.15
N ASN B 1047 -23.24 51.73 26.12
CA ASN B 1047 -23.79 52.57 27.18
C ASN B 1047 -25.27 52.83 26.95
N LYS B 1118 42.55 7.91 13.38
CA LYS B 1118 41.55 7.18 12.59
C LYS B 1118 41.38 7.84 11.23
N ASP B 1119 42.44 8.50 10.76
CA ASP B 1119 42.52 9.03 9.41
C ASP B 1119 41.39 10.03 9.14
N ASP B 1120 41.45 11.14 9.85
CA ASP B 1120 40.59 12.28 9.53
C ASP B 1120 40.94 12.79 8.14
N GLU B 1121 39.92 13.25 7.41
CA GLU B 1121 40.13 13.62 6.01
C GLU B 1121 41.12 14.76 5.86
N ASN B 1122 41.40 15.52 6.92
CA ASN B 1122 42.37 16.59 6.82
C ASN B 1122 43.74 16.08 6.41
N THR B 1123 44.04 14.80 6.67
CA THR B 1123 45.33 14.24 6.32
C THR B 1123 45.35 13.64 4.92
N TYR B 1124 44.22 13.63 4.22
CA TYR B 1124 44.15 13.00 2.90
C TYR B 1124 44.91 13.87 1.91
N LYS B 1125 46.17 13.52 1.69
CA LYS B 1125 47.01 14.20 0.72
C LYS B 1125 48.16 13.29 0.34
N ASP B 1126 48.80 13.60 -0.79
CA ASP B 1126 49.94 12.82 -1.22
C ASP B 1126 50.98 12.75 -0.12
N GLU B 1127 51.48 11.56 0.13
CA GLU B 1127 52.42 11.34 1.23
C GLU B 1127 53.19 10.06 0.96
N GLU B 1128 54.52 10.13 1.10
CA GLU B 1128 55.37 8.97 0.93
C GLU B 1128 56.48 9.03 1.97
N ASP B 1129 56.78 7.87 2.58
CA ASP B 1129 57.73 7.81 3.68
C ASP B 1129 58.49 6.48 3.58
N LEU B 1130 59.68 6.53 2.99
CA LEU B 1130 60.54 5.36 2.96
C LEU B 1130 61.17 5.15 4.33
N SER B 1131 61.35 3.87 4.69
CA SER B 1131 61.98 3.56 5.96
C SER B 1131 63.44 4.02 5.96
N SER B 1132 64.02 4.05 7.16
CA SER B 1132 65.43 4.44 7.27
C SER B 1132 66.32 3.58 6.39
N ASN B 1133 65.94 2.31 6.18
CA ASN B 1133 66.71 1.43 5.32
C ASN B 1133 66.56 1.77 3.85
N LYS B 1134 65.63 2.64 3.49
CA LYS B 1134 65.48 3.11 2.12
C LYS B 1134 65.01 1.99 1.19
N GLN B 1135 64.56 0.87 1.76
CA GLN B 1135 64.20 -0.28 0.95
C GLN B 1135 62.70 -0.42 0.75
N PHE B 1136 61.87 0.14 1.62
CA PHE B 1136 60.44 -0.07 1.55
C PHE B 1136 59.71 1.11 2.15
N TYR B 1137 58.44 1.26 1.75
CA TYR B 1137 57.60 2.33 2.24
C TYR B 1137 56.90 1.92 3.53
N GLU B 1138 57.05 2.72 4.57
CA GLU B 1138 56.27 2.51 5.78
C GLU B 1138 54.88 3.10 5.67
N VAL B 1139 54.75 4.25 5.01
CA VAL B 1139 53.47 4.87 4.74
C VAL B 1139 53.47 5.35 3.29
N PHE B 1140 52.39 5.04 2.58
CA PHE B 1140 52.30 5.34 1.15
C PHE B 1140 50.87 5.75 0.84
N ALA B 1141 50.71 6.88 0.17
CA ALA B 1141 49.39 7.38 -0.17
C ALA B 1141 49.46 8.12 -1.49
N LYS B 1142 48.32 8.20 -2.18
CA LYS B 1142 48.28 8.79 -3.50
C LYS B 1142 46.89 9.34 -3.77
N GLU B 1143 46.83 10.41 -4.56
CA GLU B 1143 45.56 10.93 -5.06
C GLU B 1143 45.40 10.50 -6.51
N LEU B 1144 44.23 9.96 -6.87
CA LEU B 1144 44.05 9.36 -8.16
C LEU B 1144 42.90 10.01 -8.92
N PRO B 1145 42.91 9.96 -10.25
CA PRO B 1145 41.78 10.46 -11.01
C PRO B 1145 40.57 9.60 -10.78
N PRO B 1146 39.38 10.11 -11.09
CA PRO B 1146 38.15 9.39 -10.73
C PRO B 1146 37.82 8.23 -11.65
N ASN B 1147 38.75 7.80 -12.50
CA ASN B 1147 38.52 6.65 -13.36
C ASN B 1147 39.60 5.59 -13.27
N GLN B 1148 40.36 5.53 -12.17
CA GLN B 1148 41.30 4.44 -11.94
C GLN B 1148 40.68 3.50 -10.91
N THR B 1149 40.02 2.46 -11.40
CA THR B 1149 39.35 1.51 -10.53
C THR B 1149 40.31 0.54 -9.85
N HIS B 1150 41.60 0.55 -10.22
CA HIS B 1150 42.56 -0.33 -9.58
C HIS B 1150 43.93 0.33 -9.59
N PHE B 1151 44.71 0.06 -8.54
CA PHE B 1151 46.03 0.62 -8.38
C PHE B 1151 46.98 -0.47 -7.92
N VAL B 1152 48.26 -0.30 -8.22
CA VAL B 1152 49.29 -1.29 -7.89
C VAL B 1152 50.38 -0.58 -7.10
N PHE B 1153 50.83 -1.21 -6.02
CA PHE B 1153 51.85 -0.62 -5.17
C PHE B 1153 53.23 -1.09 -5.59
N GLU B 1154 54.26 -0.58 -4.90
CA GLU B 1154 55.63 -0.97 -5.17
C GLU B 1154 56.48 -0.65 -3.93
N LYS B 1155 57.69 -1.21 -3.92
CA LYS B 1155 58.63 -0.99 -2.81
C LYS B 1155 58.00 -1.32 -1.48
N LEU B 1156 57.24 -2.42 -1.44
CA LEU B 1156 56.63 -2.86 -0.21
C LEU B 1156 57.58 -3.74 0.58
N ARG B 1157 57.30 -3.88 1.86
CA ARG B 1157 58.13 -4.74 2.71
C ARG B 1157 57.77 -6.20 2.47
N HIS B 1158 58.80 -7.04 2.43
CA HIS B 1158 58.58 -8.47 2.21
C HIS B 1158 57.91 -9.09 3.43
N PHE B 1159 56.85 -9.85 3.17
CA PHE B 1159 56.13 -10.59 4.21
C PHE B 1159 55.75 -9.68 5.37
N THR B 1160 54.86 -8.73 5.08
CA THR B 1160 54.27 -7.90 6.13
C THR B 1160 52.83 -7.62 5.75
N ARG B 1161 52.01 -7.34 6.77
CA ARG B 1161 50.62 -6.99 6.53
C ARG B 1161 50.49 -5.48 6.35
N TYR B 1162 49.85 -5.08 5.25
CA TYR B 1162 49.62 -3.67 4.96
C TYR B 1162 48.16 -3.35 5.22
N ALA B 1163 47.92 -2.21 5.85
CA ALA B 1163 46.55 -1.74 6.09
C ALA B 1163 46.11 -0.90 4.91
N ILE B 1164 45.65 -1.57 3.85
CA ILE B 1164 45.15 -0.84 2.69
C ILE B 1164 43.99 0.04 3.12
N PHE B 1165 43.72 1.07 2.33
CA PHE B 1165 42.79 2.12 2.72
C PHE B 1165 42.31 2.85 1.47
N VAL B 1166 41.00 2.87 1.26
CA VAL B 1166 40.42 3.41 0.04
C VAL B 1166 39.33 4.42 0.41
N VAL B 1167 39.24 5.50 -0.37
CA VAL B 1167 38.36 6.61 -0.06
C VAL B 1167 37.92 7.29 -1.34
N ALA B 1168 36.69 7.80 -1.33
CA ALA B 1168 36.15 8.63 -2.39
C ALA B 1168 35.91 10.04 -1.84
N CYS B 1169 36.05 11.03 -2.72
CA CYS B 1169 35.92 12.42 -2.31
C CYS B 1169 35.17 13.21 -3.37
N ARG B 1170 34.66 14.36 -2.99
CA ARG B 1170 33.89 15.22 -3.86
C ARG B 1170 34.29 16.67 -3.66
N GLU B 1171 33.99 17.49 -4.67
CA GLU B 1171 34.34 18.90 -4.64
C GLU B 1171 33.48 19.65 -3.61
N GLU B 1172 33.97 20.81 -3.20
CA GLU B 1172 33.31 21.61 -2.19
C GLU B 1172 32.57 22.78 -2.85
N ILE B 1173 31.37 23.05 -2.39
CA ILE B 1173 30.51 24.10 -2.95
C ILE B 1173 31.09 25.46 -2.56
N PRO B 1174 30.95 26.49 -3.39
CA PRO B 1174 31.52 27.80 -3.02
C PRO B 1174 31.03 28.33 -1.68
N SER B 1175 29.77 28.09 -1.33
CA SER B 1175 29.29 28.53 -0.02
C SER B 1175 29.95 27.72 1.10
N GLU B 1176 30.21 26.44 0.86
CA GLU B 1176 30.82 25.60 1.88
C GLU B 1176 32.20 26.10 2.28
N LYS B 1177 33.01 26.46 1.29
CA LYS B 1177 34.41 26.81 1.54
C LYS B 1177 34.58 28.09 2.32
N LEU B 1178 33.52 28.90 2.47
CA LEU B 1178 33.56 30.06 3.35
C LEU B 1178 32.67 29.91 4.57
N ARG B 1179 31.68 29.01 4.56
CA ARG B 1179 30.89 28.75 5.75
C ARG B 1179 31.69 27.93 6.76
N ASP B 1180 32.43 26.94 6.30
CA ASP B 1180 33.27 26.14 7.18
C ASP B 1180 34.60 26.85 7.44
N THR B 1181 35.12 26.64 8.65
CA THR B 1181 36.44 27.13 9.00
C THR B 1181 37.37 25.96 9.26
N SER B 1182 37.05 25.14 10.27
CA SER B 1182 37.93 24.03 10.64
C SER B 1182 37.17 22.77 11.04
N PHE B 1183 35.84 22.77 10.91
CA PHE B 1183 35.04 21.72 11.53
C PHE B 1183 34.12 20.94 10.60
N LYS B 1184 33.50 21.56 9.60
CA LYS B 1184 32.53 20.83 8.78
C LYS B 1184 33.23 19.81 7.88
N LYS B 1185 34.05 20.30 6.94
CA LYS B 1185 34.72 19.44 5.98
C LYS B 1185 33.78 18.34 5.46
N SER B 1186 34.05 17.09 5.82
CA SER B 1186 33.26 15.95 5.33
C SER B 1186 33.25 15.88 3.81
N LEU B 1187 34.35 16.24 3.17
CA LEU B 1187 34.43 16.17 1.72
C LEU B 1187 34.72 14.77 1.19
N CYS B 1188 35.05 13.82 2.06
CA CYS B 1188 35.47 12.50 1.65
C CYS B 1188 34.67 11.44 2.38
N SER B 1189 34.59 10.26 1.76
CA SER B 1189 33.74 9.19 2.26
C SER B 1189 34.41 8.44 3.40
N ASP B 1190 33.63 7.59 4.05
CA ASP B 1190 34.17 6.67 5.02
C ASP B 1190 34.89 5.53 4.31
N TYR B 1191 35.67 4.76 5.08
CA TYR B 1191 36.58 3.79 4.53
C TYR B 1191 36.36 2.43 5.16
N ASP B 1192 36.69 1.38 4.40
CA ASP B 1192 36.68 0.01 4.88
C ASP B 1192 38.10 -0.54 4.79
N THR B 1193 38.80 -0.57 5.92
CA THR B 1193 40.18 -1.04 5.93
C THR B 1193 40.25 -2.46 5.39
N VAL B 1194 41.19 -2.70 4.50
CA VAL B 1194 41.42 -4.01 3.92
C VAL B 1194 42.85 -4.41 4.19
N PHE B 1195 43.06 -5.62 4.71
CA PHE B 1195 44.37 -6.11 5.09
C PHE B 1195 44.87 -7.12 4.08
N GLN B 1196 46.10 -6.93 3.63
CA GLN B 1196 46.77 -7.88 2.76
C GLN B 1196 48.19 -8.06 3.24
N THR B 1197 48.80 -9.19 2.89
CA THR B 1197 50.04 -9.61 3.53
C THR B 1197 51.23 -9.70 2.57
N THR B 1198 51.10 -9.24 1.34
CA THR B 1198 52.22 -9.33 0.40
C THR B 1198 52.56 -10.81 0.22
N LYS B 1199 53.83 -11.13 0.01
CA LYS B 1199 54.28 -12.52 -0.11
C LYS B 1199 55.65 -12.67 0.52
N ARG B 1200 56.03 -13.92 0.79
CA ARG B 1200 57.35 -14.18 1.33
C ARG B 1200 58.43 -13.87 0.30
N LYS B 1201 59.61 -13.49 0.77
CA LYS B 1201 60.71 -13.21 -0.14
C LYS B 1201 61.03 -14.44 -0.96
N LYS B 1202 61.28 -14.22 -2.25
CA LYS B 1202 61.44 -15.35 -3.18
C LYS B 1202 62.49 -16.32 -2.67
N PHE B 1203 63.69 -15.84 -2.37
CA PHE B 1203 64.75 -16.68 -1.86
C PHE B 1203 64.66 -16.87 -0.35
N ALA B 1204 63.72 -16.17 0.29
CA ALA B 1204 63.40 -16.43 1.69
C ALA B 1204 64.60 -16.26 2.61
N ASP B 1205 64.48 -16.76 3.83
CA ASP B 1205 65.57 -16.67 4.80
C ASP B 1205 66.70 -17.60 4.40
N ILE B 1206 67.93 -17.07 4.39
CA ILE B 1206 69.10 -17.85 3.99
C ILE B 1206 70.23 -17.53 4.96
N VAL B 1207 70.90 -18.58 5.44
CA VAL B 1207 72.08 -18.39 6.27
C VAL B 1207 73.30 -18.22 5.37
N MET B 1208 74.29 -17.47 5.85
CA MET B 1208 75.46 -17.16 5.04
C MET B 1208 76.70 -17.19 5.92
N ASP B 1209 77.84 -17.38 5.27
CA ASP B 1209 79.14 -17.41 5.95
C ASP B 1209 79.17 -18.48 7.04
N LEU B 1210 78.70 -19.68 6.70
CA LEU B 1210 78.78 -20.80 7.62
C LEU B 1210 80.11 -21.51 7.47
N LYS B 1211 80.64 -22.01 8.58
CA LYS B 1211 81.93 -22.69 8.57
C LYS B 1211 81.99 -23.69 9.72
N VAL B 1212 82.71 -24.78 9.48
CA VAL B 1212 82.98 -25.75 10.54
C VAL B 1212 84.17 -25.27 11.35
N ASP B 1213 84.29 -25.79 12.57
CA ASP B 1213 85.36 -25.38 13.46
C ASP B 1213 85.69 -26.52 14.42
N LEU B 1214 86.86 -26.42 15.04
CA LEU B 1214 87.32 -27.41 16.00
C LEU B 1214 88.27 -26.73 16.98
N GLU B 1215 88.24 -27.18 18.24
CA GLU B 1215 89.10 -26.59 19.26
C GLU B 1215 90.44 -27.29 19.31
N HIS B 1216 91.52 -26.50 19.27
CA HIS B 1216 92.90 -26.97 19.43
C HIS B 1216 93.28 -28.04 18.42
N ALA B 1217 92.44 -28.27 17.42
CA ALA B 1217 92.64 -29.28 16.37
C ALA B 1217 93.65 -30.36 16.75
N GLU B 1221 90.38 -33.77 20.66
CA GLU B 1221 89.51 -34.44 21.63
C GLU B 1221 88.20 -33.67 21.80
N SER B 1222 88.26 -32.36 21.62
CA SER B 1222 87.09 -31.53 21.81
C SER B 1222 86.09 -31.75 20.67
N PRO B 1223 84.79 -31.59 20.94
CA PRO B 1223 83.81 -31.72 19.86
C PRO B 1223 84.02 -30.68 18.77
N VAL B 1224 83.71 -31.05 17.53
CA VAL B 1224 83.76 -30.09 16.44
C VAL B 1224 82.70 -29.01 16.66
N ARG B 1225 82.88 -27.89 15.97
CA ARG B 1225 82.00 -26.74 16.13
C ARG B 1225 81.65 -26.17 14.76
N VAL B 1226 80.51 -25.49 14.71
CA VAL B 1226 80.01 -24.85 13.49
C VAL B 1226 79.57 -23.43 13.84
N ARG B 1227 79.89 -22.49 12.96
CA ARG B 1227 79.52 -21.10 13.16
C ARG B 1227 79.02 -20.53 11.83
N TRP B 1228 78.05 -19.63 11.92
CA TRP B 1228 77.47 -19.01 10.75
C TRP B 1228 76.81 -17.70 11.14
N THR B 1229 76.34 -16.98 10.13
CA THR B 1229 75.69 -15.69 10.34
C THR B 1229 74.18 -15.83 10.13
N PRO B 1230 73.35 -15.25 11.00
CA PRO B 1230 71.91 -15.26 10.76
C PRO B 1230 71.56 -14.52 9.49
N PRO B 1231 70.44 -14.83 8.85
CA PRO B 1231 70.08 -14.15 7.61
C PRO B 1231 69.99 -12.65 7.82
N VAL B 1232 70.41 -11.89 6.80
CA VAL B 1232 70.45 -10.44 6.93
C VAL B 1232 69.04 -9.86 7.01
N ASP B 1233 68.12 -10.32 6.16
CA ASP B 1233 66.75 -9.77 6.11
C ASP B 1233 65.76 -10.92 6.07
N PRO B 1234 65.62 -11.65 7.18
CA PRO B 1234 64.71 -12.79 7.19
C PRO B 1234 63.26 -12.35 7.24
N ASN B 1235 62.37 -13.31 6.94
CA ASN B 1235 60.94 -13.09 7.04
C ASN B 1235 60.49 -13.23 8.50
N GLY B 1236 60.78 -12.20 9.27
CA GLY B 1236 60.50 -12.23 10.70
C GLY B 1236 61.62 -12.92 11.46
N GLU B 1237 61.41 -13.04 12.77
CA GLU B 1237 62.42 -13.60 13.63
C GLU B 1237 62.73 -15.04 13.25
N ILE B 1238 64.01 -15.39 13.30
CA ILE B 1238 64.43 -16.78 13.10
C ILE B 1238 64.23 -17.53 14.41
N VAL B 1239 63.09 -18.20 14.54
CA VAL B 1239 62.80 -18.88 15.80
C VAL B 1239 63.72 -20.06 16.05
N THR B 1240 64.23 -20.71 15.00
CA THR B 1240 65.07 -21.88 15.18
C THR B 1240 66.02 -22.03 14.00
N TYR B 1241 67.21 -22.52 14.29
CA TYR B 1241 68.21 -22.85 13.28
C TYR B 1241 68.33 -24.37 13.17
N GLU B 1242 68.42 -24.86 11.94
CA GLU B 1242 68.48 -26.29 11.68
C GLU B 1242 69.73 -26.61 10.88
N VAL B 1243 70.48 -27.61 11.33
CA VAL B 1243 71.72 -28.05 10.70
C VAL B 1243 71.58 -29.53 10.37
N ALA B 1244 71.90 -29.90 9.13
CA ALA B 1244 71.85 -31.27 8.67
C ALA B 1244 73.25 -31.73 8.27
N TYR B 1245 73.54 -33.01 8.52
CA TYR B 1245 74.85 -33.57 8.19
C TYR B 1245 74.69 -35.04 7.86
N LYS B 1246 75.68 -35.58 7.16
CA LYS B 1246 75.67 -36.97 6.74
C LYS B 1246 77.11 -37.46 6.59
N LEU B 1247 77.33 -38.71 6.98
CA LEU B 1247 78.60 -39.35 6.70
C LEU B 1247 78.73 -39.63 5.21
N GLN B 1248 79.97 -39.57 4.72
CA GLN B 1248 80.25 -39.86 3.32
C GLN B 1248 80.38 -41.38 3.12
N LYS B 1249 79.34 -42.09 3.54
CA LYS B 1249 79.27 -43.54 3.46
C LYS B 1249 77.87 -43.94 3.07
N PRO B 1250 77.70 -45.11 2.45
CA PRO B 1250 76.38 -45.45 1.91
C PRO B 1250 75.30 -45.61 2.96
N ASP B 1251 75.58 -46.32 4.06
CA ASP B 1251 74.53 -46.73 4.98
C ASP B 1251 73.85 -45.56 5.67
N GLN B 1252 74.61 -44.56 6.11
CA GLN B 1252 74.08 -43.52 6.99
C GLN B 1252 73.20 -42.56 6.19
N VAL B 1253 71.95 -42.40 6.63
CA VAL B 1253 71.08 -41.39 6.05
C VAL B 1253 71.37 -40.03 6.68
N GLU B 1254 70.82 -38.99 6.07
CA GLU B 1254 71.10 -37.64 6.52
C GLU B 1254 70.52 -37.41 7.92
N GLU B 1255 71.34 -36.83 8.80
CA GLU B 1255 70.94 -36.51 10.15
C GLU B 1255 70.92 -34.99 10.34
N LYS B 1256 70.09 -34.54 11.28
CA LYS B 1256 69.92 -33.11 11.52
C LYS B 1256 69.66 -32.85 12.98
N LYS B 1257 69.94 -31.61 13.38
CA LYS B 1257 69.69 -31.13 14.74
C LYS B 1257 68.98 -29.79 14.66
N CYS B 1258 68.17 -29.51 15.68
CA CYS B 1258 67.41 -28.27 15.74
C CYS B 1258 67.74 -27.55 17.05
N ILE B 1259 67.96 -26.24 16.95
CA ILE B 1259 68.25 -25.41 18.12
C ILE B 1259 67.37 -24.17 18.05
N PRO B 1260 66.84 -23.66 19.17
CA PRO B 1260 66.10 -22.40 19.13
C PRO B 1260 67.01 -21.22 18.80
N ALA B 1261 66.43 -20.02 18.75
CA ALA B 1261 67.22 -18.84 18.44
C ALA B 1261 68.27 -18.55 19.50
N ALA B 1262 68.15 -19.16 20.69
CA ALA B 1262 69.06 -18.87 21.79
C ALA B 1262 70.42 -19.53 21.54
N ASP B 1263 71.36 -19.19 22.42
CA ASP B 1263 72.67 -19.85 22.49
C ASP B 1263 73.62 -19.42 21.38
N PHE B 1264 73.14 -18.60 20.43
CA PHE B 1264 74.03 -18.08 19.41
C PHE B 1264 74.57 -16.69 19.74
N ASN B 1265 74.22 -16.15 20.91
CA ASN B 1265 74.76 -14.85 21.30
C ASN B 1265 76.20 -14.96 21.79
N GLN B 1266 76.66 -16.16 22.13
CA GLN B 1266 78.00 -16.30 22.70
C GLN B 1266 79.09 -16.16 21.64
N THR B 1267 79.01 -16.94 20.56
CA THR B 1267 79.87 -16.70 19.40
C THR B 1267 79.10 -17.00 18.11
N ALA B 1268 77.78 -17.15 18.21
CA ALA B 1268 76.97 -17.59 17.08
C ALA B 1268 77.48 -18.93 16.56
N GLY B 1269 77.69 -19.86 17.50
CA GLY B 1269 78.28 -21.14 17.18
C GLY B 1269 77.53 -22.29 17.83
N TYR B 1270 77.87 -23.50 17.40
CA TYR B 1270 77.26 -24.71 17.89
C TYR B 1270 78.28 -25.83 17.79
N LEU B 1271 78.08 -26.88 18.58
CA LEU B 1271 79.07 -27.94 18.72
C LEU B 1271 78.40 -29.31 18.64
N ILE B 1272 79.22 -30.31 18.29
CA ILE B 1272 78.77 -31.69 18.22
C ILE B 1272 80.01 -32.57 18.23
N LYS B 1273 79.88 -33.76 18.80
CA LYS B 1273 80.97 -34.73 18.87
C LYS B 1273 80.73 -35.84 17.86
N LEU B 1274 81.79 -36.22 17.14
CA LEU B 1274 81.67 -37.21 16.08
C LEU B 1274 82.85 -38.16 16.14
N ASN B 1275 82.68 -39.32 15.52
CA ASN B 1275 83.73 -40.32 15.45
C ASN B 1275 84.64 -40.08 14.25
N GLU B 1276 85.64 -40.94 14.11
CA GLU B 1276 86.57 -40.82 13.00
C GLU B 1276 85.83 -40.98 11.67
N GLY B 1277 86.19 -40.13 10.72
CA GLY B 1277 85.59 -40.17 9.40
C GLY B 1277 85.52 -38.78 8.82
N LEU B 1278 84.83 -38.69 7.68
CA LEU B 1278 84.61 -37.44 6.99
C LEU B 1278 83.12 -37.27 6.73
N TYR B 1279 82.63 -36.04 6.88
CA TYR B 1279 81.20 -35.77 6.85
C TYR B 1279 80.91 -34.65 5.86
N SER B 1280 79.62 -34.45 5.61
CA SER B 1280 79.12 -33.30 4.88
C SER B 1280 78.09 -32.59 5.75
N PHE B 1281 78.00 -31.28 5.60
CA PHE B 1281 77.17 -30.46 6.47
C PHE B 1281 76.32 -29.50 5.64
N ARG B 1282 75.16 -29.17 6.18
CA ARG B 1282 74.25 -28.20 5.57
C ARG B 1282 73.44 -27.55 6.66
N VAL B 1283 72.98 -26.33 6.40
CA VAL B 1283 72.31 -25.51 7.41
C VAL B 1283 71.20 -24.71 6.76
N ARG B 1284 70.17 -24.42 7.53
CA ARG B 1284 69.13 -23.49 7.11
C ARG B 1284 68.44 -22.94 8.35
N ALA B 1285 67.76 -21.82 8.17
CA ALA B 1285 67.00 -21.22 9.25
C ALA B 1285 65.50 -21.43 9.03
N ASN B 1286 64.75 -21.31 10.11
CA ASN B 1286 63.30 -21.36 10.07
C ASN B 1286 62.73 -20.23 10.92
N SER B 1287 61.70 -19.57 10.38
CA SER B 1287 61.14 -18.37 10.98
C SER B 1287 59.64 -18.53 11.09
N ILE B 1288 59.00 -17.49 11.63
CA ILE B 1288 57.55 -17.48 11.75
C ILE B 1288 56.86 -17.45 10.40
N ALA B 1289 57.62 -17.32 9.31
CA ALA B 1289 57.08 -17.40 7.96
C ALA B 1289 57.17 -18.80 7.37
N GLY B 1290 58.00 -19.67 7.93
CA GLY B 1290 58.14 -21.03 7.47
C GLY B 1290 59.59 -21.44 7.42
N TYR B 1291 59.83 -22.63 6.86
CA TYR B 1291 61.19 -23.12 6.72
C TYR B 1291 61.98 -22.23 5.77
N GLY B 1292 63.26 -22.03 6.07
CA GLY B 1292 64.15 -21.35 5.17
C GLY B 1292 64.72 -22.29 4.13
N ASP B 1293 65.51 -21.71 3.22
CA ASP B 1293 66.16 -22.50 2.20
C ASP B 1293 67.49 -23.05 2.70
N PHE B 1294 67.91 -24.17 2.11
CA PHE B 1294 69.13 -24.82 2.54
C PHE B 1294 70.36 -24.15 1.92
N THR B 1295 71.41 -24.04 2.72
CA THR B 1295 72.66 -23.47 2.25
C THR B 1295 73.46 -24.51 1.47
N GLU B 1296 74.55 -24.07 0.86
CA GLU B 1296 75.44 -24.98 0.17
C GLU B 1296 76.16 -25.87 1.19
N VAL B 1297 76.62 -27.03 0.74
CA VAL B 1297 77.11 -28.06 1.63
C VAL B 1297 78.55 -27.78 2.03
N GLU B 1298 78.88 -28.12 3.26
CA GLU B 1298 80.25 -28.11 3.76
C GLU B 1298 80.78 -29.53 3.86
N HIS B 1299 82.05 -29.65 4.27
CA HIS B 1299 82.67 -30.94 4.49
C HIS B 1299 83.70 -30.81 5.60
N ILE B 1300 84.03 -31.94 6.23
CA ILE B 1300 84.94 -31.96 7.35
C ILE B 1300 85.51 -33.37 7.49
N LYS B 1301 86.74 -33.44 8.01
CA LYS B 1301 87.41 -34.70 8.29
C LYS B 1301 87.64 -34.82 9.79
N VAL B 1302 87.51 -36.03 10.31
CA VAL B 1302 87.64 -36.30 11.74
C VAL B 1302 88.53 -37.51 11.93
N GLU B 1303 89.48 -37.43 12.86
CA GLU B 1303 90.42 -38.51 13.07
C GLU B 1303 91.09 -38.43 14.44
N PRO B 1304 90.32 -38.51 15.53
CA PRO B 1304 90.92 -38.75 16.88
C PRO B 1304 91.52 -40.13 16.97
N PRO B 1305 92.49 -40.35 17.86
CA PRO B 1305 93.09 -41.68 18.01
C PRO B 1305 92.16 -42.67 18.71
N ASP C 1 -7.54 3.30 -35.19
CA ASP C 1 -6.96 2.08 -34.55
C ASP C 1 -8.06 1.28 -33.87
N PHE C 2 -7.69 0.23 -33.16
CA PHE C 2 -8.65 -0.66 -32.52
C PHE C 2 -8.28 -0.91 -31.07
N ARG C 3 -9.32 -1.12 -30.25
CA ARG C 3 -9.17 -1.51 -28.85
C ARG C 3 -10.13 -2.65 -28.57
N GLY C 4 -9.76 -3.52 -27.65
CA GLY C 4 -10.60 -4.65 -27.33
C GLY C 4 -10.43 -5.12 -25.91
N VAL C 5 -10.60 -6.43 -25.72
CA VAL C 5 -10.60 -6.99 -24.37
C VAL C 5 -9.28 -6.71 -23.67
N VAL C 6 -8.17 -7.02 -24.34
CA VAL C 6 -6.89 -6.99 -23.65
C VAL C 6 -6.61 -5.60 -23.10
N ASP C 7 -6.85 -4.57 -23.89
CA ASP C 7 -6.72 -3.21 -23.39
C ASP C 7 -7.84 -2.84 -22.44
N SER C 8 -8.90 -3.62 -22.38
CA SER C 8 -10.01 -3.36 -21.48
C SER C 8 -9.88 -4.10 -20.16
N CYS C 9 -9.04 -5.14 -20.07
CA CYS C 9 -8.93 -5.91 -18.84
C CYS C 9 -7.49 -6.24 -18.44
N CYS C 10 -6.53 -6.09 -19.35
CA CYS C 10 -5.14 -6.35 -19.04
C CYS C 10 -4.33 -5.08 -18.82
N ARG C 11 -4.40 -4.14 -19.75
CA ARG C 11 -3.72 -2.86 -19.55
C ARG C 11 -4.31 -2.06 -18.41
N ASN C 12 -5.50 -2.44 -17.94
CA ASN C 12 -6.12 -1.77 -16.81
C ASN C 12 -7.16 -2.70 -16.20
N SER C 13 -7.50 -2.44 -14.94
CA SER C 13 -8.47 -3.28 -14.24
C SER C 13 -9.84 -3.17 -14.89
N CYS C 14 -10.67 -4.18 -14.65
CA CYS C 14 -12.01 -4.21 -15.24
C CYS C 14 -12.95 -4.99 -14.34
N SER C 15 -14.24 -4.72 -14.48
CA SER C 15 -15.24 -5.37 -13.66
C SER C 15 -15.68 -6.67 -14.31
N PHE C 16 -16.11 -7.62 -13.46
CA PHE C 16 -16.51 -8.93 -13.96
C PHE C 16 -17.69 -8.83 -14.88
N SER C 17 -18.57 -7.85 -14.68
CA SER C 17 -19.70 -7.68 -15.58
C SER C 17 -19.26 -7.44 -17.02
N THR C 18 -18.06 -6.88 -17.21
CA THR C 18 -17.57 -6.66 -18.57
C THR C 18 -17.33 -7.99 -19.28
N LEU C 19 -16.61 -8.91 -18.64
CA LEU C 19 -16.35 -10.19 -19.26
C LEU C 19 -17.63 -10.90 -19.65
N ARG C 20 -18.70 -10.68 -18.90
CA ARG C 20 -19.96 -11.33 -19.22
C ARG C 20 -20.48 -10.89 -20.58
N ALA C 21 -20.00 -9.78 -21.12
CA ALA C 21 -20.48 -9.28 -22.40
C ALA C 21 -19.98 -10.09 -23.59
N TYR C 22 -19.00 -10.97 -23.40
CA TYR C 22 -18.42 -11.74 -24.49
C TYR C 22 -18.91 -13.19 -24.48
N CYS C 23 -20.17 -13.42 -24.13
CA CYS C 23 -20.68 -14.77 -24.01
C CYS C 23 -22.00 -14.89 -24.77
N ASP C 24 -22.11 -15.95 -25.56
CA ASP C 24 -23.26 -16.15 -26.44
C ASP C 24 -24.49 -16.54 -25.64
N ASN D 1 -13.03 -6.83 -6.84
CA ASN D 1 -13.75 -6.81 -8.14
C ASN D 1 -12.92 -6.10 -9.20
N SER D 2 -11.72 -6.63 -9.43
CA SER D 2 -10.81 -6.06 -10.43
C SER D 2 -9.96 -7.21 -10.97
N LEU D 3 -10.35 -7.72 -12.12
CA LEU D 3 -9.74 -8.91 -12.71
C LEU D 3 -8.53 -8.60 -13.56
N ARG D 4 -7.54 -7.92 -13.02
CA ARG D 4 -6.33 -7.65 -13.78
C ARG D 4 -5.69 -8.97 -14.18
N ALA D 5 -5.73 -9.30 -15.47
CA ALA D 5 -5.17 -10.55 -15.95
C ALA D 5 -4.73 -10.35 -17.40
N CYS D 6 -3.81 -11.20 -17.84
CA CYS D 6 -3.27 -11.09 -19.19
C CYS D 6 -2.91 -12.46 -19.71
N GLY D 7 -3.09 -12.65 -21.01
CA GLY D 7 -2.75 -13.90 -21.65
C GLY D 7 -3.55 -15.07 -21.09
N PRO D 8 -2.86 -16.18 -20.80
CA PRO D 8 -3.59 -17.37 -20.36
C PRO D 8 -4.42 -17.14 -19.11
N ALA D 9 -3.97 -16.29 -18.20
CA ALA D 9 -4.79 -15.98 -17.04
C ALA D 9 -6.11 -15.34 -17.46
N LEU D 10 -6.04 -14.42 -18.41
CA LEU D 10 -7.27 -13.78 -18.90
C LEU D 10 -8.15 -14.78 -19.61
N MET D 11 -7.56 -15.70 -20.39
CA MET D 11 -8.37 -16.72 -21.04
C MET D 11 -9.08 -17.58 -20.02
N ASP D 12 -8.37 -17.97 -18.96
CA ASP D 12 -8.99 -18.78 -17.92
C ASP D 12 -10.10 -18.01 -17.23
N MET D 13 -9.88 -16.71 -16.99
CA MET D 13 -10.93 -15.91 -16.38
C MET D 13 -12.16 -15.84 -17.25
N LEU D 14 -11.97 -15.69 -18.57
CA LEU D 14 -13.10 -15.74 -19.48
C LEU D 14 -13.83 -17.06 -19.38
N ARG D 15 -13.09 -18.16 -19.39
CA ARG D 15 -13.72 -19.47 -19.33
C ARG D 15 -14.54 -19.63 -18.06
N VAL D 16 -13.99 -19.19 -16.93
CA VAL D 16 -14.73 -19.24 -15.67
C VAL D 16 -15.84 -18.20 -15.62
N ALA D 17 -15.82 -17.22 -16.53
CA ALA D 17 -16.84 -16.17 -16.52
C ALA D 17 -18.17 -16.65 -17.09
N CYS D 18 -18.13 -17.54 -18.08
CA CYS D 18 -19.37 -18.00 -18.69
C CYS D 18 -19.13 -19.32 -19.40
N PRO D 19 -19.92 -20.36 -19.11
CA PRO D 19 -19.69 -21.66 -19.76
C PRO D 19 -20.23 -21.76 -21.17
N ASN D 20 -21.02 -20.78 -21.63
CA ASN D 20 -21.64 -20.87 -22.93
C ASN D 20 -20.61 -20.57 -24.03
N GLY D 21 -21.10 -20.48 -25.26
CA GLY D 21 -20.27 -19.99 -26.35
C GLY D 21 -19.94 -18.53 -26.16
N PHE D 22 -18.92 -18.09 -26.89
CA PHE D 22 -18.35 -16.77 -26.62
C PHE D 22 -18.91 -15.66 -27.49
N ASN D 23 -18.74 -15.75 -28.80
CA ASN D 23 -18.96 -14.60 -29.68
C ASN D 23 -19.79 -14.97 -30.88
N SER D 24 -20.66 -14.05 -31.28
CA SER D 24 -21.45 -14.19 -32.51
C SER D 24 -20.84 -13.37 -33.64
N MET D 25 -19.76 -13.92 -34.23
CA MET D 25 -19.12 -13.29 -35.37
C MET D 25 -19.95 -13.59 -36.61
N PHE D 26 -20.67 -12.58 -37.09
CA PHE D 26 -21.58 -12.71 -38.23
C PHE D 26 -22.33 -14.04 -38.19
N ALA D 27 -23.08 -14.24 -37.11
CA ALA D 27 -23.88 -15.44 -36.98
C ALA D 27 -24.96 -15.23 -35.92
N PHE E 2 -11.60 -38.27 -4.16
CA PHE E 2 -11.88 -37.15 -5.10
C PHE E 2 -11.97 -37.59 -6.57
N ARG E 3 -12.78 -36.85 -7.32
CA ARG E 3 -13.04 -37.04 -8.73
C ARG E 3 -12.46 -35.87 -9.53
N GLY E 4 -12.80 -35.78 -10.81
CA GLY E 4 -12.25 -34.78 -11.70
C GLY E 4 -12.36 -33.35 -11.19
N VAL E 5 -13.07 -33.12 -10.09
CA VAL E 5 -13.07 -31.82 -9.44
C VAL E 5 -11.64 -31.30 -9.37
N VAL E 6 -10.70 -32.20 -9.08
CA VAL E 6 -9.31 -31.80 -8.92
C VAL E 6 -8.81 -31.00 -10.11
N ASP E 7 -9.36 -31.26 -11.30
CA ASP E 7 -8.96 -30.58 -12.53
C ASP E 7 -10.01 -29.61 -13.03
N SER E 8 -11.28 -29.84 -12.71
CA SER E 8 -12.31 -28.88 -13.06
C SER E 8 -12.20 -27.59 -12.26
N CYS E 9 -11.36 -27.57 -11.22
CA CYS E 9 -11.17 -26.37 -10.40
C CYS E 9 -9.70 -26.10 -10.11
N CYS E 10 -8.77 -26.76 -10.80
CA CYS E 10 -7.37 -26.41 -10.70
C CYS E 10 -6.85 -25.92 -12.05
N ARG E 11 -6.97 -26.76 -13.07
CA ARG E 11 -6.44 -26.40 -14.37
C ARG E 11 -7.18 -25.22 -14.97
N ASN E 12 -8.39 -24.94 -14.49
CA ASN E 12 -9.12 -23.75 -14.85
C ASN E 12 -10.03 -23.36 -13.69
N SER E 13 -10.23 -22.06 -13.53
CA SER E 13 -11.06 -21.59 -12.45
C SER E 13 -12.50 -22.04 -12.65
N CYS E 14 -13.22 -22.20 -11.54
CA CYS E 14 -14.60 -22.66 -11.56
C CYS E 14 -15.45 -21.76 -10.71
N SER E 15 -16.69 -21.56 -11.13
CA SER E 15 -17.59 -20.62 -10.49
C SER E 15 -18.28 -21.26 -9.28
N PHE E 16 -19.08 -20.46 -8.59
CA PHE E 16 -19.72 -20.93 -7.36
C PHE E 16 -20.66 -22.09 -7.65
N SER E 17 -21.54 -21.92 -8.65
CA SER E 17 -22.49 -22.97 -8.97
C SER E 17 -21.81 -24.24 -9.41
N THR E 18 -20.75 -24.12 -10.23
CA THR E 18 -20.03 -25.31 -10.68
C THR E 18 -19.49 -26.09 -9.50
N LEU E 19 -18.89 -25.39 -8.54
CA LEU E 19 -18.37 -26.07 -7.35
C LEU E 19 -19.50 -26.68 -6.53
N ARG E 20 -20.56 -25.92 -6.31
CA ARG E 20 -21.69 -26.44 -5.53
C ARG E 20 -22.27 -27.69 -6.16
N ALA E 21 -22.16 -27.82 -7.48
CA ALA E 21 -22.76 -28.95 -8.18
C ALA E 21 -22.21 -30.29 -7.69
N TYR E 22 -21.02 -30.30 -7.10
CA TYR E 22 -20.42 -31.56 -6.67
C TYR E 22 -20.93 -32.04 -5.33
N CYS E 23 -21.72 -31.24 -4.61
CA CYS E 23 -22.29 -31.70 -3.36
C CYS E 23 -23.32 -32.79 -3.63
N ASP E 24 -23.43 -33.71 -2.68
CA ASP E 24 -24.41 -34.80 -2.80
C ASP E 24 -25.82 -34.25 -2.67
N ASN F 1 -18.30 -14.56 -9.22
CA ASN F 1 -16.81 -14.55 -9.06
C ASN F 1 -16.21 -15.88 -9.49
N SER F 2 -14.94 -16.09 -9.18
CA SER F 2 -14.21 -17.27 -9.62
C SER F 2 -13.46 -17.88 -8.45
N LEU F 3 -13.17 -19.18 -8.57
CA LEU F 3 -12.45 -19.92 -7.55
C LEU F 3 -11.31 -20.72 -8.19
N ARG F 4 -10.25 -20.91 -7.41
CA ARG F 4 -9.09 -21.67 -7.85
C ARG F 4 -8.33 -22.14 -6.63
N ALA F 5 -8.25 -23.45 -6.44
CA ALA F 5 -7.49 -24.03 -5.34
C ALA F 5 -7.11 -25.45 -5.70
N CYS F 6 -6.08 -25.96 -5.04
CA CYS F 6 -5.57 -27.30 -5.32
C CYS F 6 -5.12 -27.96 -4.02
N GLY F 7 -5.09 -29.29 -4.05
CA GLY F 7 -4.60 -30.06 -2.93
C GLY F 7 -5.45 -29.86 -1.68
N PRO F 8 -4.82 -29.86 -0.51
CA PRO F 8 -5.61 -29.71 0.72
C PRO F 8 -6.39 -28.41 0.74
N ALA F 9 -5.90 -27.37 0.07
CA ALA F 9 -6.71 -26.15 -0.06
C ALA F 9 -8.00 -26.45 -0.79
N LEU F 10 -7.94 -27.22 -1.88
CA LEU F 10 -9.16 -27.61 -2.57
C LEU F 10 -10.03 -28.48 -1.68
N MET F 11 -9.42 -29.36 -0.90
CA MET F 11 -10.22 -30.19 0.00
C MET F 11 -11.00 -29.33 0.98
N ASP F 12 -10.34 -28.33 1.58
CA ASP F 12 -11.03 -27.41 2.48
C ASP F 12 -12.10 -26.62 1.75
N MET F 13 -11.80 -26.18 0.53
CA MET F 13 -12.78 -25.44 -0.26
C MET F 13 -14.04 -26.27 -0.45
N LEU F 14 -13.89 -27.53 -0.82
CA LEU F 14 -15.05 -28.39 -1.04
C LEU F 14 -15.74 -28.70 0.28
N ARG F 15 -14.97 -28.81 1.37
CA ARG F 15 -15.57 -29.06 2.67
C ARG F 15 -16.51 -27.94 3.06
N VAL F 16 -16.08 -26.69 2.88
CA VAL F 16 -16.94 -25.56 3.21
C VAL F 16 -18.08 -25.44 2.20
N ALA F 17 -17.80 -25.69 0.92
CA ALA F 17 -18.81 -25.50 -0.11
C ALA F 17 -19.95 -26.50 0.00
N CYS F 18 -19.72 -27.66 0.62
CA CYS F 18 -20.74 -28.69 0.78
C CYS F 18 -20.85 -29.01 2.26
N PRO F 19 -21.64 -28.26 3.02
CA PRO F 19 -21.86 -28.64 4.42
C PRO F 19 -22.37 -30.06 4.55
N ASN F 20 -23.23 -30.50 3.63
CA ASN F 20 -23.61 -31.89 3.57
C ASN F 20 -22.48 -32.72 2.97
N GLY F 21 -22.69 -34.04 2.93
CA GLY F 21 -21.66 -34.92 2.44
C GLY F 21 -21.44 -34.80 0.95
N PHE F 22 -20.23 -35.15 0.53
CA PHE F 22 -19.87 -35.27 -0.88
C PHE F 22 -19.24 -36.63 -1.08
N ASN F 23 -19.71 -37.36 -2.10
CA ASN F 23 -19.26 -38.72 -2.30
C ASN F 23 -17.78 -38.77 -2.67
N SER F 24 -17.19 -39.93 -2.48
CA SER F 24 -15.77 -40.14 -2.76
C SER F 24 -15.45 -39.75 -4.21
N PHE G 2 -28.69 42.50 16.81
CA PHE G 2 -28.53 43.77 16.04
C PHE G 2 -27.61 44.74 16.77
N ARG G 3 -27.68 44.71 18.11
CA ARG G 3 -26.86 45.59 18.92
C ARG G 3 -25.48 45.00 19.21
N GLY G 4 -25.27 43.72 18.90
CA GLY G 4 -24.03 43.07 19.28
C GLY G 4 -22.84 43.61 18.51
N VAL G 5 -21.66 43.47 19.12
CA VAL G 5 -20.44 43.95 18.49
C VAL G 5 -20.17 43.19 17.19
N VAL G 6 -20.25 41.87 17.24
CA VAL G 6 -19.86 41.05 16.11
C VAL G 6 -20.93 41.10 15.04
N ASP G 7 -22.04 41.80 15.31
CA ASP G 7 -23.01 42.11 14.27
C ASP G 7 -23.01 43.58 13.92
N SER G 8 -22.32 44.42 14.68
CA SER G 8 -22.06 45.81 14.30
C SER G 8 -20.72 45.92 13.59
N CYS G 9 -19.64 45.49 14.21
CA CYS G 9 -18.41 45.22 13.48
C CYS G 9 -18.52 43.85 12.83
N CYS G 10 -17.41 43.36 12.29
CA CYS G 10 -17.43 42.12 11.49
C CYS G 10 -18.43 42.38 10.36
N ARG G 11 -19.45 41.54 10.19
CA ARG G 11 -20.47 41.78 9.17
C ARG G 11 -21.08 43.17 9.35
N ASN G 12 -21.31 43.85 8.23
CA ASN G 12 -21.86 45.21 8.19
C ASN G 12 -20.83 46.27 8.55
N SER G 13 -19.65 45.85 9.01
CA SER G 13 -18.55 46.79 9.27
C SER G 13 -18.95 47.87 10.29
N CYS G 14 -17.96 48.41 11.00
CA CYS G 14 -18.22 49.48 11.95
C CYS G 14 -17.18 50.59 11.81
N SER G 15 -17.27 51.61 12.65
CA SER G 15 -16.33 52.72 12.63
C SER G 15 -15.86 53.02 14.05
N PHE G 16 -14.68 53.61 14.15
CA PHE G 16 -14.10 53.90 15.46
C PHE G 16 -15.05 54.73 16.32
N SER G 17 -15.81 55.63 15.71
CA SER G 17 -16.74 56.45 16.48
C SER G 17 -17.76 55.58 17.20
N THR G 18 -18.34 54.61 16.48
CA THR G 18 -19.28 53.69 17.11
C THR G 18 -18.59 52.69 18.01
N LEU G 19 -17.36 52.28 17.67
CA LEU G 19 -16.65 51.33 18.51
C LEU G 19 -16.41 51.91 19.90
N ARG G 20 -16.06 53.19 19.97
CA ARG G 20 -15.86 53.82 21.27
C ARG G 20 -17.21 54.14 21.90
N ALA G 21 -18.05 53.13 22.05
CA ALA G 21 -19.28 53.24 22.82
C ALA G 21 -19.41 52.03 23.74
N TYR G 22 -18.74 50.93 23.38
CA TYR G 22 -18.83 49.69 24.14
C TYR G 22 -17.88 49.68 25.32
N CYS G 23 -17.05 50.71 25.45
CA CYS G 23 -15.97 50.67 26.42
C CYS G 23 -15.93 51.90 27.32
N ASP G 24 -16.42 53.03 26.84
CA ASP G 24 -16.25 54.28 27.56
C ASP G 24 -16.79 54.14 28.98
N SER G 25 -15.99 54.59 29.95
CA SER G 25 -16.37 54.51 31.35
C SER G 25 -16.04 55.82 32.06
N SER H 2 -15.72 51.23 8.25
CA SER H 2 -14.24 51.31 8.02
C SER H 2 -13.52 50.12 8.64
N LEU H 3 -13.90 49.79 9.88
CA LEU H 3 -13.29 48.66 10.57
C LEU H 3 -14.02 47.37 10.21
N ARG H 4 -13.27 46.27 10.20
CA ARG H 4 -13.83 44.98 9.82
C ARG H 4 -13.28 43.84 10.68
N ALA H 5 -12.45 44.12 11.68
CA ALA H 5 -11.80 43.07 12.42
C ALA H 5 -12.80 42.05 12.98
N CYS H 6 -12.30 40.88 13.35
CA CYS H 6 -13.12 39.80 13.89
C CYS H 6 -12.28 38.96 14.83
N GLY H 7 -12.98 38.21 15.69
CA GLY H 7 -12.32 37.30 16.60
C GLY H 7 -11.23 37.96 17.39
N PRO H 8 -10.08 37.30 17.54
CA PRO H 8 -9.00 37.90 18.32
C PRO H 8 -8.56 39.23 17.75
N ALA H 9 -8.60 39.41 16.43
CA ALA H 9 -8.27 40.71 15.87
C ALA H 9 -9.24 41.77 16.38
N LEU H 10 -10.54 41.46 16.39
CA LEU H 10 -11.51 42.40 16.93
C LEU H 10 -11.23 42.68 18.40
N MET H 11 -10.94 41.63 19.17
CA MET H 11 -10.70 41.81 20.60
C MET H 11 -9.53 42.76 20.82
N ASP H 12 -8.40 42.50 20.16
CA ASP H 12 -7.21 43.32 20.35
C ASP H 12 -7.43 44.74 19.85
N MET H 13 -8.09 44.89 18.70
CA MET H 13 -8.31 46.23 18.17
C MET H 13 -9.22 47.03 19.09
N LEU H 14 -10.24 46.39 19.65
CA LEU H 14 -11.10 47.07 20.61
C LEU H 14 -10.32 47.44 21.87
N ARG H 15 -9.50 46.52 22.37
CA ARG H 15 -8.71 46.82 23.55
C ARG H 15 -7.81 48.02 23.33
N VAL H 16 -7.13 48.06 22.18
CA VAL H 16 -6.25 49.18 21.88
C VAL H 16 -7.06 50.46 21.75
N ALA H 17 -8.21 50.39 21.07
CA ALA H 17 -8.97 51.61 20.79
C ALA H 17 -9.51 52.24 22.07
N CYS H 18 -9.64 51.47 23.14
CA CYS H 18 -10.19 51.97 24.40
C CYS H 18 -9.68 51.12 25.56
N PRO H 19 -8.45 51.38 26.02
CA PRO H 19 -7.91 50.59 27.14
C PRO H 19 -8.28 51.15 28.50
N ASN H 20 -9.20 52.10 28.58
CA ASN H 20 -9.50 52.76 29.84
C ASN H 20 -10.61 52.05 30.61
N GLY H 21 -10.80 50.76 30.36
CA GLY H 21 -11.80 50.00 31.07
C GLY H 21 -13.15 50.02 30.39
N PHE H 22 -13.95 48.99 30.60
CA PHE H 22 -15.23 48.81 29.92
C PHE H 22 -16.37 49.12 30.87
N ASN H 23 -17.47 49.64 30.32
CA ASN H 23 -18.59 50.10 31.14
C ASN H 23 -19.22 48.95 31.92
N SER H 24 -19.33 47.78 31.29
CA SER H 24 -19.91 46.61 31.95
C SER H 24 -21.38 46.81 32.23
N MET H 25 -22.03 45.77 32.76
CA MET H 25 -23.47 45.74 32.97
C MET H 25 -23.79 45.63 34.46
N PHE H 26 -25.08 45.68 34.76
CA PHE H 26 -25.58 45.62 36.14
C PHE H 26 -25.17 46.83 36.97
N ALA H 27 -24.60 47.85 36.33
CA ALA H 27 -24.17 49.04 37.05
C ALA H 27 -24.39 50.29 36.20
C1 NAG I . -21.44 39.49 54.21
C2 NAG I . -20.81 39.89 55.55
C3 NAG I . -21.29 41.28 55.96
C4 NAG I . -21.03 42.28 54.84
C5 NAG I . -21.66 41.78 53.54
C6 NAG I . -21.36 42.67 52.35
C7 NAG I . -20.39 37.81 56.78
C8 NAG I . -20.84 36.92 57.89
N2 NAG I . -21.11 38.92 56.58
O3 NAG I . -20.59 41.68 57.13
O4 NAG I . -21.59 43.54 55.17
O5 NAG I . -21.15 40.47 53.22
O6 NAG I . -22.40 42.63 51.40
O7 NAG I . -19.42 37.54 56.07
H1 NAG I . -22.40 39.42 54.32
H2 NAG I . -19.84 39.92 55.43
H3 NAG I . -22.24 41.24 56.15
H4 NAG I . -20.07 42.38 54.71
H5 NAG I . -22.62 41.73 53.66
H61 NAG I . -21.25 43.59 52.68
H62 NAG I . -20.53 42.38 51.94
H81 NAG I . -20.31 36.10 57.89
H82 NAG I . -21.79 36.70 57.77
H83 NAG I . -20.71 37.37 58.74
HN2 NAG I . -21.81 39.08 57.13
HO3 NAG I . -20.20 40.99 57.50
HO4 NAG I . -21.13 43.90 55.85
HO6 NAG I . -22.97 43.30 51.54
C1 NAG J . -49.05 11.43 12.87
C2 NAG J . -50.17 10.41 12.87
C3 NAG J . -50.48 9.96 14.30
C4 NAG J . -49.22 9.47 14.98
C5 NAG J . -48.13 10.54 14.90
C6 NAG J . -46.81 10.08 15.48
C7 NAG J . -51.55 10.92 10.90
C8 NAG J . -52.83 11.50 10.41
N2 NAG J . -51.36 10.93 12.22
O3 NAG J . -51.46 8.92 14.27
O4 NAG J . -49.48 9.17 16.35
O5 NAG J . -47.89 10.90 13.53
O6 NAG J . -46.11 11.16 16.06
O7 NAG J . -50.71 10.45 10.13
H1 NAG J . -49.34 12.23 13.34
H2 NAG J . -49.87 9.62 12.37
H3 NAG J . -50.85 10.71 14.79
H4 NAG J . -48.91 8.66 14.53
H5 NAG J . -48.44 11.33 15.38
H61 NAG J . -46.97 9.40 16.15
H62 NAG J . -46.27 9.70 14.76
H81 NAG J . -52.88 12.44 10.66
H82 NAG J . -52.88 11.42 9.43
H83 NAG J . -53.58 11.02 10.81
HN2 NAG J . -52.02 11.28 12.75
HO3 NAG J . -51.22 8.27 14.82
HO4 NAG J . -49.40 8.29 16.48
HO6 NAG J . -45.79 10.91 16.86
C1 NAG K . -34.13 -11.22 10.70
C2 NAG K . -35.55 -10.82 10.32
C3 NAG K . -36.38 -10.53 11.57
C4 NAG K . -36.32 -11.71 12.53
C5 NAG K . -34.87 -12.06 12.85
C6 NAG K . -34.74 -13.29 13.70
C7 NAG K . -35.49 -9.77 8.10
C8 NAG K . -35.50 -8.47 7.35
N2 NAG K . -35.55 -9.66 9.44
O3 NAG K . -37.73 -10.27 11.18
O4 NAG K . -37.00 -11.40 13.73
O5 NAG K . -34.17 -12.32 11.63
O6 NAG K . -33.37 -13.63 13.90
O7 NAG K . -35.43 -10.85 7.53
H1 NAG K . -33.68 -10.46 11.14
H2 NAG K . -35.96 -11.57 9.84
H3 NAG K . -36.02 -9.74 12.02
H4 NAG K . -36.75 -12.48 12.11
H5 NAG K . -34.45 -11.30 13.30
H61 NAG K . -35.16 -13.13 14.56
H62 NAG K . -35.18 -14.04 13.26
H81 NAG K . -35.39 -8.64 6.39
H82 NAG K . -34.76 -7.91 7.66
H83 NAG K . -36.34 -8.01 7.51
HN2 NAG K . -35.58 -8.83 9.81
HO3 NAG K . -37.74 -9.62 10.58
HO4 NAG K . -37.88 -11.35 13.58
HO6 NAG K . -33.32 -14.34 14.45
C1 NAG L . -28.47 -21.30 3.46
C2 NAG L . -29.96 -21.00 3.42
C3 NAG L . -30.72 -22.21 2.88
C4 NAG L . -30.13 -22.66 1.55
C5 NAG L . -28.61 -22.86 1.69
C6 NAG L . -27.94 -23.20 0.38
C7 NAG L . -31.74 -20.42 5.01
C8 NAG L . -32.07 -20.07 6.43
N2 NAG L . -30.46 -20.65 4.74
O3 NAG L . -32.09 -21.88 2.70
O4 NAG L . -30.72 -23.89 1.15
O5 NAG L . -28.02 -21.65 2.17
O6 NAG L . -26.55 -23.37 0.56
O7 NAG L . -32.62 -20.51 4.15
H1 NAG L . -28.30 -22.03 4.08
H2 NAG L . -30.12 -20.25 2.82
H3 NAG L . -30.65 -22.94 3.52
H4 NAG L . -30.30 -21.99 0.87
H5 NAG L . -28.44 -23.58 2.33
H61 NAG L . -28.32 -24.01 0.02
H62 NAG L . -28.09 -22.46 -0.25
H81 NAG L . -31.96 -20.85 7.00
H82 NAG L . -33.00 -19.74 6.48
H83 NAG L . -31.46 -19.36 6.72
HN2 NAG L . -29.85 -20.56 5.42
HO3 NAG L . -32.16 -21.13 2.24
HO4 NAG L . -31.59 -23.79 1.08
HO6 NAG L . -26.18 -23.66 -0.20
C1 NAG M . -10.99 -0.02 16.43
C2 NAG M . -10.93 1.00 17.56
C3 NAG M . -9.61 1.77 17.52
C4 NAG M . -8.44 0.80 17.50
C5 NAG M . -8.60 -0.19 16.36
C6 NAG M . -7.51 -1.24 16.33
C7 NAG M . -13.28 1.61 17.89
C8 NAG M . -14.32 2.67 17.73
N2 NAG M . -12.05 1.93 17.48
O3 NAG M . -9.52 2.62 18.66
O4 NAG M . -7.22 1.52 17.33
O5 NAG M . -9.85 -0.88 16.51
O6 NAG M . -7.75 -2.20 15.30
O7 NAG M . -13.55 0.51 18.37
H1 NAG M . -10.98 0.44 15.57
H2 NAG M . -10.98 0.53 18.41
H3 NAG M . -9.58 2.32 16.71
H4 NAG M . -8.41 0.32 18.35
H5 NAG M . -8.61 0.30 15.51
H61 NAG M . -6.66 -0.80 16.15
H62 NAG M . -7.47 -1.69 17.18
H81 NAG M . -14.41 2.91 16.78
H82 NAG M . -15.18 2.35 18.07
H83 NAG M . -14.06 3.46 18.23
HN2 NAG M . -11.92 2.75 17.12
HO3 NAG M . -10.30 3.00 18.80
HO4 NAG M . -7.08 2.04 18.04
HO6 NAG M . -8.62 -2.34 15.24
C1 NAG N . -11.92 -12.95 16.84
C2 NAG N . -11.64 -11.97 17.97
C3 NAG N . -11.73 -12.69 19.32
C4 NAG N . -13.04 -13.43 19.44
C5 NAG N . -13.25 -14.34 18.24
C6 NAG N . -14.59 -15.04 18.25
C7 NAG N . -9.92 -10.33 18.55
C8 NAG N . -8.54 -9.81 18.26
N2 NAG N . -10.33 -11.34 17.80
O3 NAG N . -11.61 -11.73 20.36
O4 NAG N . -13.05 -14.21 20.64
O5 NAG N . -13.17 -13.57 17.04
O6 NAG N . -14.59 -16.19 17.42
O7 NAG N . -10.61 -9.84 19.44
H1 NAG N . -11.22 -13.64 16.82
H2 NAG N . -12.33 -11.28 17.95
H3 NAG N . -10.99 -13.32 19.38
H4 NAG N . -13.77 -12.79 19.48
H5 NAG N . -12.54 -15.02 18.24
H61 NAG N . -14.81 -15.30 19.16
H62 NAG N . -15.27 -14.42 17.92
H81 NAG N . -7.88 -10.33 18.77
H82 NAG N . -8.48 -8.87 18.50
H83 NAG N . -8.35 -9.92 17.30
HN2 NAG N . -9.78 -11.68 17.17
HO3 NAG N . -12.04 -10.98 20.14
HO4 NAG N . -13.17 -13.67 21.33
HO6 NAG N . -15.42 -16.40 17.20
C1 NAG O . 22.69 -25.13 25.85
C2 NAG O . 21.86 -23.96 25.35
C3 NAG O . 21.67 -22.95 26.47
C4 NAG O . 21.13 -23.62 27.72
C5 NAG O . 21.96 -24.85 28.08
C6 NAG O . 21.38 -25.65 29.22
C7 NAG O . 21.94 -22.33 23.52
C8 NAG O . 22.74 -21.81 22.35
N2 NAG O . 22.49 -23.34 24.20
O3 NAG O . 20.77 -21.92 26.05
O4 NAG O . 21.15 -22.71 28.81
O5 NAG O . 22.04 -25.73 26.96
O6 NAG O . 20.15 -26.25 28.86
O7 NAG O . 20.86 -21.85 23.83
H1 NAG O . 23.56 -24.81 26.14
H2 NAG O . 20.99 -24.29 25.10
H3 NAG O . 22.54 -22.54 26.68
H4 NAG O . 20.21 -23.90 27.56
H5 NAG O . 22.86 -24.56 28.33
H61 NAG O . 22.01 -26.34 29.48
H62 NAG O . 21.23 -25.05 29.98
H81 NAG O . 23.60 -21.50 22.66
H82 NAG O . 22.85 -22.54 21.70
H83 NAG O . 22.25 -21.07 21.93
HN2 NAG O . 23.30 -23.65 23.93
HO3 NAG O . 20.18 -22.27 25.49
HO4 NAG O . 21.10 -21.87 28.51
HO6 NAG O . 19.74 -26.56 29.59
C1 NAG P . 5.61 -25.65 31.54
C2 NAG P . 5.39 -24.45 32.45
C3 NAG P . 4.31 -24.77 33.49
C4 NAG P . 3.06 -25.28 32.80
C5 NAG P . 3.39 -26.44 31.87
C6 NAG P . 2.21 -26.92 31.07
C7 NAG P . 7.49 -23.19 32.57
C8 NAG P . 8.72 -22.90 33.38
N2 NAG P . 6.63 -24.05 33.11
O3 NAG P . 4.02 -23.60 34.24
O4 NAG P . 2.13 -25.74 33.78
O5 NAG P . 4.38 -26.02 30.92
O6 NAG P . 2.46 -28.20 30.50
O7 NAG P . 7.29 -22.65 31.49
H1 NAG P . 5.95 -26.40 32.07
H2 NAG P . 5.07 -23.70 31.91
H3 NAG P . 4.66 -25.46 34.09
H4 NAG P . 2.66 -24.57 32.29
H5 NAG P . 3.75 -27.18 32.39
H61 NAG P . 1.44 -26.98 31.66
H62 NAG P . 2.02 -26.28 30.36
H81 NAG P . 8.46 -22.53 34.25
H82 NAG P . 9.23 -23.72 33.51
H83 NAG P . 9.28 -22.25 32.91
HN2 NAG P . 6.83 -24.42 33.92
HO3 NAG P . 4.78 -23.25 34.55
HO4 NAG P . 2.04 -25.12 34.42
HO6 NAG P . 1.69 -28.59 30.27
C1 NAG Q . -6.64 42.56 50.22
C2 NAG Q . -5.88 43.22 51.37
C3 NAG Q . -6.57 44.52 51.78
C4 NAG Q . -6.74 45.43 50.57
C5 NAG Q . -7.46 44.68 49.45
C6 NAG Q . -7.57 45.48 48.17
C7 NAG Q . -4.76 41.47 52.68
C8 NAG Q . -4.81 40.62 53.91
N2 NAG Q . -5.78 42.32 52.50
O3 NAG Q . -5.78 45.17 52.77
O4 NAG Q . -7.51 46.57 50.92
O5 NAG Q . -6.73 43.48 49.12
O6 NAG Q . -8.09 44.71 47.11
O7 NAG Q . -3.84 41.39 51.88
H1 NAG Q . -7.54 42.33 50.52
H2 NAG Q . -4.98 43.43 51.06
H3 NAG Q . -7.45 44.31 52.15
H4 NAG Q . -5.87 45.71 50.26
H5 NAG Q . -8.36 44.44 49.75
H61 NAG Q . -8.15 46.25 48.33
H62 NAG Q . -6.67 45.81 47.92
H81 NAG Q . -4.81 41.19 54.71
H82 NAG Q . -5.63 40.09 53.90
H83 NAG Q . -4.05 40.02 53.93
HN2 NAG Q . -6.44 42.33 53.13
HO3 NAG Q . -5.74 44.66 53.49
HO4 NAG Q . -7.22 46.90 51.70
HO6 NAG Q . -7.57 44.00 46.98
C1 NAG R . -22.67 -28.90 -51.03
C2 NAG R . -23.54 -29.98 -51.70
C3 NAG R . -24.99 -29.51 -51.76
C4 NAG R . -25.48 -29.10 -50.38
C5 NAG R . -24.53 -28.06 -49.79
C6 NAG R . -24.91 -27.68 -48.37
C7 NAG R . -22.09 -31.23 -53.24
C8 NAG R . -21.71 -31.43 -54.68
N2 NAG R . -23.04 -30.30 -53.02
O3 NAG R . -25.79 -30.56 -52.28
O4 NAG R . -26.78 -28.54 -50.48
O5 NAG R . -23.20 -28.58 -49.74
O6 NAG R . -24.30 -26.45 -47.99
O7 NAG R . -21.58 -31.86 -52.33
H1 NAG R . -22.66 -28.10 -51.59
H2 NAG R . -23.50 -30.78 -51.14
H3 NAG R . -25.04 -28.75 -52.37
H4 NAG R . -25.50 -29.88 -49.81
H5 NAG R . -24.55 -27.26 -50.35
H61 NAG R . -25.88 -27.58 -48.32
H62 NAG R . -24.63 -28.39 -47.76
H81 NAG R . -22.48 -31.78 -55.17
H82 NAG R . -20.97 -32.07 -54.73
H83 NAG R . -21.42 -30.59 -55.07
HN2 NAG R . -23.39 -29.86 -53.74
HO3 NAG R . -26.61 -30.52 -51.91
HO4 NAG R . -26.93 -28.26 -51.31
HO6 NAG R . -24.61 -26.20 -47.20
C1 NAG S . 6.02 37.82 -7.20
C2 NAG S . 5.10 39.03 -7.10
C3 NAG S . 5.26 39.94 -8.32
C4 NAG S . 6.71 40.31 -8.52
C5 NAG S . 7.56 39.04 -8.62
C6 NAG S . 9.04 39.33 -8.71
C7 NAG S . 3.18 38.26 -5.79
C8 NAG S . 1.74 37.87 -5.82
N2 NAG S . 3.72 38.63 -6.96
O3 NAG S . 4.48 41.12 -8.14
O4 NAG S . 6.87 41.07 -9.72
O5 NAG S . 7.37 38.26 -7.44
O6 NAG S . 9.81 38.17 -8.43
O7 NAG S . 3.84 38.24 -4.75
H1 NAG S . 5.74 37.26 -7.96
H2 NAG S . 5.35 39.55 -6.31
H3 NAG S . 4.94 39.47 -9.11
H4 NAG S . 7.02 40.85 -7.77
H5 NAG S . 7.28 38.53 -9.40
H61 NAG S . 9.27 40.03 -8.08
H62 NAG S . 9.25 39.63 -9.61
H81 NAG S . 1.21 38.63 -6.13
H82 NAG S . 1.45 37.62 -4.92
H83 NAG S . 1.61 37.11 -6.42
HN2 NAG S . 3.18 38.63 -7.69
HO3 NAG S . 3.63 40.89 -8.00
HO4 NAG S . 6.63 41.91 -9.57
HO6 NAG S . 9.42 37.71 -7.78
C1 NAG T . 12.08 35.29 4.49
C2 NAG T . 11.25 36.55 4.28
C3 NAG T . 11.64 37.60 5.32
C4 NAG T . 11.57 37.01 6.72
C5 NAG T . 12.36 35.71 6.79
C6 NAG T . 12.23 35.00 8.13
C7 NAG T . 10.94 38.24 2.52
C8 NAG T . 11.24 38.62 1.11
N2 NAG T . 11.45 37.08 2.94
O3 NAG T . 10.78 38.72 5.23
O4 NAG T . 12.10 37.93 7.66
O5 NAG T . 11.87 34.80 5.80
O6 NAG T . 13.04 33.83 8.17
O7 NAG T . 10.27 38.95 3.26
H1 NAG T . 13.02 35.49 4.36
H2 NAG T . 10.31 36.34 4.40
H3 NAG T . 12.56 37.89 5.15
H4 NAG T . 10.64 36.83 6.95
H5 NAG T . 13.30 35.89 6.62
H61 NAG T . 12.51 35.61 8.84
H62 NAG T . 11.29 34.75 8.26
H81 NAG T . 12.19 38.79 1.01
H82 NAG T . 10.98 37.88 0.52
H83 NAG T . 10.72 39.42 0.87
HN2 NAG T . 11.95 36.58 2.35
HO3 NAG T . 9.94 38.44 5.20
HO4 NAG T . 11.70 38.71 7.58
HO6 NAG T . 13.32 33.70 9.00
C1 NAG U . 9.43 14.29 -17.43
C2 NAG U . 8.24 13.49 -17.92
C3 NAG U . 8.61 12.01 -18.05
C4 NAG U . 9.83 11.86 -18.94
C5 NAG U . 10.97 12.73 -18.41
C6 NAG U . 12.18 12.72 -19.31
C7 NAG U . 6.07 14.45 -17.29
C8 NAG U . 4.99 14.49 -16.26
N2 NAG U . 7.11 13.65 -17.01
O3 NAG U . 7.50 11.31 -18.62
O4 NAG U . 10.25 10.50 -18.96
O5 NAG U . 10.53 14.09 -18.32
O6 NAG U . 13.17 13.62 -18.86
O7 NAG U . 6.00 15.09 -18.33
H1 NAG U . 9.69 13.97 -16.55
H2 NAG U . 7.99 13.82 -18.81
H3 NAG U . 8.80 11.65 -17.17
H4 NAG U . 9.61 12.13 -19.85
H5 NAG U . 11.23 12.41 -17.53
H61 NAG U . 11.91 12.98 -20.22
H62 NAG U . 12.56 11.81 -19.34
H81 NAG U . 4.25 15.04 -16.57
H82 NAG U . 4.67 13.58 -16.08
H83 NAG U . 5.35 14.87 -15.43
HN2 NAG U . 7.10 13.19 -16.23
HO3 NAG U . 6.88 11.19 -17.99
HO4 NAG U . 9.53 9.97 -19.05
HO6 NAG U . 13.68 13.87 -19.54
C1 NAG V . 18.28 19.61 -11.13
C2 NAG V . 18.16 19.65 -12.65
C3 NAG V . 19.29 20.49 -13.24
C4 NAG V . 19.31 21.87 -12.61
C5 NAG V . 19.35 21.75 -11.09
C6 NAG V . 19.22 23.09 -10.39
C7 NAG V . 17.32 17.88 -14.13
C8 NAG V . 17.50 16.47 -14.60
N2 NAG V . 18.19 18.30 -13.21
O3 NAG V . 19.11 20.61 -14.65
O4 NAG V . 20.44 22.59 -13.05
O5 NAG V . 18.27 20.94 -10.62
O6 NAG V . 19.01 22.91 -8.99
O7 NAG V . 16.43 18.60 -14.57
H1 NAG V . 19.14 19.20 -10.90
H2 NAG V . 17.32 20.07 -12.88
H3 NAG V . 20.14 20.05 -13.07
H4 NAG V . 18.50 22.36 -12.87
H5 NAG V . 20.19 21.34 -10.83
H61 NAG V . 20.04 23.60 -10.52
H62 NAG V . 18.47 23.58 -10.77
H81 NAG V . 18.28 16.41 -15.18
H82 NAG V . 17.62 15.89 -13.82
H83 NAG V . 16.71 16.18 -15.09
HN2 NAG V . 18.83 17.73 -12.92
HO3 NAG V . 19.51 19.93 -15.06
HO4 NAG V . 20.78 22.20 -13.77
HO6 NAG V . 18.83 23.71 -8.62
C1 NAG W . 46.63 -5.53 -11.30
C2 NAG W . 45.44 -6.02 -12.11
C3 NAG W . 45.71 -5.86 -13.60
C4 NAG W . 46.10 -4.42 -13.91
C5 NAG W . 47.24 -3.98 -13.00
C6 NAG W . 47.61 -2.52 -13.16
C7 NAG W . 44.15 -7.78 -10.98
C8 NAG W . 43.99 -9.25 -10.75
N2 NAG W . 45.14 -7.41 -11.79
O3 NAG W . 44.53 -6.20 -14.33
O4 NAG W . 46.51 -4.30 -15.27
O5 NAG W . 46.89 -4.17 -11.62
O6 NAG W . 49.00 -2.31 -13.02
O7 NAG W . 43.41 -6.95 -10.44
H1 NAG W . 47.42 -6.07 -11.53
H2 NAG W . 44.67 -5.48 -11.88
H3 NAG W . 46.43 -6.45 -13.86
H4 NAG W . 45.33 -3.84 -13.75
H5 NAG W . 48.03 -4.53 -13.20
H61 NAG W . 47.14 -2.00 -12.49
H62 NAG W . 47.33 -2.22 -14.05
H81 NAG W . 43.82 -9.69 -11.61
H82 NAG W . 43.24 -9.41 -10.16
H83 NAG W . 44.80 -9.60 -10.36
HN2 NAG W . 45.67 -8.05 -12.17
HO3 NAG W . 43.84 -5.77 -13.99
HO4 NAG W . 46.01 -4.84 -15.76
HO6 NAG W . 49.25 -1.58 -13.45
C1 NAG X . 40.66 8.84 -17.27
C2 NAG X . 40.71 10.28 -16.76
C3 NAG X . 41.76 11.07 -17.52
C4 NAG X . 43.10 10.36 -17.47
C5 NAG X . 42.97 8.91 -17.92
C6 NAG X . 44.24 8.12 -17.76
C7 NAG X . 38.99 11.88 -16.06
C8 NAG X . 37.62 12.41 -16.32
N2 NAG X . 39.41 10.90 -16.88
O3 NAG X . 41.87 12.37 -16.96
O4 NAG X . 44.04 11.02 -18.32
O5 NAG X . 41.96 8.25 -17.14
O6 NAG X . 44.15 6.86 -18.43
O7 NAG X . 39.69 12.31 -15.15
H1 NAG X . 40.41 8.84 -18.21
H2 NAG X . 40.97 10.27 -15.82
H3 NAG X . 41.48 11.15 -18.46
H4 NAG X . 43.44 10.38 -16.55
H5 NAG X . 42.69 8.89 -18.86
H61 NAG X . 44.99 8.62 -18.13
H62 NAG X . 44.39 7.96 -16.82
H81 NAG X . 36.96 11.69 -16.21
H82 NAG X . 37.56 12.76 -17.23
H83 NAG X . 37.41 13.12 -15.69
HN2 NAG X . 38.85 10.62 -17.54
HO3 NAG X . 41.59 12.36 -16.11
HO4 NAG X . 43.99 11.90 -18.19
HO6 NAG X . 44.95 6.66 -18.77
C1 NAG Y . -20.12 -37.27 -38.29
C2 NAG Y . -20.72 -35.91 -37.95
C3 NAG Y . -22.17 -35.83 -38.42
C4 NAG Y . -22.27 -36.20 -39.89
C5 NAG Y . -21.60 -37.55 -40.15
C6 NAG Y . -21.57 -37.93 -41.61
C7 NAG Y . -19.57 -35.08 -35.94
C8 NAG Y . -19.65 -34.89 -34.45
N2 NAG Y . -20.64 -35.65 -36.52
O3 NAG Y . -22.67 -34.52 -38.21
O4 NAG Y . -23.63 -36.27 -40.28
O5 NAG Y . -20.24 -37.50 -39.70
O6 NAG Y . -21.13 -39.27 -41.78
O7 NAG Y . -18.58 -34.74 -36.59
H1 NAG Y . -20.60 -37.97 -37.80
H2 NAG Y . -20.22 -35.22 -38.42
H3 NAG Y . -22.70 -36.47 -37.90
H4 NAG Y . -21.82 -35.52 -40.42
H5 NAG Y . -22.08 -38.24 -39.65
H61 NAG Y . -20.97 -37.33 -42.09
H62 NAG Y . -22.46 -37.84 -41.97
H81 NAG Y . -20.42 -34.33 -34.24
H82 NAG Y . -19.75 -35.75 -34.02
H83 NAG Y . -18.83 -34.45 -34.14
HN2 NAG Y . -21.34 -35.87 -35.99
HO3 NAG Y . -22.93 -34.44 -37.36
HO4 NAG Y . -24.11 -35.70 -39.81
HO6 NAG Y . -21.32 -39.54 -42.60
C1 NAG Z . -4.53 29.42 -28.06
C2 NAG Z . -3.15 28.77 -28.23
C3 NAG Z . -2.05 29.82 -28.09
C4 NAG Z . -2.29 30.99 -29.04
C5 NAG Z . -3.70 31.54 -28.83
C6 NAG Z . -4.06 32.63 -29.81
C7 NAG Z . -3.18 26.41 -27.55
C8 NAG Z . -2.93 25.44 -26.45
N2 NAG Z . -2.96 27.70 -27.27
O3 NAG Z . -0.79 29.22 -28.38
O4 NAG Z . -1.35 32.02 -28.79
O5 NAG Z . -4.67 30.49 -29.00
O6 NAG Z . -5.40 33.06 -29.64
O7 NAG Z . -3.56 26.05 -28.66
H1 NAG Z . -4.60 29.78 -27.16
H2 NAG Z . -3.10 28.40 -29.13
H3 NAG Z . -2.04 30.15 -27.18
H4 NAG Z . -2.20 30.68 -29.96
H5 NAG Z . -3.77 31.90 -27.92
H61 NAG Z . -3.47 33.39 -29.67
H62 NAG Z . -3.94 32.30 -30.72
H81 NAG Z . -1.97 25.39 -26.27
H82 NAG Z . -3.39 25.75 -25.64
H83 NAG Z . -3.26 24.57 -26.70
HN2 NAG Z . -2.68 27.92 -26.43
HO3 NAG Z . -0.54 28.71 -27.70
HO4 NAG Z . -0.55 31.66 -28.65
HO6 NAG Z . -5.94 32.35 -29.57
C1 NAG AA . 0.77 49.87 -3.23
C2 NAG AA . 2.29 50.06 -3.27
C3 NAG AA . 2.64 51.25 -4.17
C4 NAG AA . 1.98 51.10 -5.53
C5 NAG AA . 0.48 50.90 -5.38
C6 NAG AA . -0.22 50.65 -6.69
C7 NAG AA . 3.16 49.23 -1.14
C8 NAG AA . 3.72 49.60 0.20
N2 NAG AA . 2.83 50.24 -1.95
O3 NAG AA . 4.05 51.33 -4.31
O4 NAG AA . 2.21 52.28 -6.31
O5 NAG AA . 0.24 49.75 -4.55
O6 NAG AA . -1.60 50.38 -6.49
O7 NAG AA . 3.01 48.05 -1.47
H1 NAG AA . 0.36 50.64 -2.78
H2 NAG AA . 2.68 49.26 -3.67
H3 NAG AA . 2.31 52.07 -3.74
H4 NAG AA . 2.36 50.34 -6.00
H5 NAG AA . 0.09 51.68 -4.95
H61 NAG AA . -0.13 51.43 -7.26
H62 NAG AA . 0.19 49.88 -7.13
H81 NAG AA . 3.89 48.80 0.71
H82 NAG AA . 4.54 50.11 0.08
H83 NAG AA . 3.07 50.16 0.68
HN2 NAG AA . 2.97 51.10 -1.65
HO3 NAG AA . 4.42 51.42 -3.51
HO4 NAG AA . 3.08 52.36 -6.48
HO6 NAG AA . -1.71 49.91 -5.75
#